data_1QW2
# 
_entry.id   1QW2 
# 
_audit_conform.dict_name       mmcif_pdbx.dic 
_audit_conform.dict_version    5.397 
_audit_conform.dict_location   http://mmcif.pdb.org/dictionaries/ascii/mmcif_pdbx.dic 
# 
loop_
_database_2.database_id 
_database_2.database_code 
_database_2.pdbx_database_accession 
_database_2.pdbx_DOI 
PDB   1QW2         pdb_00001qw2 10.2210/pdb1qw2/pdb 
RCSB  RCSB020138   ?            ?                   
WWPDB D_1000020138 ?            ?                   
# 
loop_
_pdbx_audit_revision_history.ordinal 
_pdbx_audit_revision_history.data_content_type 
_pdbx_audit_revision_history.major_revision 
_pdbx_audit_revision_history.minor_revision 
_pdbx_audit_revision_history.revision_date 
1 'Structure model' 1 0 2004-03-09 
2 'Structure model' 1 1 2008-04-29 
3 'Structure model' 1 2 2011-07-13 
4 'Structure model' 1 3 2024-10-30 
# 
_pdbx_audit_revision_details.ordinal             1 
_pdbx_audit_revision_details.revision_ordinal    1 
_pdbx_audit_revision_details.data_content_type   'Structure model' 
_pdbx_audit_revision_details.provider            repository 
_pdbx_audit_revision_details.type                'Initial release' 
_pdbx_audit_revision_details.description         ? 
_pdbx_audit_revision_details.details             ? 
# 
loop_
_pdbx_audit_revision_group.ordinal 
_pdbx_audit_revision_group.revision_ordinal 
_pdbx_audit_revision_group.data_content_type 
_pdbx_audit_revision_group.group 
1 2 'Structure model' 'Version format compliance' 
2 3 'Structure model' 'Derived calculations'      
3 3 'Structure model' 'Version format compliance' 
4 4 'Structure model' 'Data collection'           
5 4 'Structure model' 'Database references'       
6 4 'Structure model' 'Derived calculations'      
7 4 'Structure model' 'Structure summary'         
# 
loop_
_pdbx_audit_revision_category.ordinal 
_pdbx_audit_revision_category.revision_ordinal 
_pdbx_audit_revision_category.data_content_type 
_pdbx_audit_revision_category.category 
1 4 'Structure model' chem_comp_atom            
2 4 'Structure model' chem_comp_bond            
3 4 'Structure model' database_2                
4 4 'Structure model' pdbx_entry_details        
5 4 'Structure model' pdbx_modification_feature 
6 4 'Structure model' struct_conn               
7 4 'Structure model' struct_ref_seq_dif        
# 
loop_
_pdbx_audit_revision_item.ordinal 
_pdbx_audit_revision_item.revision_ordinal 
_pdbx_audit_revision_item.data_content_type 
_pdbx_audit_revision_item.item 
1 4 'Structure model' '_database_2.pdbx_DOI'                
2 4 'Structure model' '_database_2.pdbx_database_accession' 
3 4 'Structure model' '_struct_conn.pdbx_leaving_atom_flag' 
4 4 'Structure model' '_struct_ref_seq_dif.details'         
# 
_pdbx_database_status.status_code                     REL 
_pdbx_database_status.entry_id                        1QW2 
_pdbx_database_status.recvd_initial_deposition_date   2003-08-30 
_pdbx_database_status.deposit_site                    RCSB 
_pdbx_database_status.process_site                    RCSB 
_pdbx_database_status.SG_entry                        Y 
_pdbx_database_status.pdb_format_compatible           Y 
_pdbx_database_status.status_code_mr                  ? 
_pdbx_database_status.status_code_sf                  ? 
_pdbx_database_status.status_code_cs                  ? 
_pdbx_database_status.status_code_nmr_data            ? 
_pdbx_database_status.methods_development_category    ? 
# 
_pdbx_database_related.db_name        TargetDB 
_pdbx_database_related.db_id          APC40000 
_pdbx_database_related.details        . 
_pdbx_database_related.content_type   unspecified 
# 
loop_
_audit_author.name 
_audit_author.pdbx_ordinal 
'Savchenko, A.'                                 1 
'Evdokimova, E.'                                2 
'Kudrytska, M.'                                 3 
'Edwards, A.E.'                                 4 
'Christendat, D.'                               5 
'Midwest Center for Structural Genomics (MCSG)' 6 
# 
_citation.id                        primary 
_citation.title                     
;Crystal Structure of a Hypothetical Protein "TA1206" from Thermoplasma acidophilum
;
_citation.journal_abbrev            'To be Published' 
_citation.journal_volume            ? 
_citation.page_first                ? 
_citation.page_last                 ? 
_citation.year                      ? 
_citation.journal_id_ASTM           ? 
_citation.country                   ? 
_citation.journal_id_ISSN           ? 
_citation.journal_id_CSD            0353 
_citation.book_publisher            ? 
_citation.pdbx_database_id_PubMed   ? 
_citation.pdbx_database_id_DOI      ? 
# 
loop_
_citation_author.citation_id 
_citation_author.name 
_citation_author.ordinal 
_citation_author.identifier_ORCID 
primary 'Savchenko, A.'   1 ? 
primary 'Evdokimova, E.'  2 ? 
primary 'Kudrytska, M.'   3 ? 
primary 'Edwards, A.E.'   4 ? 
primary 'Christendat, D.' 5 ? 
# 
loop_
_entity.id 
_entity.type 
_entity.src_method 
_entity.pdbx_description 
_entity.formula_weight 
_entity.pdbx_number_of_molecules 
_entity.pdbx_ec 
_entity.pdbx_mutation 
_entity.pdbx_fragment 
_entity.details 
1 polymer man 'conserved hypothetical protein TA1206' 11365.349 1  ? ? ? ? 
2 water   nat water                                   18.015    68 ? ? ? ? 
# 
_entity_poly.entity_id                      1 
_entity_poly.type                           'polypeptide(L)' 
_entity_poly.nstd_linkage                   no 
_entity_poly.nstd_monomer                   yes 
_entity_poly.pdbx_seq_one_letter_code       
;NYFQGHM(MSE)QIDSIEIGGKVYQFFKSDLGNAPLLFIKGSKGYA(MSE)CGYLN(MSE)ETSNKVGDIAVRV(MSE)G
VKTLDD(MSE)LSAKVVEASQEAQKVGINPGDVLRNVIDKLG
;
_entity_poly.pdbx_seq_one_letter_code_can   
;NYFQGHMMQIDSIEIGGKVYQFFKSDLGNAPLLFIKGSKGYAMCGYLNMETSNKVGDIAVRVMGVKTLDDMLSAKVVEAS
QEAQKVGINPGDVLRNVIDKLG
;
_entity_poly.pdbx_strand_id                 A 
_entity_poly.pdbx_target_identifier         APC40000 
# 
_pdbx_entity_nonpoly.entity_id   2 
_pdbx_entity_nonpoly.name        water 
_pdbx_entity_nonpoly.comp_id     HOH 
# 
loop_
_entity_poly_seq.entity_id 
_entity_poly_seq.num 
_entity_poly_seq.mon_id 
_entity_poly_seq.hetero 
1 1   ASN n 
1 2   TYR n 
1 3   PHE n 
1 4   GLN n 
1 5   GLY n 
1 6   HIS n 
1 7   MET n 
1 8   MSE n 
1 9   GLN n 
1 10  ILE n 
1 11  ASP n 
1 12  SER n 
1 13  ILE n 
1 14  GLU n 
1 15  ILE n 
1 16  GLY n 
1 17  GLY n 
1 18  LYS n 
1 19  VAL n 
1 20  TYR n 
1 21  GLN n 
1 22  PHE n 
1 23  PHE n 
1 24  LYS n 
1 25  SER n 
1 26  ASP n 
1 27  LEU n 
1 28  GLY n 
1 29  ASN n 
1 30  ALA n 
1 31  PRO n 
1 32  LEU n 
1 33  LEU n 
1 34  PHE n 
1 35  ILE n 
1 36  LYS n 
1 37  GLY n 
1 38  SER n 
1 39  LYS n 
1 40  GLY n 
1 41  TYR n 
1 42  ALA n 
1 43  MSE n 
1 44  CYS n 
1 45  GLY n 
1 46  TYR n 
1 47  LEU n 
1 48  ASN n 
1 49  MSE n 
1 50  GLU n 
1 51  THR n 
1 52  SER n 
1 53  ASN n 
1 54  LYS n 
1 55  VAL n 
1 56  GLY n 
1 57  ASP n 
1 58  ILE n 
1 59  ALA n 
1 60  VAL n 
1 61  ARG n 
1 62  VAL n 
1 63  MSE n 
1 64  GLY n 
1 65  VAL n 
1 66  LYS n 
1 67  THR n 
1 68  LEU n 
1 69  ASP n 
1 70  ASP n 
1 71  MSE n 
1 72  LEU n 
1 73  SER n 
1 74  ALA n 
1 75  LYS n 
1 76  VAL n 
1 77  VAL n 
1 78  GLU n 
1 79  ALA n 
1 80  SER n 
1 81  GLN n 
1 82  GLU n 
1 83  ALA n 
1 84  GLN n 
1 85  LYS n 
1 86  VAL n 
1 87  GLY n 
1 88  ILE n 
1 89  ASN n 
1 90  PRO n 
1 91  GLY n 
1 92  ASP n 
1 93  VAL n 
1 94  LEU n 
1 95  ARG n 
1 96  ASN n 
1 97  VAL n 
1 98  ILE n 
1 99  ASP n 
1 100 LYS n 
1 101 LEU n 
1 102 GLY n 
# 
_entity_src_gen.entity_id                          1 
_entity_src_gen.pdbx_src_id                        1 
_entity_src_gen.pdbx_alt_source_flag               sample 
_entity_src_gen.pdbx_seq_type                      ? 
_entity_src_gen.pdbx_beg_seq_num                   ? 
_entity_src_gen.pdbx_end_seq_num                   ? 
_entity_src_gen.gene_src_common_name               ? 
_entity_src_gen.gene_src_genus                     Thermoplasma 
_entity_src_gen.pdbx_gene_src_gene                 TA1206 
_entity_src_gen.gene_src_species                   ? 
_entity_src_gen.gene_src_strain                    ? 
_entity_src_gen.gene_src_tissue                    ? 
_entity_src_gen.gene_src_tissue_fraction           ? 
_entity_src_gen.gene_src_details                   ? 
_entity_src_gen.pdbx_gene_src_fragment             ? 
_entity_src_gen.pdbx_gene_src_scientific_name      'Thermoplasma acidophilum' 
_entity_src_gen.pdbx_gene_src_ncbi_taxonomy_id     2303 
_entity_src_gen.pdbx_gene_src_variant              ? 
_entity_src_gen.pdbx_gene_src_cell_line            ? 
_entity_src_gen.pdbx_gene_src_atcc                 ? 
_entity_src_gen.pdbx_gene_src_organ                ? 
_entity_src_gen.pdbx_gene_src_organelle            ? 
_entity_src_gen.pdbx_gene_src_cell                 ? 
_entity_src_gen.pdbx_gene_src_cellular_location    ? 
_entity_src_gen.host_org_common_name               ? 
_entity_src_gen.pdbx_host_org_scientific_name      'Escherichia coli BL21(DE3)' 
_entity_src_gen.pdbx_host_org_ncbi_taxonomy_id     469008 
_entity_src_gen.host_org_genus                     Escherichia 
_entity_src_gen.pdbx_host_org_gene                 ? 
_entity_src_gen.pdbx_host_org_organ                ? 
_entity_src_gen.host_org_species                   'Escherichia coli' 
_entity_src_gen.pdbx_host_org_tissue               ? 
_entity_src_gen.pdbx_host_org_tissue_fraction      ? 
_entity_src_gen.pdbx_host_org_strain               BL21-DE3 
_entity_src_gen.pdbx_host_org_variant              ? 
_entity_src_gen.pdbx_host_org_cell_line            ? 
_entity_src_gen.pdbx_host_org_atcc                 ? 
_entity_src_gen.pdbx_host_org_culture_collection   ? 
_entity_src_gen.pdbx_host_org_cell                 ? 
_entity_src_gen.pdbx_host_org_organelle            ? 
_entity_src_gen.pdbx_host_org_cellular_location    ? 
_entity_src_gen.pdbx_host_org_vector_type          pET15b 
_entity_src_gen.pdbx_host_org_vector               ? 
_entity_src_gen.host_org_details                   ? 
_entity_src_gen.expression_system_id               ? 
_entity_src_gen.plasmid_name                       ? 
_entity_src_gen.plasmid_details                    ? 
_entity_src_gen.pdbx_description                   ? 
# 
loop_
_chem_comp.id 
_chem_comp.type 
_chem_comp.mon_nstd_flag 
_chem_comp.name 
_chem_comp.pdbx_synonyms 
_chem_comp.formula 
_chem_comp.formula_weight 
ALA 'L-peptide linking' y ALANINE          ? 'C3 H7 N O2'     89.093  
ARG 'L-peptide linking' y ARGININE         ? 'C6 H15 N4 O2 1' 175.209 
ASN 'L-peptide linking' y ASPARAGINE       ? 'C4 H8 N2 O3'    132.118 
ASP 'L-peptide linking' y 'ASPARTIC ACID'  ? 'C4 H7 N O4'     133.103 
CYS 'L-peptide linking' y CYSTEINE         ? 'C3 H7 N O2 S'   121.158 
GLN 'L-peptide linking' y GLUTAMINE        ? 'C5 H10 N2 O3'   146.144 
GLU 'L-peptide linking' y 'GLUTAMIC ACID'  ? 'C5 H9 N O4'     147.129 
GLY 'peptide linking'   y GLYCINE          ? 'C2 H5 N O2'     75.067  
HIS 'L-peptide linking' y HISTIDINE        ? 'C6 H10 N3 O2 1' 156.162 
HOH non-polymer         . WATER            ? 'H2 O'           18.015  
ILE 'L-peptide linking' y ISOLEUCINE       ? 'C6 H13 N O2'    131.173 
LEU 'L-peptide linking' y LEUCINE          ? 'C6 H13 N O2'    131.173 
LYS 'L-peptide linking' y LYSINE           ? 'C6 H15 N2 O2 1' 147.195 
MET 'L-peptide linking' y METHIONINE       ? 'C5 H11 N O2 S'  149.211 
MSE 'L-peptide linking' n SELENOMETHIONINE ? 'C5 H11 N O2 Se' 196.106 
PHE 'L-peptide linking' y PHENYLALANINE    ? 'C9 H11 N O2'    165.189 
PRO 'L-peptide linking' y PROLINE          ? 'C5 H9 N O2'     115.130 
SER 'L-peptide linking' y SERINE           ? 'C3 H7 N O3'     105.093 
THR 'L-peptide linking' y THREONINE        ? 'C4 H9 N O3'     119.119 
TYR 'L-peptide linking' y TYROSINE         ? 'C9 H11 N O3'    181.189 
VAL 'L-peptide linking' y VALINE           ? 'C5 H11 N O2'    117.146 
# 
loop_
_pdbx_poly_seq_scheme.asym_id 
_pdbx_poly_seq_scheme.entity_id 
_pdbx_poly_seq_scheme.seq_id 
_pdbx_poly_seq_scheme.mon_id 
_pdbx_poly_seq_scheme.ndb_seq_num 
_pdbx_poly_seq_scheme.pdb_seq_num 
_pdbx_poly_seq_scheme.auth_seq_num 
_pdbx_poly_seq_scheme.pdb_mon_id 
_pdbx_poly_seq_scheme.auth_mon_id 
_pdbx_poly_seq_scheme.pdb_strand_id 
_pdbx_poly_seq_scheme.pdb_ins_code 
_pdbx_poly_seq_scheme.hetero 
A 1 1   ASN 1   14  14  ASN ASN A . n 
A 1 2   TYR 2   15  15  TYR TYR A . n 
A 1 3   PHE 3   16  16  PHE PHE A . n 
A 1 4   GLN 4   17  17  GLN GLN A . n 
A 1 5   GLY 5   18  18  GLY GLY A . n 
A 1 6   HIS 6   19  19  HIS HIS A . n 
A 1 7   MET 7   20  20  MET MET A . n 
A 1 8   MSE 8   21  21  MSE MSE A . n 
A 1 9   GLN 9   22  22  GLN GLN A . n 
A 1 10  ILE 10  23  23  ILE ILE A . n 
A 1 11  ASP 11  24  24  ASP ASP A . n 
A 1 12  SER 12  25  25  SER SER A . n 
A 1 13  ILE 13  26  26  ILE ILE A . n 
A 1 14  GLU 14  27  27  GLU GLU A . n 
A 1 15  ILE 15  28  28  ILE ILE A . n 
A 1 16  GLY 16  29  29  GLY GLY A . n 
A 1 17  GLY 17  30  30  GLY GLY A . n 
A 1 18  LYS 18  31  31  LYS LYS A . n 
A 1 19  VAL 19  32  32  VAL VAL A . n 
A 1 20  TYR 20  33  33  TYR TYR A . n 
A 1 21  GLN 21  34  34  GLN GLN A . n 
A 1 22  PHE 22  35  35  PHE PHE A . n 
A 1 23  PHE 23  36  36  PHE PHE A . n 
A 1 24  LYS 24  37  37  LYS LYS A . n 
A 1 25  SER 25  38  38  SER SER A . n 
A 1 26  ASP 26  39  39  ASP ASP A . n 
A 1 27  LEU 27  40  40  LEU LEU A . n 
A 1 28  GLY 28  41  41  GLY GLY A . n 
A 1 29  ASN 29  42  42  ASN ASN A . n 
A 1 30  ALA 30  43  43  ALA ALA A . n 
A 1 31  PRO 31  44  44  PRO PRO A . n 
A 1 32  LEU 32  45  45  LEU LEU A . n 
A 1 33  LEU 33  46  46  LEU LEU A . n 
A 1 34  PHE 34  47  47  PHE PHE A . n 
A 1 35  ILE 35  48  48  ILE ILE A . n 
A 1 36  LYS 36  49  49  LYS LYS A . n 
A 1 37  GLY 37  50  50  GLY GLY A . n 
A 1 38  SER 38  51  51  SER SER A . n 
A 1 39  LYS 39  52  52  LYS LYS A . n 
A 1 40  GLY 40  53  53  GLY GLY A . n 
A 1 41  TYR 41  54  54  TYR TYR A . n 
A 1 42  ALA 42  55  55  ALA ALA A . n 
A 1 43  MSE 43  56  56  MSE MSE A . n 
A 1 44  CYS 44  57  57  CYS CYS A . n 
A 1 45  GLY 45  58  58  GLY GLY A . n 
A 1 46  TYR 46  59  59  TYR TYR A . n 
A 1 47  LEU 47  60  60  LEU LEU A . n 
A 1 48  ASN 48  61  61  ASN ASN A . n 
A 1 49  MSE 49  62  62  MSE MSE A . n 
A 1 50  GLU 50  63  63  GLU GLU A . n 
A 1 51  THR 51  64  64  THR THR A . n 
A 1 52  SER 52  65  65  SER SER A . n 
A 1 53  ASN 53  66  66  ASN ASN A . n 
A 1 54  LYS 54  67  67  LYS LYS A . n 
A 1 55  VAL 55  68  68  VAL VAL A . n 
A 1 56  GLY 56  69  69  GLY GLY A . n 
A 1 57  ASP 57  70  70  ASP ASP A . n 
A 1 58  ILE 58  71  71  ILE ILE A . n 
A 1 59  ALA 59  72  72  ALA ALA A . n 
A 1 60  VAL 60  73  73  VAL VAL A . n 
A 1 61  ARG 61  74  74  ARG ARG A . n 
A 1 62  VAL 62  75  75  VAL VAL A . n 
A 1 63  MSE 63  76  76  MSE MSE A . n 
A 1 64  GLY 64  77  77  GLY GLY A . n 
A 1 65  VAL 65  78  78  VAL VAL A . n 
A 1 66  LYS 66  79  79  LYS LYS A . n 
A 1 67  THR 67  80  80  THR THR A . n 
A 1 68  LEU 68  81  81  LEU LEU A . n 
A 1 69  ASP 69  82  82  ASP ASP A . n 
A 1 70  ASP 70  83  83  ASP ASP A . n 
A 1 71  MSE 71  84  84  MSE MSE A . n 
A 1 72  LEU 72  85  85  LEU LEU A . n 
A 1 73  SER 73  86  86  SER SER A . n 
A 1 74  ALA 74  87  87  ALA ALA A . n 
A 1 75  LYS 75  88  88  LYS LYS A . n 
A 1 76  VAL 76  89  89  VAL VAL A . n 
A 1 77  VAL 77  90  90  VAL VAL A . n 
A 1 78  GLU 78  91  91  GLU GLU A . n 
A 1 79  ALA 79  92  92  ALA ALA A . n 
A 1 80  SER 80  93  93  SER SER A . n 
A 1 81  GLN 81  94  94  GLN GLN A . n 
A 1 82  GLU 82  95  95  GLU GLU A . n 
A 1 83  ALA 83  96  96  ALA ALA A . n 
A 1 84  GLN 84  97  97  GLN GLN A . n 
A 1 85  LYS 85  98  98  LYS LYS A . n 
A 1 86  VAL 86  99  99  VAL VAL A . n 
A 1 87  GLY 87  100 100 GLY GLY A . n 
A 1 88  ILE 88  101 101 ILE ILE A . n 
A 1 89  ASN 89  102 102 ASN ASN A . n 
A 1 90  PRO 90  103 103 PRO PRO A . n 
A 1 91  GLY 91  104 104 GLY GLY A . n 
A 1 92  ASP 92  105 105 ASP ASP A . n 
A 1 93  VAL 93  106 106 VAL VAL A . n 
A 1 94  LEU 94  107 107 LEU LEU A . n 
A 1 95  ARG 95  108 108 ARG ARG A . n 
A 1 96  ASN 96  109 109 ASN ASN A . n 
A 1 97  VAL 97  110 110 VAL VAL A . n 
A 1 98  ILE 98  111 111 ILE ILE A . n 
A 1 99  ASP 99  112 112 ASP ASP A . n 
A 1 100 LYS 100 113 113 LYS LYS A . n 
A 1 101 LEU 101 114 114 LEU LEU A . n 
A 1 102 GLY 102 115 115 GLY GLY A . n 
# 
loop_
_pdbx_nonpoly_scheme.asym_id 
_pdbx_nonpoly_scheme.entity_id 
_pdbx_nonpoly_scheme.mon_id 
_pdbx_nonpoly_scheme.ndb_seq_num 
_pdbx_nonpoly_scheme.pdb_seq_num 
_pdbx_nonpoly_scheme.auth_seq_num 
_pdbx_nonpoly_scheme.pdb_mon_id 
_pdbx_nonpoly_scheme.auth_mon_id 
_pdbx_nonpoly_scheme.pdb_strand_id 
_pdbx_nonpoly_scheme.pdb_ins_code 
B 2 HOH 1  116 1  HOH TIP A . 
B 2 HOH 2  117 2  HOH TIP A . 
B 2 HOH 3  118 3  HOH TIP A . 
B 2 HOH 4  119 4  HOH TIP A . 
B 2 HOH 5  120 5  HOH TIP A . 
B 2 HOH 6  121 6  HOH TIP A . 
B 2 HOH 7  122 7  HOH TIP A . 
B 2 HOH 8  123 8  HOH TIP A . 
B 2 HOH 9  124 9  HOH TIP A . 
B 2 HOH 10 125 10 HOH TIP A . 
B 2 HOH 11 126 11 HOH TIP A . 
B 2 HOH 12 127 12 HOH TIP A . 
B 2 HOH 13 128 13 HOH TIP A . 
B 2 HOH 14 129 14 HOH TIP A . 
B 2 HOH 15 130 81 HOH TIP A . 
B 2 HOH 16 131 82 HOH TIP A . 
B 2 HOH 17 132 15 HOH TIP A . 
B 2 HOH 18 133 16 HOH TIP A . 
B 2 HOH 19 134 17 HOH TIP A . 
B 2 HOH 20 135 18 HOH TIP A . 
B 2 HOH 21 136 20 HOH TIP A . 
B 2 HOH 22 137 22 HOH TIP A . 
B 2 HOH 23 138 80 HOH TIP A . 
B 2 HOH 24 139 23 HOH TIP A . 
B 2 HOH 25 140 25 HOH TIP A . 
B 2 HOH 26 141 26 HOH TIP A . 
B 2 HOH 27 142 27 HOH TIP A . 
B 2 HOH 28 143 28 HOH TIP A . 
B 2 HOH 29 144 83 HOH TIP A . 
B 2 HOH 30 145 29 HOH TIP A . 
B 2 HOH 31 146 30 HOH TIP A . 
B 2 HOH 32 147 31 HOH TIP A . 
B 2 HOH 33 148 32 HOH TIP A . 
B 2 HOH 34 149 33 HOH TIP A . 
B 2 HOH 35 150 34 HOH TIP A . 
B 2 HOH 36 151 35 HOH TIP A . 
B 2 HOH 37 152 36 HOH TIP A . 
B 2 HOH 38 153 37 HOH TIP A . 
B 2 HOH 39 154 39 HOH TIP A . 
B 2 HOH 40 155 40 HOH TIP A . 
B 2 HOH 41 156 41 HOH TIP A . 
B 2 HOH 42 157 42 HOH TIP A . 
B 2 HOH 43 158 44 HOH TIP A . 
B 2 HOH 44 159 45 HOH TIP A . 
B 2 HOH 45 160 46 HOH TIP A . 
B 2 HOH 46 161 47 HOH TIP A . 
B 2 HOH 47 162 48 HOH TIP A . 
B 2 HOH 48 163 49 HOH TIP A . 
B 2 HOH 49 164 52 HOH TIP A . 
B 2 HOH 50 165 53 HOH TIP A . 
B 2 HOH 51 166 54 HOH TIP A . 
B 2 HOH 52 167 56 HOH TIP A . 
B 2 HOH 53 168 57 HOH TIP A . 
B 2 HOH 54 169 58 HOH TIP A . 
B 2 HOH 55 170 60 HOH TIP A . 
B 2 HOH 56 171 61 HOH TIP A . 
B 2 HOH 57 172 63 HOH TIP A . 
B 2 HOH 58 173 66 HOH TIP A . 
B 2 HOH 59 174 67 HOH TIP A . 
B 2 HOH 60 175 84 HOH TIP A . 
B 2 HOH 61 176 68 HOH TIP A . 
B 2 HOH 62 177 69 HOH TIP A . 
B 2 HOH 63 178 72 HOH TIP A . 
B 2 HOH 64 179 73 HOH TIP A . 
B 2 HOH 65 180 74 HOH TIP A . 
B 2 HOH 66 181 75 HOH TIP A . 
B 2 HOH 67 182 76 HOH TIP A . 
B 2 HOH 68 183 77 HOH TIP A . 
# 
loop_
_software.name 
_software.classification 
_software.version 
_software.citation_id 
_software.pdbx_ordinal 
CNS       refinement       1.1 ? 1 
HKL-2000  'data reduction' .   ? 2 
SCALEPACK 'data scaling'   .   ? 3 
SOLVE     phasing          .   ? 4 
# 
_cell.entry_id           1QW2 
_cell.length_a           35.642 
_cell.length_b           48.060 
_cell.length_c           110.382 
_cell.angle_alpha        90.00 
_cell.angle_beta         90.00 
_cell.angle_gamma        90.00 
_cell.Z_PDB              8 
_cell.pdbx_unique_axis   ? 
# 
_symmetry.entry_id                         1QW2 
_symmetry.space_group_name_H-M             'I 2 2 2' 
_symmetry.pdbx_full_space_group_name_H-M   ? 
_symmetry.cell_setting                     ? 
_symmetry.Int_Tables_number                23 
# 
_exptl.entry_id          1QW2 
_exptl.method            'X-RAY DIFFRACTION' 
_exptl.crystals_number   1 
# 
_exptl_crystal.id                    1 
_exptl_crystal.density_meas          ? 
_exptl_crystal.density_Matthews      2.08 
_exptl_crystal.density_percent_sol   40.84 
_exptl_crystal.description           ? 
# 
_exptl_crystal_grow.crystal_id      1 
_exptl_crystal_grow.method          'VAPOR DIFFUSION, HANGING DROP' 
_exptl_crystal_grow.temp            298 
_exptl_crystal_grow.temp_details    ? 
_exptl_crystal_grow.pH              5.8 
_exptl_crystal_grow.pdbx_details    '0.2M Magnesium Nitrate, 30% PEG 3350, pH 5.8, VAPOR DIFFUSION, HANGING DROP, temperature 298K' 
_exptl_crystal_grow.pdbx_pH_range   . 
# 
_diffrn.id                     1 
_diffrn.ambient_temp           100 
_diffrn.ambient_temp_details   ? 
_diffrn.crystal_id             1 
# 
_diffrn_detector.diffrn_id              1 
_diffrn_detector.detector               CCD 
_diffrn_detector.type                   CUSTOM-MADE 
_diffrn_detector.pdbx_collection_date   2003-03-06 
_diffrn_detector.details                ? 
# 
_diffrn_radiation.diffrn_id                        1 
_diffrn_radiation.wavelength_id                    1 
_diffrn_radiation.pdbx_monochromatic_or_laue_m_l   M 
_diffrn_radiation.monochromator                    ? 
_diffrn_radiation.pdbx_diffrn_protocol             MAD 
_diffrn_radiation.pdbx_scattering_type             x-ray 
# 
_diffrn_radiation_wavelength.id           1 
_diffrn_radiation_wavelength.wavelength   . 
_diffrn_radiation_wavelength.wt           1.0 
# 
_diffrn_source.diffrn_id                   1 
_diffrn_source.source                      SYNCHROTRON 
_diffrn_source.type                        'APS BEAMLINE 19-ID' 
_diffrn_source.pdbx_synchrotron_site       APS 
_diffrn_source.pdbx_synchrotron_beamline   19-ID 
_diffrn_source.pdbx_wavelength             ? 
_diffrn_source.pdbx_wavelength_list        ? 
# 
_reflns.entry_id                     1QW2 
_reflns.observed_criterion_sigma_I   2782 
_reflns.observed_criterion_sigma_F   ? 
_reflns.d_resolution_low             50 
_reflns.d_resolution_high            1.5 
_reflns.number_obs                   24601 
_reflns.number_all                   ? 
_reflns.percent_possible_obs         83.7 
_reflns.pdbx_Rmerge_I_obs            0.069 
_reflns.pdbx_Rsym_value              0.059 
_reflns.pdbx_netI_over_sigmaI        35.8 
_reflns.B_iso_Wilson_estimate        13.8 
_reflns.pdbx_redundancy              7.4 
_reflns.R_free_details               ? 
_reflns.limit_h_max                  ? 
_reflns.limit_h_min                  ? 
_reflns.limit_k_max                  ? 
_reflns.limit_k_min                  ? 
_reflns.limit_l_max                  ? 
_reflns.limit_l_min                  ? 
_reflns.observed_criterion_F_max     ? 
_reflns.observed_criterion_F_min     ? 
_reflns.pdbx_ordinal                 1 
_reflns.pdbx_diffrn_id               1 
# 
_reflns_shell.d_res_high             1.50 
_reflns_shell.d_res_low              1.59 
_reflns_shell.percent_possible_all   52.9 
_reflns_shell.Rmerge_I_obs           0.248 
_reflns_shell.pdbx_Rsym_value        0.224 
_reflns_shell.meanI_over_sigI_obs    4.0 
_reflns_shell.pdbx_redundancy        7 
_reflns_shell.percent_possible_obs   ? 
_reflns_shell.number_unique_all      2456 
_reflns_shell.pdbx_ordinal           1 
_reflns_shell.pdbx_diffrn_id         1 
# 
_refine.entry_id                                 1QW2 
_refine.ls_number_reflns_obs                     24601 
_refine.ls_number_reflns_all                     ? 
_refine.pdbx_ls_sigma_I                          ? 
_refine.pdbx_ls_sigma_F                          2.0 
_refine.pdbx_data_cutoff_high_absF               ? 
_refine.pdbx_data_cutoff_low_absF                ? 
_refine.pdbx_data_cutoff_high_rms_absF           ? 
_refine.ls_d_res_low                             29.22 
_refine.ls_d_res_high                            1.50 
_refine.ls_percent_reflns_obs                    83.7 
_refine.ls_R_factor_obs                          0.203 
_refine.ls_R_factor_all                          ? 
_refine.ls_R_factor_R_work                       0.203 
_refine.ls_R_factor_R_free                       0.218 
_refine.ls_R_factor_R_free_error                 0.006 
_refine.ls_R_factor_R_free_error_details         ? 
_refine.ls_percent_reflns_R_free                 4.8 
_refine.ls_number_reflns_R_free                  1183 
_refine.ls_number_parameters                     ? 
_refine.ls_number_restraints                     ? 
_refine.occupancy_min                            ? 
_refine.occupancy_max                            ? 
_refine.correlation_coeff_Fo_to_Fc               ? 
_refine.correlation_coeff_Fo_to_Fc_free          ? 
_refine.B_iso_mean                               19.9 
_refine.aniso_B[1][1]                            8.74 
_refine.aniso_B[2][2]                            -4.37 
_refine.aniso_B[3][3]                            -4.37 
_refine.aniso_B[1][2]                            0.00 
_refine.aniso_B[1][3]                            0.00 
_refine.aniso_B[2][3]                            0.00 
_refine.solvent_model_details                    'FLAT MODEL' 
_refine.solvent_model_param_ksol                 0.412554 
_refine.solvent_model_param_bsol                 48.0536 
_refine.pdbx_solvent_vdw_probe_radii             ? 
_refine.pdbx_solvent_ion_probe_radii             ? 
_refine.pdbx_solvent_shrinkage_radii             ? 
_refine.pdbx_ls_cross_valid_method               THROUGHOUT 
_refine.details                                  ? 
_refine.pdbx_starting_model                      ? 
_refine.pdbx_method_to_determine_struct          MAD 
_refine.pdbx_isotropic_thermal_model             RESTRAINED 
_refine.pdbx_stereochemistry_target_values       'Engh & Huber' 
_refine.pdbx_stereochem_target_val_spec_case     ? 
_refine.pdbx_R_Free_selection_details            RANDOM 
_refine.pdbx_overall_ESU_R                       ? 
_refine.pdbx_overall_ESU_R_Free                  ? 
_refine.overall_SU_ML                            ? 
_refine.overall_SU_B                             ? 
_refine.ls_redundancy_reflns_obs                 ? 
_refine.B_iso_min                                ? 
_refine.B_iso_max                                ? 
_refine.overall_SU_R_Cruickshank_DPI             ? 
_refine.overall_SU_R_free                        ? 
_refine.pdbx_refine_id                           'X-RAY DIFFRACTION' 
_refine.pdbx_diffrn_id                           1 
_refine.pdbx_TLS_residual_ADP_flag               ? 
_refine.pdbx_overall_phase_error                 ? 
_refine.pdbx_overall_SU_R_free_Cruickshank_DPI   ? 
_refine.pdbx_overall_SU_R_Blow_DPI               ? 
_refine.pdbx_overall_SU_R_free_Blow_DPI          ? 
# 
_refine_analyze.entry_id                        1QW2 
_refine_analyze.Luzzati_coordinate_error_obs    ? 
_refine_analyze.Luzzati_sigma_a_obs             0.09 
_refine_analyze.Luzzati_d_res_low_obs           5.00 
_refine_analyze.Luzzati_coordinate_error_free   0.17 
_refine_analyze.Luzzati_sigma_a_free            ? 
_refine_analyze.Luzzati_d_res_low_free          ? 
_refine_analyze.number_disordered_residues      ? 
_refine_analyze.occupancy_sum_hydrogen          ? 
_refine_analyze.occupancy_sum_non_hydrogen      ? 
_refine_analyze.pdbx_Luzzati_d_res_high_obs     ? 
_refine_analyze.pdbx_refine_id                  'X-RAY DIFFRACTION' 
# 
_refine_hist.pdbx_refine_id                   'X-RAY DIFFRACTION' 
_refine_hist.cycle_id                         LAST 
_refine_hist.pdbx_number_atoms_protein        777 
_refine_hist.pdbx_number_atoms_nucleic_acid   0 
_refine_hist.pdbx_number_atoms_ligand         0 
_refine_hist.number_atoms_solvent             68 
_refine_hist.number_atoms_total               845 
_refine_hist.d_res_high                       1.50 
_refine_hist.d_res_low                        29.22 
# 
loop_
_refine_ls_restr.type 
_refine_ls_restr.dev_ideal 
_refine_ls_restr.dev_ideal_target 
_refine_ls_restr.weight 
_refine_ls_restr.number 
_refine_ls_restr.pdbx_refine_id 
_refine_ls_restr.pdbx_restraint_function 
c_bond_d           0.005 ?    ? ? 'X-RAY DIFFRACTION' ? 
c_angle_deg        1.3   ?    ? ? 'X-RAY DIFFRACTION' ? 
c_dihedral_angle_d 24.7  ?    ? ? 'X-RAY DIFFRACTION' ? 
c_improper_angle_d 0.70  ?    ? ? 'X-RAY DIFFRACTION' ? 
c_mcbond_it        1.17  1.50 ? ? 'X-RAY DIFFRACTION' ? 
c_mcangle_it       1.81  2.00 ? ? 'X-RAY DIFFRACTION' ? 
c_scbond_it        2.70  2.00 ? ? 'X-RAY DIFFRACTION' ? 
c_scangle_it       3.66  2.50 ? ? 'X-RAY DIFFRACTION' ? 
# 
_refine_ls_shell.pdbx_total_number_of_bins_used   6 
_refine_ls_shell.d_res_high                       1.50 
_refine_ls_shell.d_res_low                        1.59 
_refine_ls_shell.number_reflns_R_work             2456 
_refine_ls_shell.R_factor_R_work                  0.218 
_refine_ls_shell.percent_reflns_obs               52.9 
_refine_ls_shell.R_factor_R_free                  0.239 
_refine_ls_shell.R_factor_R_free_error            0.022 
_refine_ls_shell.percent_reflns_R_free            4.6 
_refine_ls_shell.number_reflns_R_free             118 
_refine_ls_shell.number_reflns_obs                ? 
_refine_ls_shell.redundancy_reflns_obs            ? 
_refine_ls_shell.number_reflns_all                ? 
_refine_ls_shell.pdbx_refine_id                   'X-RAY DIFFRACTION' 
_refine_ls_shell.R_factor_all                     ? 
# 
loop_
_pdbx_xplor_file.serial_no 
_pdbx_xplor_file.param_file 
_pdbx_xplor_file.topol_file 
_pdbx_xplor_file.pdbx_refine_id 
1 PROTEIN_REP.PARAM PROTEIN.TOP 'X-RAY DIFFRACTION' 
2 WATER_REP.PARAM   WATER.TOP   'X-RAY DIFFRACTION' 
# 
_struct.entry_id                  1QW2 
_struct.title                     'Crystal Structure of a Protein of Unknown Function TA1206 from Thermoplasma acidophilum' 
_struct.pdbx_model_details        ? 
_struct.pdbx_CASP_flag            ? 
_struct.pdbx_model_type_details   ? 
# 
_struct_keywords.entry_id        1QW2 
_struct_keywords.pdbx_keywords   'STRUCTURAL GENOMICS, UNKNOWN FUNCTION' 
_struct_keywords.text            
;structural genomics, Beta/Alpha, Antiparallel beta sandwich, PSI, Protein Structure Initiative, Midwest Center for Structural Genomics, MCSG, UNKNOWN FUNCTION
;
# 
loop_
_struct_asym.id 
_struct_asym.pdbx_blank_PDB_chainid_flag 
_struct_asym.pdbx_modified 
_struct_asym.entity_id 
_struct_asym.details 
A N N 1 ? 
B N N 2 ? 
# 
_struct_ref.id                         1 
_struct_ref.db_name                    UNP 
_struct_ref.db_code                    Q9HIX0_THEAC 
_struct_ref.pdbx_db_accession          Q9HIX0 
_struct_ref.entity_id                  1 
_struct_ref.pdbx_seq_one_letter_code   
;MMQIDSIEIGGKVYQFFKSDLGNAPLLFIKGSKGYAMCGYLNMETSNKVGDIAVRVMGVKTLDDMLSAKVVEASQEAQKV
GINPGDVLRNVIDKL
;
_struct_ref.pdbx_align_begin           1 
_struct_ref.pdbx_db_isoform            ? 
# 
_struct_ref_seq.align_id                      1 
_struct_ref_seq.ref_id                        1 
_struct_ref_seq.pdbx_PDB_id_code              1QW2 
_struct_ref_seq.pdbx_strand_id                A 
_struct_ref_seq.seq_align_beg                 7 
_struct_ref_seq.pdbx_seq_align_beg_ins_code   ? 
_struct_ref_seq.seq_align_end                 101 
_struct_ref_seq.pdbx_seq_align_end_ins_code   ? 
_struct_ref_seq.pdbx_db_accession             Q9HIX0 
_struct_ref_seq.db_align_beg                  1 
_struct_ref_seq.pdbx_db_align_beg_ins_code    ? 
_struct_ref_seq.db_align_end                  95 
_struct_ref_seq.pdbx_db_align_end_ins_code    ? 
_struct_ref_seq.pdbx_auth_seq_align_beg       20 
_struct_ref_seq.pdbx_auth_seq_align_end       114 
# 
loop_
_struct_ref_seq_dif.align_id 
_struct_ref_seq_dif.pdbx_pdb_id_code 
_struct_ref_seq_dif.mon_id 
_struct_ref_seq_dif.pdbx_pdb_strand_id 
_struct_ref_seq_dif.seq_num 
_struct_ref_seq_dif.pdbx_pdb_ins_code 
_struct_ref_seq_dif.pdbx_seq_db_name 
_struct_ref_seq_dif.pdbx_seq_db_accession_code 
_struct_ref_seq_dif.db_mon_id 
_struct_ref_seq_dif.pdbx_seq_db_seq_num 
_struct_ref_seq_dif.details 
_struct_ref_seq_dif.pdbx_auth_seq_num 
_struct_ref_seq_dif.pdbx_ordinal 
1 1QW2 ASN A 1   ? UNP Q9HIX0 ?   ?  'cloning artifact' 14  1  
1 1QW2 TYR A 2   ? UNP Q9HIX0 ?   ?  'cloning artifact' 15  2  
1 1QW2 PHE A 3   ? UNP Q9HIX0 ?   ?  'cloning artifact' 16  3  
1 1QW2 GLN A 4   ? UNP Q9HIX0 ?   ?  'cloning artifact' 17  4  
1 1QW2 GLY A 5   ? UNP Q9HIX0 ?   ?  'cloning artifact' 18  5  
1 1QW2 HIS A 6   ? UNP Q9HIX0 ?   ?  'cloning artifact' 19  6  
1 1QW2 MSE A 8   ? UNP Q9HIX0 MET 2  'modified residue' 21  7  
1 1QW2 MSE A 43  ? UNP Q9HIX0 MET 37 'modified residue' 56  8  
1 1QW2 MSE A 49  ? UNP Q9HIX0 MET 43 'modified residue' 62  9  
1 1QW2 MSE A 63  ? UNP Q9HIX0 MET 57 'modified residue' 76  10 
1 1QW2 MSE A 71  ? UNP Q9HIX0 MET 65 'modified residue' 84  11 
1 1QW2 GLY A 102 ? UNP Q9HIX0 ?   ?  'cloning artifact' 115 12 
# 
_pdbx_struct_assembly.id                   1 
_pdbx_struct_assembly.details              author_and_software_defined_assembly 
_pdbx_struct_assembly.method_details       PISA,PQS 
_pdbx_struct_assembly.oligomeric_details   tetrameric 
_pdbx_struct_assembly.oligomeric_count     4 
# 
loop_
_pdbx_struct_assembly_prop.biol_id 
_pdbx_struct_assembly_prop.type 
_pdbx_struct_assembly_prop.value 
_pdbx_struct_assembly_prop.details 
1 'ABSA (A^2)' 7800  ? 
1 MORE         -39   ? 
1 'SSA (A^2)'  16430 ? 
# 
_pdbx_struct_assembly_gen.assembly_id       1 
_pdbx_struct_assembly_gen.oper_expression   1,2,3,4 
_pdbx_struct_assembly_gen.asym_id_list      A,B 
# 
loop_
_pdbx_struct_oper_list.id 
_pdbx_struct_oper_list.type 
_pdbx_struct_oper_list.name 
_pdbx_struct_oper_list.symmetry_operation 
_pdbx_struct_oper_list.matrix[1][1] 
_pdbx_struct_oper_list.matrix[1][2] 
_pdbx_struct_oper_list.matrix[1][3] 
_pdbx_struct_oper_list.vector[1] 
_pdbx_struct_oper_list.matrix[2][1] 
_pdbx_struct_oper_list.matrix[2][2] 
_pdbx_struct_oper_list.matrix[2][3] 
_pdbx_struct_oper_list.vector[2] 
_pdbx_struct_oper_list.matrix[3][1] 
_pdbx_struct_oper_list.matrix[3][2] 
_pdbx_struct_oper_list.matrix[3][3] 
_pdbx_struct_oper_list.vector[3] 
1 'identity operation'         1_555 x,y,z       1.0000000000  0.0000000000  0.0000000000  0.0000000000   0.0000000000  1.0000000000  0.0000000000  0.0000000000   0.0000000000  0.0000000000  1.0000000000  0.0000000000  
2 'crystal symmetry operation' 2_665 -x+1,-y+1,z 0.3567134231  0.8303949761  -0.4280183610 10.8682308714  0.8303949761  -0.4917454161 -0.2619744823 -13.4339660481 -0.4280183610 -0.2619744823 -0.8649680071 8.3865018888  
3 'crystal symmetry operation' 3_656 -x+1,y,-z+1 -0.5751634491 -0.3023034823 0.7601313120  -19.9519933563 -0.3023034823 -0.7848881052 -0.5408911783 -22.3353996838 0.7601313120  -0.5408911783 0.3600515543  2.2683803587  
4 'crystal symmetry operation' 4_566 x,-y+1,-z+1 -0.7815499741 -0.5280914938 -0.3321129510 -15.7670251078 -0.5280914938 0.2766335213  0.8028656607  -19.6129284546 -0.3321129510 0.8028656607  -0.4950835472 20.8155497156 
# 
_struct_biol.id                    1 
_struct_biol.pdbx_parent_biol_id   ? 
_struct_biol.details               ? 
# 
loop_
_struct_conf.conf_type_id 
_struct_conf.id 
_struct_conf.pdbx_PDB_helix_id 
_struct_conf.beg_label_comp_id 
_struct_conf.beg_label_asym_id 
_struct_conf.beg_label_seq_id 
_struct_conf.pdbx_beg_PDB_ins_code 
_struct_conf.end_label_comp_id 
_struct_conf.end_label_asym_id 
_struct_conf.end_label_seq_id 
_struct_conf.pdbx_end_PDB_ins_code 
_struct_conf.beg_auth_comp_id 
_struct_conf.beg_auth_asym_id 
_struct_conf.beg_auth_seq_id 
_struct_conf.end_auth_comp_id 
_struct_conf.end_auth_asym_id 
_struct_conf.end_auth_seq_id 
_struct_conf.pdbx_PDB_helix_class 
_struct_conf.details 
_struct_conf.pdbx_PDB_helix_length 
HELX_P HELX_P1 1 ASN A 48 ? VAL A 55  ? ASN A 61  VAL A 68  1 ? 8 
HELX_P HELX_P2 2 THR A 67 ? ALA A 74  ? THR A 80  ALA A 87  1 ? 8 
HELX_P HELX_P3 3 SER A 80 ? VAL A 86  ? SER A 93  VAL A 99  1 ? 7 
HELX_P HELX_P4 4 VAL A 93 ? ILE A 98  ? VAL A 106 ILE A 111 1 ? 6 
HELX_P HELX_P5 5 ASP A 99 ? GLY A 102 ? ASP A 112 GLY A 115 5 ? 4 
# 
_struct_conf_type.id          HELX_P 
_struct_conf_type.criteria    ? 
_struct_conf_type.reference   ? 
# 
loop_
_struct_conn.id 
_struct_conn.conn_type_id 
_struct_conn.pdbx_leaving_atom_flag 
_struct_conn.pdbx_PDB_id 
_struct_conn.ptnr1_label_asym_id 
_struct_conn.ptnr1_label_comp_id 
_struct_conn.ptnr1_label_seq_id 
_struct_conn.ptnr1_label_atom_id 
_struct_conn.pdbx_ptnr1_label_alt_id 
_struct_conn.pdbx_ptnr1_PDB_ins_code 
_struct_conn.pdbx_ptnr1_standard_comp_id 
_struct_conn.ptnr1_symmetry 
_struct_conn.ptnr2_label_asym_id 
_struct_conn.ptnr2_label_comp_id 
_struct_conn.ptnr2_label_seq_id 
_struct_conn.ptnr2_label_atom_id 
_struct_conn.pdbx_ptnr2_label_alt_id 
_struct_conn.pdbx_ptnr2_PDB_ins_code 
_struct_conn.ptnr1_auth_asym_id 
_struct_conn.ptnr1_auth_comp_id 
_struct_conn.ptnr1_auth_seq_id 
_struct_conn.ptnr2_auth_asym_id 
_struct_conn.ptnr2_auth_comp_id 
_struct_conn.ptnr2_auth_seq_id 
_struct_conn.ptnr2_symmetry 
_struct_conn.pdbx_ptnr3_label_atom_id 
_struct_conn.pdbx_ptnr3_label_seq_id 
_struct_conn.pdbx_ptnr3_label_comp_id 
_struct_conn.pdbx_ptnr3_label_asym_id 
_struct_conn.pdbx_ptnr3_label_alt_id 
_struct_conn.pdbx_ptnr3_PDB_ins_code 
_struct_conn.details 
_struct_conn.pdbx_dist_value 
_struct_conn.pdbx_value_order 
_struct_conn.pdbx_role 
covale1  covale both ? A MET 7  C ? ? ? 1_555 A MSE 8  N ? ? A MET 20 A MSE 21 1_555 ? ? ? ? ? ? ? 1.326 ? ? 
covale2  covale both ? A MSE 8  C ? ? ? 1_555 A GLN 9  N ? ? A MSE 21 A GLN 22 1_555 ? ? ? ? ? ? ? 1.325 ? ? 
covale3  covale both ? A ALA 42 C ? ? ? 1_555 A MSE 43 N ? ? A ALA 55 A MSE 56 1_555 ? ? ? ? ? ? ? 1.325 ? ? 
covale4  covale both ? A MSE 43 C ? ? ? 1_555 A CYS 44 N ? ? A MSE 56 A CYS 57 1_555 ? ? ? ? ? ? ? 1.329 ? ? 
covale5  covale both ? A ASN 48 C ? ? ? 1_555 A MSE 49 N ? ? A ASN 61 A MSE 62 1_555 ? ? ? ? ? ? ? 1.332 ? ? 
covale6  covale both ? A MSE 49 C ? ? ? 1_555 A GLU 50 N ? ? A MSE 62 A GLU 63 1_555 ? ? ? ? ? ? ? 1.329 ? ? 
covale7  covale both ? A VAL 62 C ? ? ? 1_555 A MSE 63 N ? ? A VAL 75 A MSE 76 1_555 ? ? ? ? ? ? ? 1.329 ? ? 
covale8  covale both ? A MSE 63 C ? ? ? 1_555 A GLY 64 N ? ? A MSE 76 A GLY 77 1_555 ? ? ? ? ? ? ? 1.331 ? ? 
covale9  covale both ? A ASP 70 C ? ? ? 1_555 A MSE 71 N ? ? A ASP 83 A MSE 84 1_555 ? ? ? ? ? ? ? 1.329 ? ? 
covale10 covale both ? A MSE 71 C ? ? ? 1_555 A LEU 72 N ? ? A MSE 84 A LEU 85 1_555 ? ? ? ? ? ? ? 1.329 ? ? 
# 
_struct_conn_type.id          covale 
_struct_conn_type.criteria    ? 
_struct_conn_type.reference   ? 
# 
loop_
_pdbx_modification_feature.ordinal 
_pdbx_modification_feature.label_comp_id 
_pdbx_modification_feature.label_asym_id 
_pdbx_modification_feature.label_seq_id 
_pdbx_modification_feature.label_alt_id 
_pdbx_modification_feature.modified_residue_label_comp_id 
_pdbx_modification_feature.modified_residue_label_asym_id 
_pdbx_modification_feature.modified_residue_label_seq_id 
_pdbx_modification_feature.modified_residue_label_alt_id 
_pdbx_modification_feature.auth_comp_id 
_pdbx_modification_feature.auth_asym_id 
_pdbx_modification_feature.auth_seq_id 
_pdbx_modification_feature.PDB_ins_code 
_pdbx_modification_feature.symmetry 
_pdbx_modification_feature.modified_residue_auth_comp_id 
_pdbx_modification_feature.modified_residue_auth_asym_id 
_pdbx_modification_feature.modified_residue_auth_seq_id 
_pdbx_modification_feature.modified_residue_PDB_ins_code 
_pdbx_modification_feature.modified_residue_symmetry 
_pdbx_modification_feature.comp_id_linking_atom 
_pdbx_modification_feature.modified_residue_id_linking_atom 
_pdbx_modification_feature.modified_residue_id 
_pdbx_modification_feature.ref_pcm_id 
_pdbx_modification_feature.ref_comp_id 
_pdbx_modification_feature.type 
_pdbx_modification_feature.category 
1 MSE A 8  ? . . . . MSE A 21 ? 1_555 . . . . . . . MET 1 MSE Selenomethionine 'Named protein modification' 
2 MSE A 43 ? . . . . MSE A 56 ? 1_555 . . . . . . . MET 1 MSE Selenomethionine 'Named protein modification' 
3 MSE A 49 ? . . . . MSE A 62 ? 1_555 . . . . . . . MET 1 MSE Selenomethionine 'Named protein modification' 
4 MSE A 63 ? . . . . MSE A 76 ? 1_555 . . . . . . . MET 1 MSE Selenomethionine 'Named protein modification' 
5 MSE A 71 ? . . . . MSE A 84 ? 1_555 . . . . . . . MET 1 MSE Selenomethionine 'Named protein modification' 
# 
_struct_sheet.id               A 
_struct_sheet.type             ? 
_struct_sheet.number_strands   6 
_struct_sheet.details          ? 
# 
loop_
_struct_sheet_order.sheet_id 
_struct_sheet_order.range_id_1 
_struct_sheet_order.range_id_2 
_struct_sheet_order.offset 
_struct_sheet_order.sense 
A 1 2 ? anti-parallel 
A 2 3 ? anti-parallel 
A 3 4 ? anti-parallel 
A 4 5 ? parallel      
A 5 6 ? anti-parallel 
# 
loop_
_struct_sheet_range.sheet_id 
_struct_sheet_range.id 
_struct_sheet_range.beg_label_comp_id 
_struct_sheet_range.beg_label_asym_id 
_struct_sheet_range.beg_label_seq_id 
_struct_sheet_range.pdbx_beg_PDB_ins_code 
_struct_sheet_range.end_label_comp_id 
_struct_sheet_range.end_label_asym_id 
_struct_sheet_range.end_label_seq_id 
_struct_sheet_range.pdbx_end_PDB_ins_code 
_struct_sheet_range.beg_auth_comp_id 
_struct_sheet_range.beg_auth_asym_id 
_struct_sheet_range.beg_auth_seq_id 
_struct_sheet_range.end_auth_comp_id 
_struct_sheet_range.end_auth_asym_id 
_struct_sheet_range.end_auth_seq_id 
A 1 MSE A 8  ? ILE A 15 ? MSE A 21 ILE A 28 
A 2 LYS A 18 ? SER A 25 ? LYS A 31 SER A 38 
A 3 LEU A 32 ? LYS A 36 ? LEU A 45 LYS A 49 
A 4 TYR A 41 ? MSE A 43 ? TYR A 54 MSE A 56 
A 5 ALA A 59 ? ARG A 61 ? ALA A 72 ARG A 74 
A 6 GLU A 78 ? ALA A 79 ? GLU A 91 ALA A 92 
# 
loop_
_pdbx_struct_sheet_hbond.sheet_id 
_pdbx_struct_sheet_hbond.range_id_1 
_pdbx_struct_sheet_hbond.range_id_2 
_pdbx_struct_sheet_hbond.range_1_label_atom_id 
_pdbx_struct_sheet_hbond.range_1_label_comp_id 
_pdbx_struct_sheet_hbond.range_1_label_asym_id 
_pdbx_struct_sheet_hbond.range_1_label_seq_id 
_pdbx_struct_sheet_hbond.range_1_PDB_ins_code 
_pdbx_struct_sheet_hbond.range_1_auth_atom_id 
_pdbx_struct_sheet_hbond.range_1_auth_comp_id 
_pdbx_struct_sheet_hbond.range_1_auth_asym_id 
_pdbx_struct_sheet_hbond.range_1_auth_seq_id 
_pdbx_struct_sheet_hbond.range_2_label_atom_id 
_pdbx_struct_sheet_hbond.range_2_label_comp_id 
_pdbx_struct_sheet_hbond.range_2_label_asym_id 
_pdbx_struct_sheet_hbond.range_2_label_seq_id 
_pdbx_struct_sheet_hbond.range_2_PDB_ins_code 
_pdbx_struct_sheet_hbond.range_2_auth_atom_id 
_pdbx_struct_sheet_hbond.range_2_auth_comp_id 
_pdbx_struct_sheet_hbond.range_2_auth_asym_id 
_pdbx_struct_sheet_hbond.range_2_auth_seq_id 
A 1 2 N ASP A 11 ? N ASP A 24 O PHE A 22 ? O PHE A 35 
A 2 3 N SER A 25 ? N SER A 38 O LEU A 32 ? O LEU A 45 
A 3 4 N ILE A 35 ? N ILE A 48 O ALA A 42 ? O ALA A 55 
A 4 5 N MSE A 43 ? N MSE A 56 O VAL A 60 ? O VAL A 73 
A 5 6 N ARG A 61 ? N ARG A 74 O GLU A 78 ? O GLU A 91 
# 
_pdbx_entry_details.entry_id                   1QW2 
_pdbx_entry_details.compound_details           ? 
_pdbx_entry_details.source_details             ? 
_pdbx_entry_details.nonpolymer_details         ? 
_pdbx_entry_details.sequence_details           ? 
_pdbx_entry_details.has_ligand_of_interest     ? 
_pdbx_entry_details.has_protein_modification   Y 
# 
_pdbx_validate_close_contact.id               1 
_pdbx_validate_close_contact.PDB_model_num    1 
_pdbx_validate_close_contact.auth_atom_id_1   OG 
_pdbx_validate_close_contact.auth_asym_id_1   A 
_pdbx_validate_close_contact.auth_comp_id_1   SER 
_pdbx_validate_close_contact.auth_seq_id_1    51 
_pdbx_validate_close_contact.PDB_ins_code_1   ? 
_pdbx_validate_close_contact.label_alt_id_1   ? 
_pdbx_validate_close_contact.auth_atom_id_2   OXT 
_pdbx_validate_close_contact.auth_asym_id_2   A 
_pdbx_validate_close_contact.auth_comp_id_2   GLY 
_pdbx_validate_close_contact.auth_seq_id_2    115 
_pdbx_validate_close_contact.PDB_ins_code_2   ? 
_pdbx_validate_close_contact.label_alt_id_2   ? 
_pdbx_validate_close_contact.dist             1.93 
# 
loop_
_pdbx_validate_torsion.id 
_pdbx_validate_torsion.PDB_model_num 
_pdbx_validate_torsion.auth_comp_id 
_pdbx_validate_torsion.auth_asym_id 
_pdbx_validate_torsion.auth_seq_id 
_pdbx_validate_torsion.PDB_ins_code 
_pdbx_validate_torsion.label_alt_id 
_pdbx_validate_torsion.phi 
_pdbx_validate_torsion.psi 
1 1 LEU A 40 ? ? -143.82 -70.26  
2 1 CYS A 57 ? ? -67.02  -174.89 
# 
_pdbx_SG_project.id                    1 
_pdbx_SG_project.project_name          'PSI, Protein Structure Initiative' 
_pdbx_SG_project.full_name_of_center   'Midwest Center for Structural Genomics' 
_pdbx_SG_project.initial_of_center     MCSG 
# 
loop_
_pdbx_struct_mod_residue.id 
_pdbx_struct_mod_residue.label_asym_id 
_pdbx_struct_mod_residue.label_comp_id 
_pdbx_struct_mod_residue.label_seq_id 
_pdbx_struct_mod_residue.auth_asym_id 
_pdbx_struct_mod_residue.auth_comp_id 
_pdbx_struct_mod_residue.auth_seq_id 
_pdbx_struct_mod_residue.PDB_ins_code 
_pdbx_struct_mod_residue.parent_comp_id 
_pdbx_struct_mod_residue.details 
1 A MSE 8  A MSE 21 ? MET SELENOMETHIONINE 
2 A MSE 43 A MSE 56 ? MET SELENOMETHIONINE 
3 A MSE 49 A MSE 62 ? MET SELENOMETHIONINE 
4 A MSE 63 A MSE 76 ? MET SELENOMETHIONINE 
5 A MSE 71 A MSE 84 ? MET SELENOMETHIONINE 
# 
loop_
_chem_comp_atom.comp_id 
_chem_comp_atom.atom_id 
_chem_comp_atom.type_symbol 
_chem_comp_atom.pdbx_aromatic_flag 
_chem_comp_atom.pdbx_stereo_config 
_chem_comp_atom.pdbx_ordinal 
ALA N    N  N N 1   
ALA CA   C  N S 2   
ALA C    C  N N 3   
ALA O    O  N N 4   
ALA CB   C  N N 5   
ALA OXT  O  N N 6   
ALA H    H  N N 7   
ALA H2   H  N N 8   
ALA HA   H  N N 9   
ALA HB1  H  N N 10  
ALA HB2  H  N N 11  
ALA HB3  H  N N 12  
ALA HXT  H  N N 13  
ARG N    N  N N 14  
ARG CA   C  N S 15  
ARG C    C  N N 16  
ARG O    O  N N 17  
ARG CB   C  N N 18  
ARG CG   C  N N 19  
ARG CD   C  N N 20  
ARG NE   N  N N 21  
ARG CZ   C  N N 22  
ARG NH1  N  N N 23  
ARG NH2  N  N N 24  
ARG OXT  O  N N 25  
ARG H    H  N N 26  
ARG H2   H  N N 27  
ARG HA   H  N N 28  
ARG HB2  H  N N 29  
ARG HB3  H  N N 30  
ARG HG2  H  N N 31  
ARG HG3  H  N N 32  
ARG HD2  H  N N 33  
ARG HD3  H  N N 34  
ARG HE   H  N N 35  
ARG HH11 H  N N 36  
ARG HH12 H  N N 37  
ARG HH21 H  N N 38  
ARG HH22 H  N N 39  
ARG HXT  H  N N 40  
ASN N    N  N N 41  
ASN CA   C  N S 42  
ASN C    C  N N 43  
ASN O    O  N N 44  
ASN CB   C  N N 45  
ASN CG   C  N N 46  
ASN OD1  O  N N 47  
ASN ND2  N  N N 48  
ASN OXT  O  N N 49  
ASN H    H  N N 50  
ASN H2   H  N N 51  
ASN HA   H  N N 52  
ASN HB2  H  N N 53  
ASN HB3  H  N N 54  
ASN HD21 H  N N 55  
ASN HD22 H  N N 56  
ASN HXT  H  N N 57  
ASP N    N  N N 58  
ASP CA   C  N S 59  
ASP C    C  N N 60  
ASP O    O  N N 61  
ASP CB   C  N N 62  
ASP CG   C  N N 63  
ASP OD1  O  N N 64  
ASP OD2  O  N N 65  
ASP OXT  O  N N 66  
ASP H    H  N N 67  
ASP H2   H  N N 68  
ASP HA   H  N N 69  
ASP HB2  H  N N 70  
ASP HB3  H  N N 71  
ASP HD2  H  N N 72  
ASP HXT  H  N N 73  
CYS N    N  N N 74  
CYS CA   C  N R 75  
CYS C    C  N N 76  
CYS O    O  N N 77  
CYS CB   C  N N 78  
CYS SG   S  N N 79  
CYS OXT  O  N N 80  
CYS H    H  N N 81  
CYS H2   H  N N 82  
CYS HA   H  N N 83  
CYS HB2  H  N N 84  
CYS HB3  H  N N 85  
CYS HG   H  N N 86  
CYS HXT  H  N N 87  
GLN N    N  N N 88  
GLN CA   C  N S 89  
GLN C    C  N N 90  
GLN O    O  N N 91  
GLN CB   C  N N 92  
GLN CG   C  N N 93  
GLN CD   C  N N 94  
GLN OE1  O  N N 95  
GLN NE2  N  N N 96  
GLN OXT  O  N N 97  
GLN H    H  N N 98  
GLN H2   H  N N 99  
GLN HA   H  N N 100 
GLN HB2  H  N N 101 
GLN HB3  H  N N 102 
GLN HG2  H  N N 103 
GLN HG3  H  N N 104 
GLN HE21 H  N N 105 
GLN HE22 H  N N 106 
GLN HXT  H  N N 107 
GLU N    N  N N 108 
GLU CA   C  N S 109 
GLU C    C  N N 110 
GLU O    O  N N 111 
GLU CB   C  N N 112 
GLU CG   C  N N 113 
GLU CD   C  N N 114 
GLU OE1  O  N N 115 
GLU OE2  O  N N 116 
GLU OXT  O  N N 117 
GLU H    H  N N 118 
GLU H2   H  N N 119 
GLU HA   H  N N 120 
GLU HB2  H  N N 121 
GLU HB3  H  N N 122 
GLU HG2  H  N N 123 
GLU HG3  H  N N 124 
GLU HE2  H  N N 125 
GLU HXT  H  N N 126 
GLY N    N  N N 127 
GLY CA   C  N N 128 
GLY C    C  N N 129 
GLY O    O  N N 130 
GLY OXT  O  N N 131 
GLY H    H  N N 132 
GLY H2   H  N N 133 
GLY HA2  H  N N 134 
GLY HA3  H  N N 135 
GLY HXT  H  N N 136 
HIS N    N  N N 137 
HIS CA   C  N S 138 
HIS C    C  N N 139 
HIS O    O  N N 140 
HIS CB   C  N N 141 
HIS CG   C  Y N 142 
HIS ND1  N  Y N 143 
HIS CD2  C  Y N 144 
HIS CE1  C  Y N 145 
HIS NE2  N  Y N 146 
HIS OXT  O  N N 147 
HIS H    H  N N 148 
HIS H2   H  N N 149 
HIS HA   H  N N 150 
HIS HB2  H  N N 151 
HIS HB3  H  N N 152 
HIS HD1  H  N N 153 
HIS HD2  H  N N 154 
HIS HE1  H  N N 155 
HIS HE2  H  N N 156 
HIS HXT  H  N N 157 
HOH O    O  N N 158 
HOH H1   H  N N 159 
HOH H2   H  N N 160 
ILE N    N  N N 161 
ILE CA   C  N S 162 
ILE C    C  N N 163 
ILE O    O  N N 164 
ILE CB   C  N S 165 
ILE CG1  C  N N 166 
ILE CG2  C  N N 167 
ILE CD1  C  N N 168 
ILE OXT  O  N N 169 
ILE H    H  N N 170 
ILE H2   H  N N 171 
ILE HA   H  N N 172 
ILE HB   H  N N 173 
ILE HG12 H  N N 174 
ILE HG13 H  N N 175 
ILE HG21 H  N N 176 
ILE HG22 H  N N 177 
ILE HG23 H  N N 178 
ILE HD11 H  N N 179 
ILE HD12 H  N N 180 
ILE HD13 H  N N 181 
ILE HXT  H  N N 182 
LEU N    N  N N 183 
LEU CA   C  N S 184 
LEU C    C  N N 185 
LEU O    O  N N 186 
LEU CB   C  N N 187 
LEU CG   C  N N 188 
LEU CD1  C  N N 189 
LEU CD2  C  N N 190 
LEU OXT  O  N N 191 
LEU H    H  N N 192 
LEU H2   H  N N 193 
LEU HA   H  N N 194 
LEU HB2  H  N N 195 
LEU HB3  H  N N 196 
LEU HG   H  N N 197 
LEU HD11 H  N N 198 
LEU HD12 H  N N 199 
LEU HD13 H  N N 200 
LEU HD21 H  N N 201 
LEU HD22 H  N N 202 
LEU HD23 H  N N 203 
LEU HXT  H  N N 204 
LYS N    N  N N 205 
LYS CA   C  N S 206 
LYS C    C  N N 207 
LYS O    O  N N 208 
LYS CB   C  N N 209 
LYS CG   C  N N 210 
LYS CD   C  N N 211 
LYS CE   C  N N 212 
LYS NZ   N  N N 213 
LYS OXT  O  N N 214 
LYS H    H  N N 215 
LYS H2   H  N N 216 
LYS HA   H  N N 217 
LYS HB2  H  N N 218 
LYS HB3  H  N N 219 
LYS HG2  H  N N 220 
LYS HG3  H  N N 221 
LYS HD2  H  N N 222 
LYS HD3  H  N N 223 
LYS HE2  H  N N 224 
LYS HE3  H  N N 225 
LYS HZ1  H  N N 226 
LYS HZ2  H  N N 227 
LYS HZ3  H  N N 228 
LYS HXT  H  N N 229 
MET N    N  N N 230 
MET CA   C  N S 231 
MET C    C  N N 232 
MET O    O  N N 233 
MET CB   C  N N 234 
MET CG   C  N N 235 
MET SD   S  N N 236 
MET CE   C  N N 237 
MET OXT  O  N N 238 
MET H    H  N N 239 
MET H2   H  N N 240 
MET HA   H  N N 241 
MET HB2  H  N N 242 
MET HB3  H  N N 243 
MET HG2  H  N N 244 
MET HG3  H  N N 245 
MET HE1  H  N N 246 
MET HE2  H  N N 247 
MET HE3  H  N N 248 
MET HXT  H  N N 249 
MSE N    N  N N 250 
MSE CA   C  N S 251 
MSE C    C  N N 252 
MSE O    O  N N 253 
MSE OXT  O  N N 254 
MSE CB   C  N N 255 
MSE CG   C  N N 256 
MSE SE   SE N N 257 
MSE CE   C  N N 258 
MSE H    H  N N 259 
MSE H2   H  N N 260 
MSE HA   H  N N 261 
MSE HXT  H  N N 262 
MSE HB2  H  N N 263 
MSE HB3  H  N N 264 
MSE HG2  H  N N 265 
MSE HG3  H  N N 266 
MSE HE1  H  N N 267 
MSE HE2  H  N N 268 
MSE HE3  H  N N 269 
PHE N    N  N N 270 
PHE CA   C  N S 271 
PHE C    C  N N 272 
PHE O    O  N N 273 
PHE CB   C  N N 274 
PHE CG   C  Y N 275 
PHE CD1  C  Y N 276 
PHE CD2  C  Y N 277 
PHE CE1  C  Y N 278 
PHE CE2  C  Y N 279 
PHE CZ   C  Y N 280 
PHE OXT  O  N N 281 
PHE H    H  N N 282 
PHE H2   H  N N 283 
PHE HA   H  N N 284 
PHE HB2  H  N N 285 
PHE HB3  H  N N 286 
PHE HD1  H  N N 287 
PHE HD2  H  N N 288 
PHE HE1  H  N N 289 
PHE HE2  H  N N 290 
PHE HZ   H  N N 291 
PHE HXT  H  N N 292 
PRO N    N  N N 293 
PRO CA   C  N S 294 
PRO C    C  N N 295 
PRO O    O  N N 296 
PRO CB   C  N N 297 
PRO CG   C  N N 298 
PRO CD   C  N N 299 
PRO OXT  O  N N 300 
PRO H    H  N N 301 
PRO HA   H  N N 302 
PRO HB2  H  N N 303 
PRO HB3  H  N N 304 
PRO HG2  H  N N 305 
PRO HG3  H  N N 306 
PRO HD2  H  N N 307 
PRO HD3  H  N N 308 
PRO HXT  H  N N 309 
SER N    N  N N 310 
SER CA   C  N S 311 
SER C    C  N N 312 
SER O    O  N N 313 
SER CB   C  N N 314 
SER OG   O  N N 315 
SER OXT  O  N N 316 
SER H    H  N N 317 
SER H2   H  N N 318 
SER HA   H  N N 319 
SER HB2  H  N N 320 
SER HB3  H  N N 321 
SER HG   H  N N 322 
SER HXT  H  N N 323 
THR N    N  N N 324 
THR CA   C  N S 325 
THR C    C  N N 326 
THR O    O  N N 327 
THR CB   C  N R 328 
THR OG1  O  N N 329 
THR CG2  C  N N 330 
THR OXT  O  N N 331 
THR H    H  N N 332 
THR H2   H  N N 333 
THR HA   H  N N 334 
THR HB   H  N N 335 
THR HG1  H  N N 336 
THR HG21 H  N N 337 
THR HG22 H  N N 338 
THR HG23 H  N N 339 
THR HXT  H  N N 340 
TYR N    N  N N 341 
TYR CA   C  N S 342 
TYR C    C  N N 343 
TYR O    O  N N 344 
TYR CB   C  N N 345 
TYR CG   C  Y N 346 
TYR CD1  C  Y N 347 
TYR CD2  C  Y N 348 
TYR CE1  C  Y N 349 
TYR CE2  C  Y N 350 
TYR CZ   C  Y N 351 
TYR OH   O  N N 352 
TYR OXT  O  N N 353 
TYR H    H  N N 354 
TYR H2   H  N N 355 
TYR HA   H  N N 356 
TYR HB2  H  N N 357 
TYR HB3  H  N N 358 
TYR HD1  H  N N 359 
TYR HD2  H  N N 360 
TYR HE1  H  N N 361 
TYR HE2  H  N N 362 
TYR HH   H  N N 363 
TYR HXT  H  N N 364 
VAL N    N  N N 365 
VAL CA   C  N S 366 
VAL C    C  N N 367 
VAL O    O  N N 368 
VAL CB   C  N N 369 
VAL CG1  C  N N 370 
VAL CG2  C  N N 371 
VAL OXT  O  N N 372 
VAL H    H  N N 373 
VAL H2   H  N N 374 
VAL HA   H  N N 375 
VAL HB   H  N N 376 
VAL HG11 H  N N 377 
VAL HG12 H  N N 378 
VAL HG13 H  N N 379 
VAL HG21 H  N N 380 
VAL HG22 H  N N 381 
VAL HG23 H  N N 382 
VAL HXT  H  N N 383 
# 
loop_
_chem_comp_bond.comp_id 
_chem_comp_bond.atom_id_1 
_chem_comp_bond.atom_id_2 
_chem_comp_bond.value_order 
_chem_comp_bond.pdbx_aromatic_flag 
_chem_comp_bond.pdbx_stereo_config 
_chem_comp_bond.pdbx_ordinal 
ALA N   CA   sing N N 1   
ALA N   H    sing N N 2   
ALA N   H2   sing N N 3   
ALA CA  C    sing N N 4   
ALA CA  CB   sing N N 5   
ALA CA  HA   sing N N 6   
ALA C   O    doub N N 7   
ALA C   OXT  sing N N 8   
ALA CB  HB1  sing N N 9   
ALA CB  HB2  sing N N 10  
ALA CB  HB3  sing N N 11  
ALA OXT HXT  sing N N 12  
ARG N   CA   sing N N 13  
ARG N   H    sing N N 14  
ARG N   H2   sing N N 15  
ARG CA  C    sing N N 16  
ARG CA  CB   sing N N 17  
ARG CA  HA   sing N N 18  
ARG C   O    doub N N 19  
ARG C   OXT  sing N N 20  
ARG CB  CG   sing N N 21  
ARG CB  HB2  sing N N 22  
ARG CB  HB3  sing N N 23  
ARG CG  CD   sing N N 24  
ARG CG  HG2  sing N N 25  
ARG CG  HG3  sing N N 26  
ARG CD  NE   sing N N 27  
ARG CD  HD2  sing N N 28  
ARG CD  HD3  sing N N 29  
ARG NE  CZ   sing N N 30  
ARG NE  HE   sing N N 31  
ARG CZ  NH1  sing N N 32  
ARG CZ  NH2  doub N N 33  
ARG NH1 HH11 sing N N 34  
ARG NH1 HH12 sing N N 35  
ARG NH2 HH21 sing N N 36  
ARG NH2 HH22 sing N N 37  
ARG OXT HXT  sing N N 38  
ASN N   CA   sing N N 39  
ASN N   H    sing N N 40  
ASN N   H2   sing N N 41  
ASN CA  C    sing N N 42  
ASN CA  CB   sing N N 43  
ASN CA  HA   sing N N 44  
ASN C   O    doub N N 45  
ASN C   OXT  sing N N 46  
ASN CB  CG   sing N N 47  
ASN CB  HB2  sing N N 48  
ASN CB  HB3  sing N N 49  
ASN CG  OD1  doub N N 50  
ASN CG  ND2  sing N N 51  
ASN ND2 HD21 sing N N 52  
ASN ND2 HD22 sing N N 53  
ASN OXT HXT  sing N N 54  
ASP N   CA   sing N N 55  
ASP N   H    sing N N 56  
ASP N   H2   sing N N 57  
ASP CA  C    sing N N 58  
ASP CA  CB   sing N N 59  
ASP CA  HA   sing N N 60  
ASP C   O    doub N N 61  
ASP C   OXT  sing N N 62  
ASP CB  CG   sing N N 63  
ASP CB  HB2  sing N N 64  
ASP CB  HB3  sing N N 65  
ASP CG  OD1  doub N N 66  
ASP CG  OD2  sing N N 67  
ASP OD2 HD2  sing N N 68  
ASP OXT HXT  sing N N 69  
CYS N   CA   sing N N 70  
CYS N   H    sing N N 71  
CYS N   H2   sing N N 72  
CYS CA  C    sing N N 73  
CYS CA  CB   sing N N 74  
CYS CA  HA   sing N N 75  
CYS C   O    doub N N 76  
CYS C   OXT  sing N N 77  
CYS CB  SG   sing N N 78  
CYS CB  HB2  sing N N 79  
CYS CB  HB3  sing N N 80  
CYS SG  HG   sing N N 81  
CYS OXT HXT  sing N N 82  
GLN N   CA   sing N N 83  
GLN N   H    sing N N 84  
GLN N   H2   sing N N 85  
GLN CA  C    sing N N 86  
GLN CA  CB   sing N N 87  
GLN CA  HA   sing N N 88  
GLN C   O    doub N N 89  
GLN C   OXT  sing N N 90  
GLN CB  CG   sing N N 91  
GLN CB  HB2  sing N N 92  
GLN CB  HB3  sing N N 93  
GLN CG  CD   sing N N 94  
GLN CG  HG2  sing N N 95  
GLN CG  HG3  sing N N 96  
GLN CD  OE1  doub N N 97  
GLN CD  NE2  sing N N 98  
GLN NE2 HE21 sing N N 99  
GLN NE2 HE22 sing N N 100 
GLN OXT HXT  sing N N 101 
GLU N   CA   sing N N 102 
GLU N   H    sing N N 103 
GLU N   H2   sing N N 104 
GLU CA  C    sing N N 105 
GLU CA  CB   sing N N 106 
GLU CA  HA   sing N N 107 
GLU C   O    doub N N 108 
GLU C   OXT  sing N N 109 
GLU CB  CG   sing N N 110 
GLU CB  HB2  sing N N 111 
GLU CB  HB3  sing N N 112 
GLU CG  CD   sing N N 113 
GLU CG  HG2  sing N N 114 
GLU CG  HG3  sing N N 115 
GLU CD  OE1  doub N N 116 
GLU CD  OE2  sing N N 117 
GLU OE2 HE2  sing N N 118 
GLU OXT HXT  sing N N 119 
GLY N   CA   sing N N 120 
GLY N   H    sing N N 121 
GLY N   H2   sing N N 122 
GLY CA  C    sing N N 123 
GLY CA  HA2  sing N N 124 
GLY CA  HA3  sing N N 125 
GLY C   O    doub N N 126 
GLY C   OXT  sing N N 127 
GLY OXT HXT  sing N N 128 
HIS N   CA   sing N N 129 
HIS N   H    sing N N 130 
HIS N   H2   sing N N 131 
HIS CA  C    sing N N 132 
HIS CA  CB   sing N N 133 
HIS CA  HA   sing N N 134 
HIS C   O    doub N N 135 
HIS C   OXT  sing N N 136 
HIS CB  CG   sing N N 137 
HIS CB  HB2  sing N N 138 
HIS CB  HB3  sing N N 139 
HIS CG  ND1  sing Y N 140 
HIS CG  CD2  doub Y N 141 
HIS ND1 CE1  doub Y N 142 
HIS ND1 HD1  sing N N 143 
HIS CD2 NE2  sing Y N 144 
HIS CD2 HD2  sing N N 145 
HIS CE1 NE2  sing Y N 146 
HIS CE1 HE1  sing N N 147 
HIS NE2 HE2  sing N N 148 
HIS OXT HXT  sing N N 149 
HOH O   H1   sing N N 150 
HOH O   H2   sing N N 151 
ILE N   CA   sing N N 152 
ILE N   H    sing N N 153 
ILE N   H2   sing N N 154 
ILE CA  C    sing N N 155 
ILE CA  CB   sing N N 156 
ILE CA  HA   sing N N 157 
ILE C   O    doub N N 158 
ILE C   OXT  sing N N 159 
ILE CB  CG1  sing N N 160 
ILE CB  CG2  sing N N 161 
ILE CB  HB   sing N N 162 
ILE CG1 CD1  sing N N 163 
ILE CG1 HG12 sing N N 164 
ILE CG1 HG13 sing N N 165 
ILE CG2 HG21 sing N N 166 
ILE CG2 HG22 sing N N 167 
ILE CG2 HG23 sing N N 168 
ILE CD1 HD11 sing N N 169 
ILE CD1 HD12 sing N N 170 
ILE CD1 HD13 sing N N 171 
ILE OXT HXT  sing N N 172 
LEU N   CA   sing N N 173 
LEU N   H    sing N N 174 
LEU N   H2   sing N N 175 
LEU CA  C    sing N N 176 
LEU CA  CB   sing N N 177 
LEU CA  HA   sing N N 178 
LEU C   O    doub N N 179 
LEU C   OXT  sing N N 180 
LEU CB  CG   sing N N 181 
LEU CB  HB2  sing N N 182 
LEU CB  HB3  sing N N 183 
LEU CG  CD1  sing N N 184 
LEU CG  CD2  sing N N 185 
LEU CG  HG   sing N N 186 
LEU CD1 HD11 sing N N 187 
LEU CD1 HD12 sing N N 188 
LEU CD1 HD13 sing N N 189 
LEU CD2 HD21 sing N N 190 
LEU CD2 HD22 sing N N 191 
LEU CD2 HD23 sing N N 192 
LEU OXT HXT  sing N N 193 
LYS N   CA   sing N N 194 
LYS N   H    sing N N 195 
LYS N   H2   sing N N 196 
LYS CA  C    sing N N 197 
LYS CA  CB   sing N N 198 
LYS CA  HA   sing N N 199 
LYS C   O    doub N N 200 
LYS C   OXT  sing N N 201 
LYS CB  CG   sing N N 202 
LYS CB  HB2  sing N N 203 
LYS CB  HB3  sing N N 204 
LYS CG  CD   sing N N 205 
LYS CG  HG2  sing N N 206 
LYS CG  HG3  sing N N 207 
LYS CD  CE   sing N N 208 
LYS CD  HD2  sing N N 209 
LYS CD  HD3  sing N N 210 
LYS CE  NZ   sing N N 211 
LYS CE  HE2  sing N N 212 
LYS CE  HE3  sing N N 213 
LYS NZ  HZ1  sing N N 214 
LYS NZ  HZ2  sing N N 215 
LYS NZ  HZ3  sing N N 216 
LYS OXT HXT  sing N N 217 
MET N   CA   sing N N 218 
MET N   H    sing N N 219 
MET N   H2   sing N N 220 
MET CA  C    sing N N 221 
MET CA  CB   sing N N 222 
MET CA  HA   sing N N 223 
MET C   O    doub N N 224 
MET C   OXT  sing N N 225 
MET CB  CG   sing N N 226 
MET CB  HB2  sing N N 227 
MET CB  HB3  sing N N 228 
MET CG  SD   sing N N 229 
MET CG  HG2  sing N N 230 
MET CG  HG3  sing N N 231 
MET SD  CE   sing N N 232 
MET CE  HE1  sing N N 233 
MET CE  HE2  sing N N 234 
MET CE  HE3  sing N N 235 
MET OXT HXT  sing N N 236 
MSE N   CA   sing N N 237 
MSE N   H    sing N N 238 
MSE N   H2   sing N N 239 
MSE CA  C    sing N N 240 
MSE CA  CB   sing N N 241 
MSE CA  HA   sing N N 242 
MSE C   O    doub N N 243 
MSE C   OXT  sing N N 244 
MSE OXT HXT  sing N N 245 
MSE CB  CG   sing N N 246 
MSE CB  HB2  sing N N 247 
MSE CB  HB3  sing N N 248 
MSE CG  SE   sing N N 249 
MSE CG  HG2  sing N N 250 
MSE CG  HG3  sing N N 251 
MSE SE  CE   sing N N 252 
MSE CE  HE1  sing N N 253 
MSE CE  HE2  sing N N 254 
MSE CE  HE3  sing N N 255 
PHE N   CA   sing N N 256 
PHE N   H    sing N N 257 
PHE N   H2   sing N N 258 
PHE CA  C    sing N N 259 
PHE CA  CB   sing N N 260 
PHE CA  HA   sing N N 261 
PHE C   O    doub N N 262 
PHE C   OXT  sing N N 263 
PHE CB  CG   sing N N 264 
PHE CB  HB2  sing N N 265 
PHE CB  HB3  sing N N 266 
PHE CG  CD1  doub Y N 267 
PHE CG  CD2  sing Y N 268 
PHE CD1 CE1  sing Y N 269 
PHE CD1 HD1  sing N N 270 
PHE CD2 CE2  doub Y N 271 
PHE CD2 HD2  sing N N 272 
PHE CE1 CZ   doub Y N 273 
PHE CE1 HE1  sing N N 274 
PHE CE2 CZ   sing Y N 275 
PHE CE2 HE2  sing N N 276 
PHE CZ  HZ   sing N N 277 
PHE OXT HXT  sing N N 278 
PRO N   CA   sing N N 279 
PRO N   CD   sing N N 280 
PRO N   H    sing N N 281 
PRO CA  C    sing N N 282 
PRO CA  CB   sing N N 283 
PRO CA  HA   sing N N 284 
PRO C   O    doub N N 285 
PRO C   OXT  sing N N 286 
PRO CB  CG   sing N N 287 
PRO CB  HB2  sing N N 288 
PRO CB  HB3  sing N N 289 
PRO CG  CD   sing N N 290 
PRO CG  HG2  sing N N 291 
PRO CG  HG3  sing N N 292 
PRO CD  HD2  sing N N 293 
PRO CD  HD3  sing N N 294 
PRO OXT HXT  sing N N 295 
SER N   CA   sing N N 296 
SER N   H    sing N N 297 
SER N   H2   sing N N 298 
SER CA  C    sing N N 299 
SER CA  CB   sing N N 300 
SER CA  HA   sing N N 301 
SER C   O    doub N N 302 
SER C   OXT  sing N N 303 
SER CB  OG   sing N N 304 
SER CB  HB2  sing N N 305 
SER CB  HB3  sing N N 306 
SER OG  HG   sing N N 307 
SER OXT HXT  sing N N 308 
THR N   CA   sing N N 309 
THR N   H    sing N N 310 
THR N   H2   sing N N 311 
THR CA  C    sing N N 312 
THR CA  CB   sing N N 313 
THR CA  HA   sing N N 314 
THR C   O    doub N N 315 
THR C   OXT  sing N N 316 
THR CB  OG1  sing N N 317 
THR CB  CG2  sing N N 318 
THR CB  HB   sing N N 319 
THR OG1 HG1  sing N N 320 
THR CG2 HG21 sing N N 321 
THR CG2 HG22 sing N N 322 
THR CG2 HG23 sing N N 323 
THR OXT HXT  sing N N 324 
TYR N   CA   sing N N 325 
TYR N   H    sing N N 326 
TYR N   H2   sing N N 327 
TYR CA  C    sing N N 328 
TYR CA  CB   sing N N 329 
TYR CA  HA   sing N N 330 
TYR C   O    doub N N 331 
TYR C   OXT  sing N N 332 
TYR CB  CG   sing N N 333 
TYR CB  HB2  sing N N 334 
TYR CB  HB3  sing N N 335 
TYR CG  CD1  doub Y N 336 
TYR CG  CD2  sing Y N 337 
TYR CD1 CE1  sing Y N 338 
TYR CD1 HD1  sing N N 339 
TYR CD2 CE2  doub Y N 340 
TYR CD2 HD2  sing N N 341 
TYR CE1 CZ   doub Y N 342 
TYR CE1 HE1  sing N N 343 
TYR CE2 CZ   sing Y N 344 
TYR CE2 HE2  sing N N 345 
TYR CZ  OH   sing N N 346 
TYR OH  HH   sing N N 347 
TYR OXT HXT  sing N N 348 
VAL N   CA   sing N N 349 
VAL N   H    sing N N 350 
VAL N   H2   sing N N 351 
VAL CA  C    sing N N 352 
VAL CA  CB   sing N N 353 
VAL CA  HA   sing N N 354 
VAL C   O    doub N N 355 
VAL C   OXT  sing N N 356 
VAL CB  CG1  sing N N 357 
VAL CB  CG2  sing N N 358 
VAL CB  HB   sing N N 359 
VAL CG1 HG11 sing N N 360 
VAL CG1 HG12 sing N N 361 
VAL CG1 HG13 sing N N 362 
VAL CG2 HG21 sing N N 363 
VAL CG2 HG22 sing N N 364 
VAL CG2 HG23 sing N N 365 
VAL OXT HXT  sing N N 366 
# 
_atom_sites.entry_id                    1QW2 
_atom_sites.fract_transf_matrix[1][1]   -0.00927262 
_atom_sites.fract_transf_matrix[1][2]   0.02241606 
_atom_sites.fract_transf_matrix[1][3]   0.01409730 
_atom_sites.fract_transf_matrix[2][1]   -0.00958971 
_atom_sites.fract_transf_matrix[2][2]   0.00682381 
_atom_sites.fract_transf_matrix[2][3]   -0.01715822 
_atom_sites.fract_transf_matrix[3][1]   -0.00746121 
_atom_sites.fract_transf_matrix[3][2]   -0.00456674 
_atom_sites.fract_transf_matrix[3][3]   0.00235388 
_atom_sites.fract_transf_vector[1]      0.641847 
_atom_sites.fract_transf_vector[2]      0.669888 
_atom_sites.fract_transf_vector[3]      0.371873 
# 
loop_
_atom_type.symbol 
C  
N  
O  
S  
SE 
# 
loop_
_atom_site.group_PDB 
_atom_site.id 
_atom_site.type_symbol 
_atom_site.label_atom_id 
_atom_site.label_alt_id 
_atom_site.label_comp_id 
_atom_site.label_asym_id 
_atom_site.label_entity_id 
_atom_site.label_seq_id 
_atom_site.pdbx_PDB_ins_code 
_atom_site.Cartn_x 
_atom_site.Cartn_y 
_atom_site.Cartn_z 
_atom_site.occupancy 
_atom_site.B_iso_or_equiv 
_atom_site.pdbx_formal_charge 
_atom_site.auth_seq_id 
_atom_site.auth_comp_id 
_atom_site.auth_asym_id 
_atom_site.auth_atom_id 
_atom_site.pdbx_PDB_model_num 
ATOM   1   N  N   . ASN A 1 1   ? -8.061  -8.753  31.086  1.00 38.82 ? 14  ASN A N   1 
ATOM   2   C  CA  . ASN A 1 1   ? -8.241  -10.200 31.390  1.00 38.90 ? 14  ASN A CA  1 
ATOM   3   C  C   . ASN A 1 1   ? -7.412  -11.060 30.444  1.00 38.33 ? 14  ASN A C   1 
ATOM   4   O  O   . ASN A 1 1   ? -7.256  -12.261 30.663  1.00 39.36 ? 14  ASN A O   1 
ATOM   5   C  CB  . ASN A 1 1   ? -9.716  -10.584 31.260  1.00 39.95 ? 14  ASN A CB  1 
ATOM   6   C  CG  . ASN A 1 1   ? -10.607 -9.788  32.186  1.00 40.85 ? 14  ASN A CG  1 
ATOM   7   O  OD1 . ASN A 1 1   ? -10.464 -9.850  33.409  1.00 42.06 ? 14  ASN A OD1 1 
ATOM   8   N  ND2 . ASN A 1 1   ? -11.535 -9.033  31.609  1.00 40.95 ? 14  ASN A ND2 1 
ATOM   9   N  N   . TYR A 1 2   ? -6.883  -10.441 29.395  1.00 36.98 ? 15  TYR A N   1 
ATOM   10  C  CA  . TYR A 1 2   ? -6.075  -11.159 28.417  1.00 35.08 ? 15  TYR A CA  1 
ATOM   11  C  C   . TYR A 1 2   ? -5.001  -10.262 27.816  1.00 34.75 ? 15  TYR A C   1 
ATOM   12  O  O   . TYR A 1 2   ? -5.033  -9.041  27.977  1.00 34.93 ? 15  TYR A O   1 
ATOM   13  C  CB  . TYR A 1 2   ? -6.972  -11.709 27.302  1.00 33.91 ? 15  TYR A CB  1 
ATOM   14  C  CG  . TYR A 1 2   ? -7.632  -10.644 26.447  1.00 33.32 ? 15  TYR A CG  1 
ATOM   15  C  CD1 . TYR A 1 2   ? -6.908  -9.953  25.476  1.00 33.47 ? 15  TYR A CD1 1 
ATOM   16  C  CD2 . TYR A 1 2   ? -8.979  -10.327 26.613  1.00 33.38 ? 15  TYR A CD2 1 
ATOM   17  C  CE1 . TYR A 1 2   ? -7.509  -8.972  24.689  1.00 33.87 ? 15  TYR A CE1 1 
ATOM   18  C  CE2 . TYR A 1 2   ? -9.590  -9.348  25.832  1.00 34.28 ? 15  TYR A CE2 1 
ATOM   19  C  CZ  . TYR A 1 2   ? -8.848  -8.675  24.873  1.00 34.66 ? 15  TYR A CZ  1 
ATOM   20  O  OH  . TYR A 1 2   ? -9.449  -7.711  24.093  1.00 36.84 ? 15  TYR A OH  1 
ATOM   21  N  N   . PHE A 1 3   ? -4.054  -10.879 27.120  1.00 33.88 ? 16  PHE A N   1 
ATOM   22  C  CA  . PHE A 1 3   ? -2.968  -10.153 26.475  1.00 33.85 ? 16  PHE A CA  1 
ATOM   23  C  C   . PHE A 1 3   ? -3.007  -10.398 24.971  1.00 33.23 ? 16  PHE A C   1 
ATOM   24  O  O   . PHE A 1 3   ? -3.091  -11.543 24.528  1.00 33.12 ? 16  PHE A O   1 
ATOM   25  C  CB  . PHE A 1 3   ? -1.620  -10.620 27.033  1.00 34.74 ? 16  PHE A CB  1 
ATOM   26  C  CG  . PHE A 1 3   ? -0.433  -10.003 26.347  1.00 36.29 ? 16  PHE A CG  1 
ATOM   27  C  CD1 . PHE A 1 3   ? -0.173  -8.640  26.465  1.00 36.97 ? 16  PHE A CD1 1 
ATOM   28  C  CD2 . PHE A 1 3   ? 0.424   -10.784 25.577  1.00 35.80 ? 16  PHE A CD2 1 
ATOM   29  C  CE1 . PHE A 1 3   ? 0.924   -8.064  25.827  1.00 36.85 ? 16  PHE A CE1 1 
ATOM   30  C  CE2 . PHE A 1 3   ? 1.523   -10.217 24.934  1.00 36.73 ? 16  PHE A CE2 1 
ATOM   31  C  CZ  . PHE A 1 3   ? 1.773   -8.855  25.060  1.00 36.30 ? 16  PHE A CZ  1 
ATOM   32  N  N   . GLN A 1 4   ? -2.953  -9.326  24.187  1.00 33.32 ? 17  GLN A N   1 
ATOM   33  C  CA  . GLN A 1 4   ? -2.969  -9.458  22.733  1.00 33.00 ? 17  GLN A CA  1 
ATOM   34  C  C   . GLN A 1 4   ? -1.537  -9.537  22.221  1.00 31.38 ? 17  GLN A C   1 
ATOM   35  O  O   . GLN A 1 4   ? -0.838  -8.523  22.145  1.00 32.89 ? 17  GLN A O   1 
ATOM   36  C  CB  . GLN A 1 4   ? -3.680  -8.265  22.086  1.00 34.49 ? 17  GLN A CB  1 
ATOM   37  C  CG  . GLN A 1 4   ? -3.859  -8.414  20.579  1.00 36.81 ? 17  GLN A CG  1 
ATOM   38  C  CD  . GLN A 1 4   ? -4.429  -7.170  19.921  1.00 38.22 ? 17  GLN A CD  1 
ATOM   39  O  OE1 . GLN A 1 4   ? -3.790  -6.119  19.889  1.00 39.24 ? 17  GLN A OE1 1 
ATOM   40  N  NE2 . GLN A 1 4   ? -5.641  -7.286  19.391  1.00 39.15 ? 17  GLN A NE2 1 
ATOM   41  N  N   . GLY A 1 5   ? -1.103  -10.743 21.872  1.00 29.71 ? 18  GLY A N   1 
ATOM   42  C  CA  . GLY A 1 5   ? 0.251   -10.932 21.380  1.00 27.94 ? 18  GLY A CA  1 
ATOM   43  C  C   . GLY A 1 5   ? 0.440   -10.509 19.936  1.00 27.26 ? 18  GLY A C   1 
ATOM   44  O  O   . GLY A 1 5   ? 1.498   -9.998  19.564  1.00 27.41 ? 18  GLY A O   1 
ATOM   45  N  N   . HIS A 1 6   ? -0.583  -10.726 19.118  1.00 24.26 ? 19  HIS A N   1 
ATOM   46  C  CA  . HIS A 1 6   ? -0.517  -10.361 17.710  1.00 21.49 ? 19  HIS A CA  1 
ATOM   47  C  C   . HIS A 1 6   ? -1.904  -10.023 17.177  1.00 20.07 ? 19  HIS A C   1 
ATOM   48  O  O   . HIS A 1 6   ? -2.892  -10.648 17.557  1.00 20.21 ? 19  HIS A O   1 
ATOM   49  C  CB  . HIS A 1 6   ? 0.065   -11.513 16.892  1.00 22.89 ? 19  HIS A CB  1 
ATOM   50  C  CG  . HIS A 1 6   ? 0.264   -11.179 15.448  1.00 23.75 ? 19  HIS A CG  1 
ATOM   51  N  ND1 . HIS A 1 6   ? 1.248   -10.316 15.016  1.00 26.42 ? 19  HIS A ND1 1 
ATOM   52  C  CD2 . HIS A 1 6   ? -0.422  -11.552 14.343  1.00 25.26 ? 19  HIS A CD2 1 
ATOM   53  C  CE1 . HIS A 1 6   ? 1.158   -10.170 13.707  1.00 25.49 ? 19  HIS A CE1 1 
ATOM   54  N  NE2 . HIS A 1 6   ? 0.152   -10.909 13.273  1.00 26.36 ? 19  HIS A NE2 1 
ATOM   55  N  N   . MET A 1 7   ? -1.973  -9.028  16.298  1.00 18.32 ? 20  MET A N   1 
ATOM   56  C  CA  . MET A 1 7   ? -3.242  -8.622  15.710  1.00 16.12 ? 20  MET A CA  1 
ATOM   57  C  C   . MET A 1 7   ? -3.104  -8.502  14.205  1.00 14.67 ? 20  MET A C   1 
ATOM   58  O  O   . MET A 1 7   ? -2.079  -8.044  13.700  1.00 14.70 ? 20  MET A O   1 
ATOM   59  C  CB  . MET A 1 7   ? -3.717  -7.275  16.281  1.00 21.57 ? 20  MET A CB  1 
ATOM   60  C  CG  . MET A 1 7   ? -3.020  -6.025  15.719  1.00 25.58 ? 20  MET A CG  1 
ATOM   61  S  SD  . MET A 1 7   ? -3.453  -5.577  14.001  1.00 30.94 ? 20  MET A SD  1 
ATOM   62  C  CE  . MET A 1 7   ? -5.133  -4.984  14.218  1.00 30.78 ? 20  MET A CE  1 
HETATM 63  N  N   . MSE A 1 8   ? -4.144  -8.914  13.493  1.00 12.28 ? 21  MSE A N   1 
HETATM 64  C  CA  . MSE A 1 8   ? -4.166  -8.834  12.042  1.00 11.96 ? 21  MSE A CA  1 
HETATM 65  C  C   . MSE A 1 8   ? -5.560  -8.468  11.571  1.00 12.27 ? 21  MSE A C   1 
HETATM 66  O  O   . MSE A 1 8   ? -6.557  -8.904  12.146  1.00 12.35 ? 21  MSE A O   1 
HETATM 67  C  CB  . MSE A 1 8   ? -3.773  -10.170 11.413  1.00 16.24 ? 21  MSE A CB  1 
HETATM 68  C  CG  . MSE A 1 8   ? -2.323  -10.537 11.576  1.00 18.88 ? 21  MSE A CG  1 
HETATM 69  SE SE  . MSE A 1 8   ? -1.952  -12.169 10.629  1.00 33.46 ? 21  MSE A SE  1 
HETATM 70  C  CE  . MSE A 1 8   ? -3.157  -11.945 9.192   1.00 15.00 ? 21  MSE A CE  1 
ATOM   71  N  N   . GLN A 1 9   ? -5.619  -7.667  10.517  1.00 12.06 ? 22  GLN A N   1 
ATOM   72  C  CA  . GLN A 1 9   ? -6.878  -7.246  9.928   1.00 15.19 ? 22  GLN A CA  1 
ATOM   73  C  C   . GLN A 1 9   ? -6.788  -7.484  8.434   1.00 15.35 ? 22  GLN A C   1 
ATOM   74  O  O   . GLN A 1 9   ? -5.785  -7.148  7.804   1.00 14.66 ? 22  GLN A O   1 
ATOM   75  C  CB  . GLN A 1 9   ? -7.134  -5.761  10.192  1.00 19.20 ? 22  GLN A CB  1 
ATOM   76  C  CG  . GLN A 1 9   ? -7.473  -5.425  11.630  1.00 25.07 ? 22  GLN A CG  1 
ATOM   77  C  CD  . GLN A 1 9   ? -7.772  -3.951  11.815  1.00 28.27 ? 22  GLN A CD  1 
ATOM   78  O  OE1 . GLN A 1 9   ? -6.924  -3.097  11.557  1.00 30.51 ? 22  GLN A OE1 1 
ATOM   79  N  NE2 . GLN A 1 9   ? -8.986  -3.644  12.260  1.00 31.89 ? 22  GLN A NE2 1 
ATOM   80  N  N   . ILE A 1 10  ? -7.834  -8.072  7.871   1.00 14.61 ? 23  ILE A N   1 
ATOM   81  C  CA  . ILE A 1 10  ? -7.882  -8.353  6.445   1.00 17.39 ? 23  ILE A CA  1 
ATOM   82  C  C   . ILE A 1 10  ? -9.236  -7.869  5.962   1.00 17.49 ? 23  ILE A C   1 
ATOM   83  O  O   . ILE A 1 10  ? -10.269 -8.408  6.353   1.00 17.74 ? 23  ILE A O   1 
ATOM   84  C  CB  . ILE A 1 10  ? -7.761  -9.859  6.175   1.00 19.90 ? 23  ILE A CB  1 
ATOM   85  C  CG1 . ILE A 1 10  ? -6.549  -10.418 6.919   1.00 21.51 ? 23  ILE A CG1 1 
ATOM   86  C  CG2 . ILE A 1 10  ? -7.628  -10.111 4.677   1.00 23.36 ? 23  ILE A CG2 1 
ATOM   87  C  CD1 . ILE A 1 10  ? -6.515  -11.927 6.973   1.00 25.58 ? 23  ILE A CD1 1 
ATOM   88  N  N   . ASP A 1 11  ? -9.237  -6.846  5.119   1.00 17.12 ? 24  ASP A N   1 
ATOM   89  C  CA  . ASP A 1 11  ? -10.489 -6.303  4.623   1.00 16.91 ? 24  ASP A CA  1 
ATOM   90  C  C   . ASP A 1 11  ? -10.543 -6.252  3.113   1.00 18.63 ? 24  ASP A C   1 
ATOM   91  O  O   . ASP A 1 11  ? -9.547  -5.966  2.452   1.00 18.46 ? 24  ASP A O   1 
ATOM   92  C  CB  . ASP A 1 11  ? -10.701 -4.892  5.171   1.00 19.88 ? 24  ASP A CB  1 
ATOM   93  C  CG  . ASP A 1 11  ? -10.826 -4.858  6.680   1.00 22.62 ? 24  ASP A CG  1 
ATOM   94  O  OD1 . ASP A 1 11  ? -10.617 -3.774  7.261   1.00 26.25 ? 24  ASP A OD1 1 
ATOM   95  O  OD2 . ASP A 1 11  ? -11.138 -5.904  7.287   1.00 23.28 ? 24  ASP A OD2 1 
ATOM   96  N  N   . SER A 1 12  ? -11.718 -6.543  2.572   1.00 17.86 ? 25  SER A N   1 
ATOM   97  C  CA  . SER A 1 12  ? -11.928 -6.479  1.138   1.00 20.25 ? 25  SER A CA  1 
ATOM   98  C  C   . SER A 1 12  ? -12.682 -5.176  0.937   1.00 20.52 ? 25  SER A C   1 
ATOM   99  O  O   . SER A 1 12  ? -13.783 -5.003  1.459   1.00 22.66 ? 25  SER A O   1 
ATOM   100 C  CB  . SER A 1 12  ? -12.775 -7.659  0.659   1.00 20.84 ? 25  SER A CB  1 
ATOM   101 O  OG  . SER A 1 12  ? -12.103 -8.883  0.894   1.00 27.24 ? 25  SER A OG  1 
ATOM   102 N  N   . ILE A 1 13  ? -12.080 -4.250  0.203   1.00 21.39 ? 26  ILE A N   1 
ATOM   103 C  CA  . ILE A 1 13  ? -12.717 -2.968  -0.035  1.00 22.62 ? 26  ILE A CA  1 
ATOM   104 C  C   . ILE A 1 13  ? -12.917 -2.723  -1.518  1.00 23.53 ? 26  ILE A C   1 
ATOM   105 O  O   . ILE A 1 13  ? -12.211 -3.287  -2.355  1.00 23.28 ? 26  ILE A O   1 
ATOM   106 C  CB  . ILE A 1 13  ? -11.888 -1.810  0.558   1.00 23.99 ? 26  ILE A CB  1 
ATOM   107 C  CG1 . ILE A 1 13  ? -10.528 -1.731  -0.135  1.00 23.99 ? 26  ILE A CG1 1 
ATOM   108 C  CG2 . ILE A 1 13  ? -11.703 -2.021  2.056   1.00 24.75 ? 26  ILE A CG2 1 
ATOM   109 C  CD1 . ILE A 1 13  ? -9.686  -0.553  0.310   1.00 24.06 ? 26  ILE A CD1 1 
ATOM   110 N  N   . GLU A 1 14  ? -13.895 -1.885  -1.837  1.00 24.56 ? 27  GLU A N   1 
ATOM   111 C  CA  . GLU A 1 14  ? -14.189 -1.558  -3.220  1.00 26.23 ? 27  GLU A CA  1 
ATOM   112 C  C   . GLU A 1 14  ? -14.022 -0.060  -3.426  1.00 26.55 ? 27  GLU A C   1 
ATOM   113 O  O   . GLU A 1 14  ? -14.536 0.747   -2.651  1.00 25.10 ? 27  GLU A O   1 
ATOM   114 C  CB  . GLU A 1 14  ? -15.614 -1.987  -3.573  1.00 28.52 ? 27  GLU A CB  1 
ATOM   115 C  CG  . GLU A 1 14  ? -15.973 -1.809  -5.035  1.00 33.73 ? 27  GLU A CG  1 
ATOM   116 C  CD  . GLU A 1 14  ? -17.305 -2.439  -5.383  1.00 35.26 ? 27  GLU A CD  1 
ATOM   117 O  OE1 . GLU A 1 14  ? -17.442 -3.671  -5.215  1.00 37.64 ? 27  GLU A OE1 1 
ATOM   118 O  OE2 . GLU A 1 14  ? -18.216 -1.706  -5.821  1.00 37.76 ? 27  GLU A OE2 1 
ATOM   119 N  N   . ILE A 1 15  ? -13.282 0.298   -4.469  1.00 27.14 ? 28  ILE A N   1 
ATOM   120 C  CA  . ILE A 1 15  ? -13.034 1.693   -4.800  1.00 28.84 ? 28  ILE A CA  1 
ATOM   121 C  C   . ILE A 1 15  ? -13.160 1.841   -6.307  1.00 29.82 ? 28  ILE A C   1 
ATOM   122 O  O   . ILE A 1 15  ? -12.491 1.137   -7.061  1.00 30.07 ? 28  ILE A O   1 
ATOM   123 C  CB  . ILE A 1 15  ? -11.615 2.131   -4.381  1.00 29.27 ? 28  ILE A CB  1 
ATOM   124 C  CG1 . ILE A 1 15  ? -11.409 1.878   -2.887  1.00 29.71 ? 28  ILE A CG1 1 
ATOM   125 C  CG2 . ILE A 1 15  ? -11.412 3.607   -4.701  1.00 29.06 ? 28  ILE A CG2 1 
ATOM   126 C  CD1 . ILE A 1 15  ? -10.002 2.172   -2.402  1.00 30.64 ? 28  ILE A CD1 1 
ATOM   127 N  N   . GLY A 1 16  ? -14.022 2.753   -6.741  1.00 31.25 ? 29  GLY A N   1 
ATOM   128 C  CA  . GLY A 1 16  ? -14.210 2.961   -8.164  1.00 31.55 ? 29  GLY A CA  1 
ATOM   129 C  C   . GLY A 1 16  ? -14.588 1.681   -8.885  1.00 31.91 ? 29  GLY A C   1 
ATOM   130 O  O   . GLY A 1 16  ? -14.159 1.449   -10.015 1.00 33.31 ? 29  GLY A O   1 
ATOM   131 N  N   . GLY A 1 17  ? -15.380 0.842   -8.226  1.00 31.96 ? 30  GLY A N   1 
ATOM   132 C  CA  . GLY A 1 17  ? -15.810 -0.406  -8.831  1.00 31.39 ? 30  GLY A CA  1 
ATOM   133 C  C   . GLY A 1 17  ? -14.769 -1.510  -8.865  1.00 31.04 ? 30  GLY A C   1 
ATOM   134 O  O   . GLY A 1 17  ? -15.015 -2.580  -9.423  1.00 31.64 ? 30  GLY A O   1 
ATOM   135 N  N   . LYS A 1 18  ? -13.605 -1.260  -8.276  1.00 29.64 ? 31  LYS A N   1 
ATOM   136 C  CA  . LYS A 1 18  ? -12.545 -2.262  -8.250  1.00 27.87 ? 31  LYS A CA  1 
ATOM   137 C  C   . LYS A 1 18  ? -12.356 -2.804  -6.839  1.00 25.36 ? 31  LYS A C   1 
ATOM   138 O  O   . LYS A 1 18  ? -12.543 -2.084  -5.859  1.00 24.58 ? 31  LYS A O   1 
ATOM   139 C  CB  . LYS A 1 18  ? -11.232 -1.663  -8.761  1.00 29.10 ? 31  LYS A CB  1 
ATOM   140 C  CG  . LYS A 1 18  ? -11.245 -1.331  -10.245 1.00 31.16 ? 31  LYS A CG  1 
ATOM   141 C  CD  . LYS A 1 18  ? -9.890  -0.814  -10.706 1.00 32.91 ? 31  LYS A CD  1 
ATOM   142 C  CE  . LYS A 1 18  ? -9.865  -0.585  -12.211 1.00 34.43 ? 31  LYS A CE  1 
ATOM   143 N  NZ  . LYS A 1 18  ? -10.878 0.416   -12.646 1.00 36.43 ? 31  LYS A NZ  1 
ATOM   144 N  N   . VAL A 1 19  ? -11.992 -4.078  -6.744  1.00 24.88 ? 32  VAL A N   1 
ATOM   145 C  CA  . VAL A 1 19  ? -11.787 -4.719  -5.449  1.00 23.26 ? 32  VAL A CA  1 
ATOM   146 C  C   . VAL A 1 19  ? -10.315 -4.733  -5.053  1.00 21.47 ? 32  VAL A C   1 
ATOM   147 O  O   . VAL A 1 19  ? -9.439  -5.018  -5.872  1.00 22.18 ? 32  VAL A O   1 
ATOM   148 C  CB  . VAL A 1 19  ? -12.312 -6.170  -5.460  1.00 24.72 ? 32  VAL A CB  1 
ATOM   149 C  CG1 . VAL A 1 19  ? -12.232 -6.761  -4.061  1.00 25.64 ? 32  VAL A CG1 1 
ATOM   150 C  CG2 . VAL A 1 19  ? -13.744 -6.198  -5.972  1.00 26.63 ? 32  VAL A CG2 1 
ATOM   151 N  N   . TYR A 1 20  ? -10.054 -4.428  -3.786  1.00 18.28 ? 33  TYR A N   1 
ATOM   152 C  CA  . TYR A 1 20  ? -8.695  -4.392  -3.259  1.00 17.20 ? 33  TYR A CA  1 
ATOM   153 C  C   . TYR A 1 20  ? -8.647  -5.113  -1.923  1.00 16.67 ? 33  TYR A C   1 
ATOM   154 O  O   . TYR A 1 20  ? -9.650  -5.199  -1.214  1.00 17.50 ? 33  TYR A O   1 
ATOM   155 C  CB  . TYR A 1 20  ? -8.245  -2.944  -3.045  1.00 15.91 ? 33  TYR A CB  1 
ATOM   156 C  CG  . TYR A 1 20  ? -8.232  -2.103  -4.296  1.00 16.72 ? 33  TYR A CG  1 
ATOM   157 C  CD1 . TYR A 1 20  ? -7.086  -2.004  -5.080  1.00 16.65 ? 33  TYR A CD1 1 
ATOM   158 C  CD2 . TYR A 1 20  ? -9.376  -1.425  -4.708  1.00 17.68 ? 33  TYR A CD2 1 
ATOM   159 C  CE1 . TYR A 1 20  ? -7.080  -1.245  -6.251  1.00 18.44 ? 33  TYR A CE1 1 
ATOM   160 C  CE2 . TYR A 1 20  ? -9.383  -0.668  -5.872  1.00 20.21 ? 33  TYR A CE2 1 
ATOM   161 C  CZ  . TYR A 1 20  ? -8.234  -0.582  -6.639  1.00 19.76 ? 33  TYR A CZ  1 
ATOM   162 O  OH  . TYR A 1 20  ? -8.251  0.171   -7.790  1.00 21.96 ? 33  TYR A OH  1 
ATOM   163 N  N   . GLN A 1 21  ? -7.475  -5.628  -1.579  1.00 15.40 ? 34  GLN A N   1 
ATOM   164 C  CA  . GLN A 1 21  ? -7.302  -6.309  -0.310  1.00 16.19 ? 34  GLN A CA  1 
ATOM   165 C  C   . GLN A 1 21  ? -6.454  -5.426  0.596   1.00 15.06 ? 34  GLN A C   1 
ATOM   166 O  O   . GLN A 1 21  ? -5.328  -5.070  0.243   1.00 14.41 ? 34  GLN A O   1 
ATOM   167 C  CB  . GLN A 1 21  ? -6.607  -7.657  -0.513  1.00 19.30 ? 34  GLN A CB  1 
ATOM   168 C  CG  . GLN A 1 21  ? -7.375  -8.616  -1.410  1.00 26.82 ? 34  GLN A CG  1 
ATOM   169 C  CD  . GLN A 1 21  ? -8.714  -9.028  -0.825  1.00 29.37 ? 34  GLN A CD  1 
ATOM   170 O  OE1 . GLN A 1 21  ? -9.533  -9.648  -1.503  1.00 33.34 ? 34  GLN A OE1 1 
ATOM   171 N  NE2 . GLN A 1 21  ? -8.939  -8.693  0.440   1.00 32.75 ? 34  GLN A NE2 1 
ATOM   172 N  N   . PHE A 1 22  ? -7.010  -5.040  1.739   1.00 13.32 ? 35  PHE A N   1 
ATOM   173 C  CA  . PHE A 1 22  ? -6.277  -4.233  2.702   1.00 13.03 ? 35  PHE A CA  1 
ATOM   174 C  C   . PHE A 1 22  ? -5.827  -5.166  3.813   1.00 12.26 ? 35  PHE A C   1 
ATOM   175 O  O   . PHE A 1 22  ? -6.619  -5.949  4.340   1.00 13.53 ? 35  PHE A O   1 
ATOM   176 C  CB  . PHE A 1 22  ? -7.150  -3.133  3.308   1.00 12.36 ? 35  PHE A CB  1 
ATOM   177 C  CG  . PHE A 1 22  ? -6.495  -2.414  4.457   1.00 13.62 ? 35  PHE A CG  1 
ATOM   178 C  CD1 . PHE A 1 22  ? -5.406  -1.572  4.240   1.00 13.04 ? 35  PHE A CD1 1 
ATOM   179 C  CD2 . PHE A 1 22  ? -6.937  -2.609  5.762   1.00 15.31 ? 35  PHE A CD2 1 
ATOM   180 C  CE1 . PHE A 1 22  ? -4.765  -0.934  5.301   1.00 14.67 ? 35  PHE A CE1 1 
ATOM   181 C  CE2 . PHE A 1 22  ? -6.303  -1.975  6.831   1.00 14.07 ? 35  PHE A CE2 1 
ATOM   182 C  CZ  . PHE A 1 22  ? -5.215  -1.138  6.601   1.00 15.63 ? 35  PHE A CZ  1 
ATOM   183 N  N   . PHE A 1 23  ? -4.551  -5.083  4.163   1.00 10.96 ? 36  PHE A N   1 
ATOM   184 C  CA  . PHE A 1 23  ? -4.001  -5.919  5.215   1.00 11.27 ? 36  PHE A CA  1 
ATOM   185 C  C   . PHE A 1 23  ? -3.213  -5.073  6.200   1.00 11.33 ? 36  PHE A C   1 
ATOM   186 O  O   . PHE A 1 23  ? -2.507  -4.147  5.808   1.00 10.64 ? 36  PHE A O   1 
ATOM   187 C  CB  . PHE A 1 23  ? -3.087  -6.994  4.610   1.00 13.09 ? 36  PHE A CB  1 
ATOM   188 C  CG  . PHE A 1 23  ? -2.368  -7.832  5.632   1.00 14.75 ? 36  PHE A CG  1 
ATOM   189 C  CD1 . PHE A 1 23  ? -1.085  -7.488  6.063   1.00 16.45 ? 36  PHE A CD1 1 
ATOM   190 C  CD2 . PHE A 1 23  ? -2.972  -8.965  6.164   1.00 14.02 ? 36  PHE A CD2 1 
ATOM   191 C  CE1 . PHE A 1 23  ? -0.418  -8.269  7.012   1.00 16.62 ? 36  PHE A CE1 1 
ATOM   192 C  CE2 . PHE A 1 23  ? -2.316  -9.747  7.108   1.00 18.50 ? 36  PHE A CE2 1 
ATOM   193 C  CZ  . PHE A 1 23  ? -1.035  -9.398  7.533   1.00 15.80 ? 36  PHE A CZ  1 
ATOM   194 N  N   . LYS A 1 24  ? -3.361  -5.383  7.481   1.00 10.72 ? 37  LYS A N   1 
ATOM   195 C  CA  . LYS A 1 24  ? -2.634  -4.694  8.534   1.00 10.66 ? 37  LYS A CA  1 
ATOM   196 C  C   . LYS A 1 24  ? -2.307  -5.715  9.607   1.00 12.11 ? 37  LYS A C   1 
ATOM   197 O  O   . LYS A 1 24  ? -3.166  -6.484  10.031  1.00 12.64 ? 37  LYS A O   1 
ATOM   198 C  CB  . LYS A 1 24  ? -3.458  -3.564  9.155   1.00 12.59 ? 37  LYS A CB  1 
ATOM   199 C  CG  . LYS A 1 24  ? -2.709  -2.868  10.286  1.00 14.83 ? 37  LYS A CG  1 
ATOM   200 C  CD  . LYS A 1 24  ? -3.526  -1.754  10.917  1.00 16.18 ? 37  LYS A CD  1 
ATOM   201 C  CE  . LYS A 1 24  ? -2.797  -1.175  12.120  1.00 19.07 ? 37  LYS A CE  1 
ATOM   202 N  NZ  . LYS A 1 24  ? -3.574  -0.090  12.776  1.00 21.79 ? 37  LYS A NZ  1 
ATOM   203 N  N   . SER A 1 25  ? -1.058  -5.721  10.046  1.00 10.84 ? 38  SER A N   1 
ATOM   204 C  CA  . SER A 1 25  ? -0.625  -6.661  11.059  1.00 13.10 ? 38  SER A CA  1 
ATOM   205 C  C   . SER A 1 25  ? 0.446   -6.022  11.913  1.00 13.38 ? 38  SER A C   1 
ATOM   206 O  O   . SER A 1 25  ? 1.137   -5.103  11.468  1.00 11.80 ? 38  SER A O   1 
ATOM   207 C  CB  . SER A 1 25  ? -0.048  -7.909  10.385  1.00 15.28 ? 38  SER A CB  1 
ATOM   208 O  OG  . SER A 1 25  ? 0.631   -8.738  11.309  1.00 18.93 ? 38  SER A OG  1 
ATOM   209 N  N   . ASP A 1 26  ? 0.569   -6.481  13.152  1.00 14.41 ? 39  ASP A N   1 
ATOM   210 C  CA  . ASP A 1 26  ? 1.634   -5.972  13.990  1.00 15.15 ? 39  ASP A CA  1 
ATOM   211 C  C   . ASP A 1 26  ? 2.848   -6.598  13.319  1.00 14.78 ? 39  ASP A C   1 
ATOM   212 O  O   . ASP A 1 26  ? 2.737   -7.646  12.677  1.00 15.87 ? 39  ASP A O   1 
ATOM   213 C  CB  . ASP A 1 26  ? 1.533   -6.503  15.426  1.00 19.46 ? 39  ASP A CB  1 
ATOM   214 C  CG  . ASP A 1 26  ? 0.305   -6.010  16.153  1.00 22.78 ? 39  ASP A CG  1 
ATOM   215 O  OD1 . ASP A 1 26  ? 0.046   -4.791  16.123  1.00 27.19 ? 39  ASP A OD1 1 
ATOM   216 O  OD2 . ASP A 1 26  ? -0.391  -6.844  16.771  1.00 27.41 ? 39  ASP A OD2 1 
ATOM   217 N  N   . LEU A 1 27  ? 3.998   -5.957  13.432  1.00 12.69 ? 40  LEU A N   1 
ATOM   218 C  CA  . LEU A 1 27  ? 5.212   -6.521  12.866  1.00 12.85 ? 40  LEU A CA  1 
ATOM   219 C  C   . LEU A 1 27  ? 6.331   -6.164  13.827  1.00 13.48 ? 40  LEU A C   1 
ATOM   220 O  O   . LEU A 1 27  ? 6.851   -7.026  14.531  1.00 14.68 ? 40  LEU A O   1 
ATOM   221 C  CB  . LEU A 1 27  ? 5.500   -5.958  11.469  1.00 12.00 ? 40  LEU A CB  1 
ATOM   222 C  CG  . LEU A 1 27  ? 6.707   -6.616  10.788  1.00 11.21 ? 40  LEU A CG  1 
ATOM   223 C  CD1 . LEU A 1 27  ? 6.397   -8.084  10.516  1.00 11.72 ? 40  LEU A CD1 1 
ATOM   224 C  CD2 . LEU A 1 27  ? 7.036   -5.894  9.487   1.00 11.82 ? 40  LEU A CD2 1 
ATOM   225 N  N   . GLY A 1 28  ? 6.679   -4.883  13.871  1.00 13.69 ? 41  GLY A N   1 
ATOM   226 C  CA  . GLY A 1 28  ? 7.731   -4.439  14.768  1.00 15.93 ? 41  GLY A CA  1 
ATOM   227 C  C   . GLY A 1 28  ? 7.231   -3.274  15.596  1.00 15.77 ? 41  GLY A C   1 
ATOM   228 O  O   . GLY A 1 28  ? 6.108   -3.308  16.106  1.00 17.97 ? 41  GLY A O   1 
ATOM   229 N  N   . ASN A 1 29  ? 8.055   -2.240  15.733  1.00 16.13 ? 42  ASN A N   1 
ATOM   230 C  CA  . ASN A 1 29  ? 7.650   -1.066  16.492  1.00 17.03 ? 42  ASN A CA  1 
ATOM   231 C  C   . ASN A 1 29  ? 6.690   -0.224  15.667  1.00 17.64 ? 42  ASN A C   1 
ATOM   232 O  O   . ASN A 1 29  ? 6.133   0.769   16.143  1.00 17.88 ? 42  ASN A O   1 
ATOM   233 C  CB  . ASN A 1 29  ? 8.874   -0.258  16.918  1.00 17.78 ? 42  ASN A CB  1 
ATOM   234 C  CG  . ASN A 1 29  ? 9.647   -0.943  18.027  1.00 19.17 ? 42  ASN A CG  1 
ATOM   235 O  OD1 . ASN A 1 29  ? 9.053   -1.457  18.977  1.00 22.47 ? 42  ASN A OD1 1 
ATOM   236 N  ND2 . ASN A 1 29  ? 10.969  -0.951  17.921  1.00 21.36 ? 42  ASN A ND2 1 
ATOM   237 N  N   . ALA A 1 30  ? 6.505   -0.642  14.419  1.00 15.04 ? 43  ALA A N   1 
ATOM   238 C  CA  . ALA A 1 30  ? 5.580   -0.003  13.496  1.00 14.26 ? 43  ALA A CA  1 
ATOM   239 C  C   . ALA A 1 30  ? 4.776   -1.158  12.909  1.00 12.51 ? 43  ALA A C   1 
ATOM   240 O  O   . ALA A 1 30  ? 5.272   -2.281  12.825  1.00 12.08 ? 43  ALA A O   1 
ATOM   241 C  CB  . ALA A 1 30  ? 6.333   0.723   12.395  1.00 15.42 ? 43  ALA A CB  1 
ATOM   242 N  N   . PRO A 1 31  ? 3.516   -0.912  12.527  1.00 13.59 ? 44  PRO A N   1 
ATOM   243 C  CA  . PRO A 1 31  ? 2.724   -2.003  11.953  1.00 11.92 ? 44  PRO A CA  1 
ATOM   244 C  C   . PRO A 1 31  ? 3.037   -2.158  10.469  1.00 11.94 ? 44  PRO A C   1 
ATOM   245 O  O   . PRO A 1 31  ? 3.644   -1.284  9.857   1.00 11.95 ? 44  PRO A O   1 
ATOM   246 C  CB  . PRO A 1 31  ? 1.292   -1.538  12.175  1.00 14.34 ? 44  PRO A CB  1 
ATOM   247 C  CG  . PRO A 1 31  ? 1.411   -0.051  11.979  1.00 14.39 ? 44  PRO A CG  1 
ATOM   248 C  CD  . PRO A 1 31  ? 2.686   0.289   12.739  1.00 14.72 ? 44  PRO A CD  1 
ATOM   249 N  N   . LEU A 1 32  ? 2.625   -3.284  9.901   1.00 11.11 ? 45  LEU A N   1 
ATOM   250 C  CA  . LEU A 1 32  ? 2.815   -3.535  8.484   1.00 10.33 ? 45  LEU A CA  1 
ATOM   251 C  C   . LEU A 1 32  ? 1.437   -3.414  7.857   1.00 10.03 ? 45  LEU A C   1 
ATOM   252 O  O   . LEU A 1 32  ? 0.475   -3.991  8.356   1.00 9.76  ? 45  LEU A O   1 
ATOM   253 C  CB  . LEU A 1 32  ? 3.361   -4.948  8.250   1.00 12.28 ? 45  LEU A CB  1 
ATOM   254 C  CG  . LEU A 1 32  ? 3.464   -5.449  6.801   1.00 16.26 ? 45  LEU A CG  1 
ATOM   255 C  CD1 . LEU A 1 32  ? 4.317   -6.708  6.770   1.00 20.45 ? 45  LEU A CD1 1 
ATOM   256 C  CD2 . LEU A 1 32  ? 2.089   -5.735  6.223   1.00 21.55 ? 45  LEU A CD2 1 
ATOM   257 N  N   . LEU A 1 33  ? 1.324   -2.639  6.788   1.00 9.78  ? 46  LEU A N   1 
ATOM   258 C  CA  . LEU A 1 33  ? 0.045   -2.533  6.116   1.00 11.46 ? 46  LEU A CA  1 
ATOM   259 C  C   . LEU A 1 33  ? 0.229   -2.285  4.637   1.00 9.32  ? 46  LEU A C   1 
ATOM   260 O  O   . LEU A 1 33  ? 1.178   -1.623  4.215   1.00 9.58  ? 46  LEU A O   1 
ATOM   261 C  CB  . LEU A 1 33  ? -0.840  -1.442  6.739   1.00 15.74 ? 46  LEU A CB  1 
ATOM   262 C  CG  . LEU A 1 33  ? -0.368  -0.001  6.886   1.00 17.57 ? 46  LEU A CG  1 
ATOM   263 C  CD1 . LEU A 1 33  ? -1.560  0.863   7.304   1.00 15.64 ? 46  LEU A CD1 1 
ATOM   264 C  CD2 . LEU A 1 33  ? 0.749   0.082   7.922   1.00 20.08 ? 46  LEU A CD2 1 
ATOM   265 N  N   . PHE A 1 34  ? -0.668  -2.868  3.855   1.00 9.01  ? 47  PHE A N   1 
ATOM   266 C  CA  . PHE A 1 34  ? -0.639  -2.706  2.416   1.00 7.97  ? 47  PHE A CA  1 
ATOM   267 C  C   . PHE A 1 34  ? -2.036  -2.819  1.832   1.00 9.39  ? 47  PHE A C   1 
ATOM   268 O  O   . PHE A 1 34  ? -2.969  -3.280  2.495   1.00 9.84  ? 47  PHE A O   1 
ATOM   269 C  CB  . PHE A 1 34  ? 0.306   -3.748  1.767   1.00 10.94 ? 47  PHE A CB  1 
ATOM   270 C  CG  . PHE A 1 34  ? -0.165  -5.184  1.868   1.00 12.32 ? 47  PHE A CG  1 
ATOM   271 C  CD1 . PHE A 1 34  ? -1.200  -5.660  1.063   1.00 14.50 ? 47  PHE A CD1 1 
ATOM   272 C  CD2 . PHE A 1 34  ? 0.468   -6.072  2.729   1.00 13.61 ? 47  PHE A CD2 1 
ATOM   273 C  CE1 . PHE A 1 34  ? -1.595  -7.003  1.113   1.00 15.64 ? 47  PHE A CE1 1 
ATOM   274 C  CE2 . PHE A 1 34  ? 0.080   -7.419  2.787   1.00 15.21 ? 47  PHE A CE2 1 
ATOM   275 C  CZ  . PHE A 1 34  ? -0.949  -7.882  1.978   1.00 13.84 ? 47  PHE A CZ  1 
ATOM   276 N  N   . ILE A 1 35  ? -2.176  -2.334  0.604   1.00 8.86  ? 48  ILE A N   1 
ATOM   277 C  CA  . ILE A 1 35  ? -3.420  -2.403  -0.145  1.00 10.70 ? 48  ILE A CA  1 
ATOM   278 C  C   . ILE A 1 35  ? -3.005  -3.036  -1.464  1.00 11.89 ? 48  ILE A C   1 
ATOM   279 O  O   . ILE A 1 35  ? -2.126  -2.519  -2.156  1.00 12.62 ? 48  ILE A O   1 
ATOM   280 C  CB  . ILE A 1 35  ? -4.018  -1.017  -0.431  1.00 14.08 ? 48  ILE A CB  1 
ATOM   281 C  CG1 . ILE A 1 35  ? -4.351  -0.309  0.880   1.00 18.19 ? 48  ILE A CG1 1 
ATOM   282 C  CG2 . ILE A 1 35  ? -5.279  -1.170  -1.289  1.00 16.72 ? 48  ILE A CG2 1 
ATOM   283 C  CD1 . ILE A 1 35  ? -4.857  1.110   0.695   1.00 19.27 ? 48  ILE A CD1 1 
ATOM   284 N  N   . LYS A 1 36  ? -3.624  -4.155  -1.813  1.00 12.09 ? 49  LYS A N   1 
ATOM   285 C  CA  . LYS A 1 36  ? -3.262  -4.836  -3.044  1.00 13.31 ? 49  LYS A CA  1 
ATOM   286 C  C   . LYS A 1 36  ? -4.408  -4.984  -4.029  1.00 13.88 ? 49  LYS A C   1 
ATOM   287 O  O   . LYS A 1 36  ? -5.517  -5.369  -3.662  1.00 13.91 ? 49  LYS A O   1 
ATOM   288 C  CB  . LYS A 1 36  ? -2.672  -6.208  -2.710  1.00 16.65 ? 49  LYS A CB  1 
ATOM   289 C  CG  . LYS A 1 36  ? -2.189  -7.012  -3.913  1.00 21.10 ? 49  LYS A CG  1 
ATOM   290 C  CD  . LYS A 1 36  ? -3.240  -8.014  -4.365  1.00 23.36 ? 49  LYS A CD  1 
ATOM   291 C  CE  . LYS A 1 36  ? -2.737  -8.840  -5.544  1.00 24.96 ? 49  LYS A CE  1 
ATOM   292 N  NZ  . LYS A 1 36  ? -3.616  -10.012 -5.818  1.00 27.56 ? 49  LYS A NZ  1 
ATOM   293 N  N   . GLY A 1 37  ? -4.121  -4.657  -5.286  1.00 13.86 ? 50  GLY A N   1 
ATOM   294 C  CA  . GLY A 1 37  ? -5.102  -4.774  -6.345  1.00 16.45 ? 50  GLY A CA  1 
ATOM   295 C  C   . GLY A 1 37  ? -4.625  -5.862  -7.285  1.00 17.05 ? 50  GLY A C   1 
ATOM   296 O  O   . GLY A 1 37  ? -3.589  -6.476  -7.042  1.00 17.77 ? 50  GLY A O   1 
ATOM   297 N  N   . SER A 1 38  ? -5.362  -6.102  -8.364  1.00 19.40 ? 51  SER A N   1 
ATOM   298 C  CA  . SER A 1 38  ? -4.980  -7.142  -9.309  1.00 20.41 ? 51  SER A CA  1 
ATOM   299 C  C   . SER A 1 38  ? -3.732  -6.811  -10.126 1.00 20.73 ? 51  SER A C   1 
ATOM   300 O  O   . SER A 1 38  ? -3.064  -7.712  -10.629 1.00 22.50 ? 51  SER A O   1 
ATOM   301 C  CB  . SER A 1 38  ? -6.145  -7.446  -10.260 1.00 22.69 ? 51  SER A CB  1 
ATOM   302 O  OG  . SER A 1 38  ? -6.486  -6.313  -11.040 1.00 26.64 ? 51  SER A OG  1 
ATOM   303 N  N   . LYS A 1 39  ? -3.406  -5.527  -10.243 1.00 17.75 ? 52  LYS A N   1 
ATOM   304 C  CA  . LYS A 1 39  ? -2.250  -5.107  -11.031 1.00 18.67 ? 52  LYS A CA  1 
ATOM   305 C  C   . LYS A 1 39  ? -1.034  -4.653  -10.225 1.00 16.58 ? 52  LYS A C   1 
ATOM   306 O  O   . LYS A 1 39  ? 0.100   -4.756  -10.694 1.00 16.20 ? 52  LYS A O   1 
ATOM   307 C  CB  . LYS A 1 39  ? -2.658  -3.981  -11.985 1.00 19.73 ? 52  LYS A CB  1 
ATOM   308 C  CG  . LYS A 1 39  ? -3.795  -4.345  -12.924 1.00 23.92 ? 52  LYS A CG  1 
ATOM   309 C  CD  . LYS A 1 39  ? -4.153  -3.175  -13.821 1.00 27.42 ? 52  LYS A CD  1 
ATOM   310 C  CE  . LYS A 1 39  ? -5.358  -3.494  -14.691 1.00 29.92 ? 52  LYS A CE  1 
ATOM   311 N  NZ  . LYS A 1 39  ? -5.703  -2.363  -15.595 1.00 32.79 ? 52  LYS A NZ  1 
ATOM   312 N  N   . GLY A 1 40  ? -1.268  -4.137  -9.024  1.00 14.49 ? 53  GLY A N   1 
ATOM   313 C  CA  . GLY A 1 40  ? -0.159  -3.669  -8.212  1.00 12.08 ? 53  GLY A CA  1 
ATOM   314 C  C   . GLY A 1 40  ? -0.555  -3.473  -6.762  1.00 10.99 ? 53  GLY A C   1 
ATOM   315 O  O   . GLY A 1 40  ? -1.663  -3.824  -6.361  1.00 11.16 ? 53  GLY A O   1 
ATOM   316 N  N   . TYR A 1 41  ? 0.344   -2.892  -5.978  1.00 10.36 ? 54  TYR A N   1 
ATOM   317 C  CA  . TYR A 1 41  ? 0.074   -2.685  -4.566  1.00 9.88  ? 54  TYR A CA  1 
ATOM   318 C  C   . TYR A 1 41  ? 0.724   -1.428  -4.004  1.00 9.65  ? 54  TYR A C   1 
ATOM   319 O  O   . TYR A 1 41  ? 1.623   -0.839  -4.615  1.00 8.99  ? 54  TYR A O   1 
ATOM   320 C  CB  . TYR A 1 41  ? 0.569   -3.908  -3.782  1.00 10.46 ? 54  TYR A CB  1 
ATOM   321 C  CG  . TYR A 1 41  ? 2.051   -4.169  -3.969  1.00 8.29  ? 54  TYR A CG  1 
ATOM   322 C  CD1 . TYR A 1 41  ? 3.002   -3.541  -3.163  1.00 7.36  ? 54  TYR A CD1 1 
ATOM   323 C  CD2 . TYR A 1 41  ? 2.506   -4.999  -4.995  1.00 8.86  ? 54  TYR A CD2 1 
ATOM   324 C  CE1 . TYR A 1 41  ? 4.370   -3.732  -3.378  1.00 9.19  ? 54  TYR A CE1 1 
ATOM   325 C  CE2 . TYR A 1 41  ? 3.870   -5.196  -5.217  1.00 7.76  ? 54  TYR A CE2 1 
ATOM   326 C  CZ  . TYR A 1 41  ? 4.795   -4.559  -4.407  1.00 8.44  ? 54  TYR A CZ  1 
ATOM   327 O  OH  . TYR A 1 41  ? 6.138   -4.745  -4.620  1.00 9.55  ? 54  TYR A OH  1 
ATOM   328 N  N   . ALA A 1 42  ? 0.232   -1.014  -2.840  1.00 8.87  ? 55  ALA A N   1 
ATOM   329 C  CA  . ALA A 1 42  ? 0.762   0.134   -2.113  1.00 8.45  ? 55  ALA A CA  1 
ATOM   330 C  C   . ALA A 1 42  ? 1.110   -0.424  -0.742  1.00 7.86  ? 55  ALA A C   1 
ATOM   331 O  O   . ALA A 1 42  ? 0.343   -1.200  -0.174  1.00 9.12  ? 55  ALA A O   1 
ATOM   332 C  CB  . ALA A 1 42  ? -0.290  1.221   -1.974  1.00 9.76  ? 55  ALA A CB  1 
HETATM 333 N  N   . MSE A 1 43  ? 2.264   -0.048  -0.208  1.00 7.97  ? 56  MSE A N   1 
HETATM 334 C  CA  . MSE A 1 43  ? 2.656   -0.550  1.098   1.00 7.94  ? 56  MSE A CA  1 
HETATM 335 C  C   . MSE A 1 43  ? 3.309   0.550   1.920   1.00 8.76  ? 56  MSE A C   1 
HETATM 336 O  O   . MSE A 1 43  ? 3.800   1.541   1.373   1.00 8.97  ? 56  MSE A O   1 
HETATM 337 C  CB  . MSE A 1 43  ? 3.611   -1.743  0.945   1.00 9.26  ? 56  MSE A CB  1 
HETATM 338 C  CG  . MSE A 1 43  ? 3.953   -2.452  2.246   1.00 10.01 ? 56  MSE A CG  1 
HETATM 339 SE SE  . MSE A 1 43  ? 4.908   -4.120  1.925   1.00 19.29 ? 56  MSE A SE  1 
HETATM 340 C  CE  . MSE A 1 43  ? 6.101   -4.068  3.418   1.00 22.62 ? 56  MSE A CE  1 
ATOM   341 N  N   . CYS A 1 44  ? 3.288   0.362   3.235   1.00 10.07 ? 57  CYS A N   1 
ATOM   342 C  CA  . CYS A 1 44  ? 3.871   1.299   4.187   1.00 8.98  ? 57  CYS A CA  1 
ATOM   343 C  C   . CYS A 1 44  ? 5.392   1.345   4.054   1.00 9.69  ? 57  CYS A C   1 
ATOM   344 O  O   . CYS A 1 44  ? 5.971   0.700   3.180   1.00 8.71  ? 57  CYS A O   1 
ATOM   345 C  CB  . CYS A 1 44  ? 3.496   0.888   5.613   1.00 11.87 ? 57  CYS A CB  1 
ATOM   346 S  SG  . CYS A 1 44  ? 4.185   -0.713  6.099   1.00 13.70 ? 57  CYS A SG  1 
ATOM   347 N  N   . GLY A 1 45  ? 6.028   2.094   4.953   1.00 10.23 ? 58  GLY A N   1 
ATOM   348 C  CA  . GLY A 1 45  ? 7.474   2.259   4.946   1.00 10.29 ? 58  GLY A CA  1 
ATOM   349 C  C   . GLY A 1 45  ? 8.344   1.013   4.989   1.00 8.01  ? 58  GLY A C   1 
ATOM   350 O  O   . GLY A 1 45  ? 9.524   1.076   4.643   1.00 8.83  ? 58  GLY A O   1 
ATOM   351 N  N   . TYR A 1 46  ? 7.790   -0.115  5.419   1.00 8.72  ? 59  TYR A N   1 
ATOM   352 C  CA  . TYR A 1 46  ? 8.573   -1.343  5.469   1.00 7.90  ? 59  TYR A CA  1 
ATOM   353 C  C   . TYR A 1 46  ? 8.885   -1.896  4.076   1.00 7.99  ? 59  TYR A C   1 
ATOM   354 O  O   . TYR A 1 46  ? 9.722   -2.789  3.936   1.00 9.10  ? 59  TYR A O   1 
ATOM   355 C  CB  . TYR A 1 46  ? 7.851   -2.408  6.297   1.00 8.42  ? 59  TYR A CB  1 
ATOM   356 C  CG  . TYR A 1 46  ? 8.015   -2.261  7.797   1.00 7.68  ? 59  TYR A CG  1 
ATOM   357 C  CD1 . TYR A 1 46  ? 9.278   -2.310  8.394   1.00 8.63  ? 59  TYR A CD1 1 
ATOM   358 C  CD2 . TYR A 1 46  ? 6.901   -2.128  8.624   1.00 9.60  ? 59  TYR A CD2 1 
ATOM   359 C  CE1 . TYR A 1 46  ? 9.423   -2.236  9.785   1.00 9.17  ? 59  TYR A CE1 1 
ATOM   360 C  CE2 . TYR A 1 46  ? 7.034   -2.052  10.012  1.00 9.17  ? 59  TYR A CE2 1 
ATOM   361 C  CZ  . TYR A 1 46  ? 8.291   -2.110  10.583  1.00 9.37  ? 59  TYR A CZ  1 
ATOM   362 O  OH  . TYR A 1 46  ? 8.415   -2.074  11.955  1.00 9.89  ? 59  TYR A OH  1 
ATOM   363 N  N   . LEU A 1 47  ? 8.236   -1.359  3.047   1.00 7.90  ? 60  LEU A N   1 
ATOM   364 C  CA  . LEU A 1 47  ? 8.488   -1.831  1.689   1.00 7.32  ? 60  LEU A CA  1 
ATOM   365 C  C   . LEU A 1 47  ? 9.853   -1.416  1.166   1.00 8.30  ? 60  LEU A C   1 
ATOM   366 O  O   . LEU A 1 47  ? 10.257  -0.259  1.289   1.00 9.13  ? 60  LEU A O   1 
ATOM   367 C  CB  . LEU A 1 47  ? 7.422   -1.312  0.720   1.00 10.05 ? 60  LEU A CB  1 
ATOM   368 C  CG  . LEU A 1 47  ? 7.656   -1.687  -0.750  1.00 7.44  ? 60  LEU A CG  1 
ATOM   369 C  CD1 . LEU A 1 47  ? 7.534   -3.191  -0.920  1.00 8.76  ? 60  LEU A CD1 1 
ATOM   370 C  CD2 . LEU A 1 47  ? 6.645   -0.973  -1.640  1.00 9.43  ? 60  LEU A CD2 1 
ATOM   371 N  N   . ASN A 1 48  ? 10.562  -2.385  0.591   1.00 7.38  ? 61  ASN A N   1 
ATOM   372 C  CA  . ASN A 1 48  ? 11.869  -2.151  -0.010  1.00 8.77  ? 61  ASN A CA  1 
ATOM   373 C  C   . ASN A 1 48  ? 11.591  -1.922  -1.498  1.00 8.82  ? 61  ASN A C   1 
ATOM   374 O  O   . ASN A 1 48  ? 11.329  -2.874  -2.233  1.00 9.53  ? 61  ASN A O   1 
ATOM   375 C  CB  . ASN A 1 48  ? 12.752  -3.387  0.160   1.00 11.15 ? 61  ASN A CB  1 
ATOM   376 C  CG  . ASN A 1 48  ? 14.170  -3.158  -0.307  1.00 11.04 ? 61  ASN A CG  1 
ATOM   377 O  OD1 . ASN A 1 48  ? 14.403  -2.458  -1.295  1.00 12.84 ? 61  ASN A OD1 1 
ATOM   378 N  ND2 . ASN A 1 48  ? 15.128  -3.760  0.394   1.00 13.04 ? 61  ASN A ND2 1 
HETATM 379 N  N   . MSE A 1 49  ? 11.632  -0.665  -1.935  1.00 9.54  ? 62  MSE A N   1 
HETATM 380 C  CA  . MSE A 1 49  ? 11.360  -0.343  -3.336  1.00 10.13 ? 62  MSE A CA  1 
HETATM 381 C  C   . MSE A 1 49  ? 12.370  -0.969  -4.296  1.00 9.09  ? 62  MSE A C   1 
HETATM 382 O  O   . MSE A 1 49  ? 12.048  -1.242  -5.454  1.00 10.49 ? 62  MSE A O   1 
HETATM 383 C  CB  . MSE A 1 49  ? 11.315  1.178   -3.525  1.00 10.30 ? 62  MSE A CB  1 
HETATM 384 C  CG  . MSE A 1 49  ? 10.964  1.652   -4.948  1.00 13.81 ? 62  MSE A CG  1 
HETATM 385 SE SE  . MSE A 1 49  ? 9.303   0.965   -5.680  1.00 15.44 ? 62  MSE A SE  1 
HETATM 386 C  CE  . MSE A 1 49  ? 8.057   1.824   -4.483  1.00 14.25 ? 62  MSE A CE  1 
ATOM   387 N  N   . GLU A 1 50  ? 13.592  -1.207  -3.832  1.00 9.27  ? 63  GLU A N   1 
ATOM   388 C  CA  . GLU A 1 50  ? 14.582  -1.816  -4.710  1.00 10.14 ? 63  GLU A CA  1 
ATOM   389 C  C   . GLU A 1 50  ? 14.114  -3.216  -5.100  1.00 10.83 ? 63  GLU A C   1 
ATOM   390 O  O   . GLU A 1 50  ? 14.338  -3.673  -6.222  1.00 10.89 ? 63  GLU A O   1 
ATOM   391 C  CB  . GLU A 1 50  ? 15.948  -1.886  -4.027  1.00 12.20 ? 63  GLU A CB  1 
ATOM   392 C  CG  . GLU A 1 50  ? 16.494  -0.531  -3.609  1.00 18.47 ? 63  GLU A CG  1 
ATOM   393 C  CD  . GLU A 1 50  ? 17.955  -0.587  -3.205  1.00 21.34 ? 63  GLU A CD  1 
ATOM   394 O  OE1 . GLU A 1 50  ? 18.328  -1.485  -2.422  1.00 23.81 ? 63  GLU A OE1 1 
ATOM   395 O  OE2 . GLU A 1 50  ? 18.731  0.274   -3.666  1.00 27.71 ? 63  GLU A OE2 1 
ATOM   396 N  N   . THR A 1 51  ? 13.448  -3.897  -4.173  1.00 10.25 ? 64  THR A N   1 
ATOM   397 C  CA  . THR A 1 51  ? 12.951  -5.235  -4.454  1.00 9.31  ? 64  THR A CA  1 
ATOM   398 C  C   . THR A 1 51  ? 11.786  -5.161  -5.439  1.00 8.78  ? 64  THR A C   1 
ATOM   399 O  O   . THR A 1 51  ? 11.703  -5.954  -6.379  1.00 10.66 ? 64  THR A O   1 
ATOM   400 C  CB  . THR A 1 51  ? 12.511  -5.924  -3.157  1.00 9.31  ? 64  THR A CB  1 
ATOM   401 O  OG1 . THR A 1 51  ? 13.628  -5.962  -2.261  1.00 11.33 ? 64  THR A OG1 1 
ATOM   402 C  CG2 . THR A 1 51  ? 12.041  -7.345  -3.429  1.00 11.40 ? 64  THR A CG2 1 
ATOM   403 N  N   . SER A 1 52  ? 10.888  -4.203  -5.233  1.00 9.00  ? 65  SER A N   1 
ATOM   404 C  CA  . SER A 1 52  ? 9.753   -4.036  -6.131  1.00 8.68  ? 65  SER A CA  1 
ATOM   405 C  C   . SER A 1 52  ? 10.248  -3.804  -7.556  1.00 8.81  ? 65  SER A C   1 
ATOM   406 O  O   . SER A 1 52  ? 9.696   -4.358  -8.511  1.00 10.38 ? 65  SER A O   1 
ATOM   407 C  CB  . SER A 1 52  ? 8.895   -2.842  -5.699  1.00 11.02 ? 65  SER A CB  1 
ATOM   408 O  OG  . SER A 1 52  ? 8.360   -3.038  -4.402  1.00 10.24 ? 65  SER A OG  1 
ATOM   409 N  N   . ASN A 1 53  ? 11.271  -2.969  -7.702  1.00 10.11 ? 66  ASN A N   1 
ATOM   410 C  CA  . ASN A 1 53  ? 11.815  -2.689  -9.027  1.00 9.94  ? 66  ASN A CA  1 
ATOM   411 C  C   . ASN A 1 53  ? 12.519  -3.914  -9.594  1.00 10.35 ? 66  ASN A C   1 
ATOM   412 O  O   . ASN A 1 53  ? 12.405  -4.201  -10.782 1.00 11.38 ? 66  ASN A O   1 
ATOM   413 C  CB  . ASN A 1 53  ? 12.800  -1.516  -8.992  1.00 9.38  ? 66  ASN A CB  1 
ATOM   414 C  CG  . ASN A 1 53  ? 12.105  -0.169  -8.972  1.00 8.56  ? 66  ASN A CG  1 
ATOM   415 O  OD1 . ASN A 1 53  ? 11.039  -0.001  -9.559  1.00 10.94 ? 66  ASN A OD1 1 
ATOM   416 N  ND2 . ASN A 1 53  ? 12.721  0.806   -8.314  1.00 10.46 ? 66  ASN A ND2 1 
ATOM   417 N  N   . LYS A 1 54  ? 13.245  -4.630  -8.741  1.00 11.07 ? 67  LYS A N   1 
ATOM   418 C  CA  . LYS A 1 54  ? 13.970  -5.816  -9.175  1.00 12.85 ? 67  LYS A CA  1 
ATOM   419 C  C   . LYS A 1 54  ? 13.056  -6.832  -9.842  1.00 14.39 ? 67  LYS A C   1 
ATOM   420 O  O   . LYS A 1 54  ? 13.396  -7.386  -10.889 1.00 14.56 ? 67  LYS A O   1 
ATOM   421 C  CB  . LYS A 1 54  ? 14.680  -6.470  -7.986  1.00 15.14 ? 67  LYS A CB  1 
ATOM   422 C  CG  . LYS A 1 54  ? 15.293  -7.826  -8.300  1.00 17.64 ? 67  LYS A CG  1 
ATOM   423 C  CD  . LYS A 1 54  ? 15.959  -8.419  -7.066  1.00 21.14 ? 67  LYS A CD  1 
ATOM   424 C  CE  . LYS A 1 54  ? 16.508  -9.811  -7.346  1.00 23.27 ? 67  LYS A CE  1 
ATOM   425 N  NZ  . LYS A 1 54  ? 17.172  -10.389 -6.144  1.00 26.70 ? 67  LYS A NZ  1 
ATOM   426 N  N   . VAL A 1 55  ? 11.891  -7.071  -9.246  1.00 12.40 ? 68  VAL A N   1 
ATOM   427 C  CA  . VAL A 1 55  ? 10.963  -8.053  -9.792  1.00 13.06 ? 68  VAL A CA  1 
ATOM   428 C  C   . VAL A 1 55  ? 9.908   -7.504  -10.749 1.00 13.56 ? 68  VAL A C   1 
ATOM   429 O  O   . VAL A 1 55  ? 9.016   -8.234  -11.186 1.00 14.57 ? 68  VAL A O   1 
ATOM   430 C  CB  . VAL A 1 55  ? 10.280  -8.864  -8.656  1.00 12.30 ? 68  VAL A CB  1 
ATOM   431 C  CG1 . VAL A 1 55  ? 11.345  -9.542  -7.802  1.00 15.18 ? 68  VAL A CG1 1 
ATOM   432 C  CG2 . VAL A 1 55  ? 9.399   -7.961  -7.797  1.00 12.67 ? 68  VAL A CG2 1 
ATOM   433 N  N   . GLY A 1 56  ? 10.014  -6.217  -11.073 1.00 13.05 ? 69  GLY A N   1 
ATOM   434 C  CA  . GLY A 1 56  ? 9.089   -5.601  -12.013 1.00 14.33 ? 69  GLY A CA  1 
ATOM   435 C  C   . GLY A 1 56  ? 7.666   -5.332  -11.561 1.00 13.09 ? 69  GLY A C   1 
ATOM   436 O  O   . GLY A 1 56  ? 6.740   -5.356  -12.373 1.00 14.48 ? 69  GLY A O   1 
ATOM   437 N  N   . ASP A 1 57  ? 7.481   -5.058  -10.276 1.00 11.87 ? 70  ASP A N   1 
ATOM   438 C  CA  . ASP A 1 57  ? 6.150   -4.782  -9.747  1.00 11.10 ? 70  ASP A CA  1 
ATOM   439 C  C   . ASP A 1 57  ? 5.664   -3.370  -10.029 1.00 9.95  ? 70  ASP A C   1 
ATOM   440 O  O   . ASP A 1 57  ? 6.457   -2.461  -10.265 1.00 11.41 ? 70  ASP A O   1 
ATOM   441 C  CB  . ASP A 1 57  ? 6.115   -4.912  -8.218  1.00 10.20 ? 70  ASP A CB  1 
ATOM   442 C  CG  . ASP A 1 57  ? 6.329   -6.319  -7.728  1.00 11.47 ? 70  ASP A CG  1 
ATOM   443 O  OD1 . ASP A 1 57  ? 6.106   -7.271  -8.498  1.00 12.57 ? 70  ASP A OD1 1 
ATOM   444 O  OD2 . ASP A 1 57  ? 6.703   -6.464  -6.542  1.00 10.45 ? 70  ASP A OD2 1 
ATOM   445 N  N   . ILE A 1 58  ? 4.345   -3.207  -10.002 1.00 9.90  ? 71  ILE A N   1 
ATOM   446 C  CA  . ILE A 1 58  ? 3.734   -1.894  -10.107 1.00 10.05 ? 71  ILE A CA  1 
ATOM   447 C  C   . ILE A 1 58  ? 3.520   -1.679  -8.609  1.00 10.28 ? 71  ILE A C   1 
ATOM   448 O  O   . ILE A 1 58  ? 2.639   -2.298  -8.001  1.00 10.83 ? 71  ILE A O   1 
ATOM   449 C  CB  . ILE A 1 58  ? 2.367   -1.926  -10.824 1.00 11.93 ? 71  ILE A CB  1 
ATOM   450 C  CG1 . ILE A 1 58  ? 2.570   -2.098  -12.329 1.00 12.45 ? 71  ILE A CG1 1 
ATOM   451 C  CG2 . ILE A 1 58  ? 1.598   -0.637  -10.527 1.00 10.44 ? 71  ILE A CG2 1 
ATOM   452 C  CD1 . ILE A 1 58  ? 1.273   -2.150  -13.124 1.00 14.74 ? 71  ILE A CD1 1 
ATOM   453 N  N   . ALA A 1 59  ? 4.338   -0.828  -8.006  1.00 9.76  ? 72  ALA A N   1 
ATOM   454 C  CA  . ALA A 1 59  ? 4.241   -0.607  -6.572  1.00 10.47 ? 72  ALA A CA  1 
ATOM   455 C  C   . ALA A 1 59  ? 4.480   0.823   -6.136  1.00 9.43  ? 72  ALA A C   1 
ATOM   456 O  O   . ALA A 1 59  ? 5.218   1.568   -6.776  1.00 9.39  ? 72  ALA A O   1 
ATOM   457 C  CB  . ALA A 1 59  ? 5.229   -1.516  -5.858  1.00 10.86 ? 72  ALA A CB  1 
ATOM   458 N  N   . VAL A 1 60  ? 3.840   1.200   -5.036  1.00 9.91  ? 73  VAL A N   1 
ATOM   459 C  CA  . VAL A 1 60  ? 4.031   2.523   -4.465  1.00 9.33  ? 73  VAL A CA  1 
ATOM   460 C  C   . VAL A 1 60  ? 4.286   2.361   -2.972  1.00 8.13  ? 73  VAL A C   1 
ATOM   461 O  O   . VAL A 1 60  ? 3.742   1.461   -2.318  1.00 9.84  ? 73  VAL A O   1 
ATOM   462 C  CB  . VAL A 1 60  ? 2.813   3.451   -4.693  1.00 12.29 ? 73  VAL A CB  1 
ATOM   463 C  CG1 . VAL A 1 60  ? 2.707   3.815   -6.171  1.00 11.11 ? 73  VAL A CG1 1 
ATOM   464 C  CG2 . VAL A 1 60  ? 1.552   2.782   -4.218  1.00 13.38 ? 73  VAL A CG2 1 
ATOM   465 N  N   . ARG A 1 61  ? 5.133   3.231   -2.443  1.00 9.51  ? 74  ARG A N   1 
ATOM   466 C  CA  . ARG A 1 61  ? 5.491   3.203   -1.037  1.00 9.65  ? 74  ARG A CA  1 
ATOM   467 C  C   . ARG A 1 61  ? 5.029   4.505   -0.396  1.00 10.04 ? 74  ARG A C   1 
ATOM   468 O  O   . ARG A 1 61  ? 5.251   5.582   -0.951  1.00 11.18 ? 74  ARG A O   1 
ATOM   469 C  CB  . ARG A 1 61  ? 7.011   3.051   -0.915  1.00 9.69  ? 74  ARG A CB  1 
ATOM   470 C  CG  . ARG A 1 61  ? 7.561   3.035   0.502   1.00 10.25 ? 74  ARG A CG  1 
ATOM   471 C  CD  . ARG A 1 61  ? 9.025   2.600   0.503   1.00 12.03 ? 74  ARG A CD  1 
ATOM   472 N  NE  . ARG A 1 61  ? 9.613   2.674   1.836   1.00 13.99 ? 74  ARG A NE  1 
ATOM   473 C  CZ  . ARG A 1 61  ? 10.265  3.729   2.310   1.00 14.20 ? 74  ARG A CZ  1 
ATOM   474 N  NH1 . ARG A 1 61  ? 10.429  4.806   1.551   1.00 14.64 ? 74  ARG A NH1 1 
ATOM   475 N  NH2 . ARG A 1 61  ? 10.731  3.719   3.552   1.00 14.65 ? 74  ARG A NH2 1 
ATOM   476 N  N   . VAL A 1 62  ? 4.348   4.399   0.741   1.00 9.90  ? 75  VAL A N   1 
ATOM   477 C  CA  . VAL A 1 62  ? 3.882   5.576   1.479   1.00 12.23 ? 75  VAL A CA  1 
ATOM   478 C  C   . VAL A 1 62  ? 4.474   5.455   2.877   1.00 14.00 ? 75  VAL A C   1 
ATOM   479 O  O   . VAL A 1 62  ? 4.864   4.363   3.294   1.00 13.45 ? 75  VAL A O   1 
ATOM   480 C  CB  . VAL A 1 62  ? 2.334   5.641   1.566   1.00 10.21 ? 75  VAL A CB  1 
ATOM   481 C  CG1 . VAL A 1 62  ? 1.747   5.860   0.182   1.00 12.46 ? 75  VAL A CG1 1 
ATOM   482 C  CG2 . VAL A 1 62  ? 1.779   4.369   2.182   1.00 11.57 ? 75  VAL A CG2 1 
HETATM 483 N  N   . MSE A 1 63  ? 4.546   6.565   3.605   1.00 16.50 ? 76  MSE A N   1 
HETATM 484 C  CA  . MSE A 1 63  ? 5.123   6.528   4.943   1.00 19.13 ? 76  MSE A CA  1 
HETATM 485 C  C   . MSE A 1 63  ? 4.241   7.194   5.994   1.00 19.08 ? 76  MSE A C   1 
HETATM 486 O  O   . MSE A 1 63  ? 3.339   7.966   5.667   1.00 18.55 ? 76  MSE A O   1 
HETATM 487 C  CB  . MSE A 1 63  ? 6.505   7.198   4.937   1.00 23.96 ? 76  MSE A CB  1 
HETATM 488 C  CG  . MSE A 1 63  ? 7.512   6.562   3.980   1.00 28.75 ? 76  MSE A CG  1 
HETATM 489 SE SE  . MSE A 1 63  ? 9.281   7.363   4.082   1.00 37.60 ? 76  MSE A SE  1 
HETATM 490 C  CE  . MSE A 1 63  ? 8.860   9.107   3.379   1.00 35.30 ? 76  MSE A CE  1 
ATOM   491 N  N   . GLY A 1 64  ? 4.513   6.873   7.257   1.00 21.27 ? 77  GLY A N   1 
ATOM   492 C  CA  . GLY A 1 64  ? 3.767   7.443   8.366   1.00 23.29 ? 77  GLY A CA  1 
ATOM   493 C  C   . GLY A 1 64  ? 2.298   7.076   8.417   1.00 23.46 ? 77  GLY A C   1 
ATOM   494 O  O   . GLY A 1 64  ? 1.471   7.863   8.879   1.00 25.00 ? 77  GLY A O   1 
ATOM   495 N  N   . VAL A 1 65  ? 1.969   5.875   7.952   1.00 23.39 ? 78  VAL A N   1 
ATOM   496 C  CA  . VAL A 1 65  ? 0.587   5.415   7.943   1.00 21.86 ? 78  VAL A CA  1 
ATOM   497 C  C   . VAL A 1 65  ? 0.338   4.309   8.962   1.00 22.36 ? 78  VAL A C   1 
ATOM   498 O  O   . VAL A 1 65  ? 1.216   3.487   9.230   1.00 22.22 ? 78  VAL A O   1 
ATOM   499 C  CB  . VAL A 1 65  ? 0.184   4.891   6.549   1.00 21.73 ? 78  VAL A CB  1 
ATOM   500 C  CG1 . VAL A 1 65  ? 0.338   5.993   5.519   1.00 21.13 ? 78  VAL A CG1 1 
ATOM   501 C  CG2 . VAL A 1 65  ? 1.034   3.687   6.178   1.00 22.31 ? 78  VAL A CG2 1 
ATOM   502 N  N   . LYS A 1 66  ? -0.866  4.296   9.523   1.00 22.49 ? 79  LYS A N   1 
ATOM   503 C  CA  . LYS A 1 66  ? -1.240  3.294   10.511  1.00 22.90 ? 79  LYS A CA  1 
ATOM   504 C  C   . LYS A 1 66  ? -2.604  2.692   10.195  1.00 21.47 ? 79  LYS A C   1 
ATOM   505 O  O   . LYS A 1 66  ? -2.955  1.634   10.714  1.00 23.23 ? 79  LYS A O   1 
ATOM   506 C  CB  . LYS A 1 66  ? -1.257  3.919   11.911  1.00 24.95 ? 79  LYS A CB  1 
ATOM   507 C  CG  . LYS A 1 66  ? 0.082   4.506   12.331  1.00 28.37 ? 79  LYS A CG  1 
ATOM   508 C  CD  . LYS A 1 66  ? 0.001   5.206   13.679  1.00 31.46 ? 79  LYS A CD  1 
ATOM   509 C  CE  . LYS A 1 66  ? 1.340   5.825   14.055  1.00 31.57 ? 79  LYS A CE  1 
ATOM   510 N  NZ  . LYS A 1 66  ? 1.272   6.594   15.330  1.00 33.63 ? 79  LYS A NZ  1 
ATOM   511 N  N   . THR A 1 67  ? -3.367  3.361   9.334   1.00 19.69 ? 80  THR A N   1 
ATOM   512 C  CA  . THR A 1 67  ? -4.698  2.887   8.966   1.00 19.63 ? 80  THR A CA  1 
ATOM   513 C  C   . THR A 1 67  ? -4.945  2.981   7.466   1.00 17.96 ? 80  THR A C   1 
ATOM   514 O  O   . THR A 1 67  ? -4.179  3.613   6.737   1.00 17.58 ? 80  THR A O   1 
ATOM   515 C  CB  . THR A 1 67  ? -5.794  3.718   9.657   1.00 19.79 ? 80  THR A CB  1 
ATOM   516 O  OG1 . THR A 1 67  ? -5.842  5.021   9.060   1.00 22.02 ? 80  THR A OG1 1 
ATOM   517 C  CG2 . THR A 1 67  ? -5.500  3.858   11.146  1.00 20.70 ? 80  THR A CG2 1 
ATOM   518 N  N   . LEU A 1 68  ? -6.024  2.349   7.015   1.00 19.00 ? 81  LEU A N   1 
ATOM   519 C  CA  . LEU A 1 68  ? -6.394  2.376   5.607   1.00 19.62 ? 81  LEU A CA  1 
ATOM   520 C  C   . LEU A 1 68  ? -6.628  3.822   5.181   1.00 19.82 ? 81  LEU A C   1 
ATOM   521 O  O   . LEU A 1 68  ? -6.187  4.246   4.113   1.00 19.83 ? 81  LEU A O   1 
ATOM   522 C  CB  . LEU A 1 68  ? -7.667  1.562   5.381   1.00 19.31 ? 81  LEU A CB  1 
ATOM   523 C  CG  . LEU A 1 68  ? -8.335  1.706   4.012   1.00 21.17 ? 81  LEU A CG  1 
ATOM   524 C  CD1 . LEU A 1 68  ? -7.384  1.251   2.915   1.00 19.75 ? 81  LEU A CD1 1 
ATOM   525 C  CD2 . LEU A 1 68  ? -9.614  0.889   3.987   1.00 22.16 ? 81  LEU A CD2 1 
ATOM   526 N  N   . ASP A 1 69  ? -7.328  4.575   6.025   1.00 22.10 ? 82  ASP A N   1 
ATOM   527 C  CA  . ASP A 1 69  ? -7.611  5.976   5.738   1.00 24.01 ? 82  ASP A CA  1 
ATOM   528 C  C   . ASP A 1 69  ? -6.322  6.771   5.560   1.00 23.31 ? 82  ASP A C   1 
ATOM   529 O  O   . ASP A 1 69  ? -6.219  7.597   4.652   1.00 23.11 ? 82  ASP A O   1 
ATOM   530 C  CB  . ASP A 1 69  ? -8.446  6.594   6.864   1.00 27.26 ? 82  ASP A CB  1 
ATOM   531 C  CG  . ASP A 1 69  ? -9.897  6.156   6.823   1.00 30.23 ? 82  ASP A CG  1 
ATOM   532 O  OD1 . ASP A 1 69  ? -10.652 6.514   7.751   1.00 33.61 ? 82  ASP A OD1 1 
ATOM   533 O  OD2 . ASP A 1 69  ? -10.286 5.458   5.863   1.00 33.04 ? 82  ASP A OD2 1 
ATOM   534 N  N   . ASP A 1 70  ? -5.344  6.522   6.426   1.00 22.21 ? 83  ASP A N   1 
ATOM   535 C  CA  . ASP A 1 70  ? -4.063  7.219   6.337   1.00 22.46 ? 83  ASP A CA  1 
ATOM   536 C  C   . ASP A 1 70  ? -3.394  6.927   4.999   1.00 21.07 ? 83  ASP A C   1 
ATOM   537 O  O   . ASP A 1 70  ? -2.855  7.827   4.353   1.00 20.76 ? 83  ASP A O   1 
ATOM   538 C  CB  . ASP A 1 70  ? -3.119  6.790   7.465   1.00 24.63 ? 83  ASP A CB  1 
ATOM   539 C  CG  . ASP A 1 70  ? -3.557  7.300   8.823   1.00 27.57 ? 83  ASP A CG  1 
ATOM   540 O  OD1 . ASP A 1 70  ? -3.965  8.474   8.915   1.00 30.16 ? 83  ASP A OD1 1 
ATOM   541 O  OD2 . ASP A 1 70  ? -3.473  6.528   9.800   1.00 31.14 ? 83  ASP A OD2 1 
HETATM 542 N  N   . MSE A 1 71  ? -3.428  5.664   4.586   1.00 20.09 ? 84  MSE A N   1 
HETATM 543 C  CA  . MSE A 1 71  ? -2.814  5.268   3.324   1.00 18.00 ? 84  MSE A CA  1 
HETATM 544 C  C   . MSE A 1 71  ? -3.436  5.958   2.119   1.00 17.63 ? 84  MSE A C   1 
HETATM 545 O  O   . MSE A 1 71  ? -2.727  6.475   1.260   1.00 17.05 ? 84  MSE A O   1 
HETATM 546 C  CB  . MSE A 1 71  ? -2.912  3.755   3.121   1.00 19.95 ? 84  MSE A CB  1 
HETATM 547 C  CG  . MSE A 1 71  ? -1.972  2.943   3.979   1.00 19.55 ? 84  MSE A CG  1 
HETATM 548 SE SE  . MSE A 1 71  ? -1.912  1.115   3.358   1.00 20.09 ? 84  MSE A SE  1 
HETATM 549 C  CE  . MSE A 1 71  ? -0.705  1.335   1.891   1.00 17.13 ? 84  MSE A CE  1 
ATOM   550 N  N   . LEU A 1 72  ? -4.763  5.958   2.056   1.00 17.96 ? 85  LEU A N   1 
ATOM   551 C  CA  . LEU A 1 72  ? -5.464  6.575   0.937   1.00 18.23 ? 85  LEU A CA  1 
ATOM   552 C  C   . LEU A 1 72  ? -5.218  8.077   0.836   1.00 18.49 ? 85  LEU A C   1 
ATOM   553 O  O   . LEU A 1 72  ? -5.240  8.643   -0.260  1.00 18.62 ? 85  LEU A O   1 
ATOM   554 C  CB  . LEU A 1 72  ? -6.965  6.299   1.049   1.00 19.55 ? 85  LEU A CB  1 
ATOM   555 C  CG  . LEU A 1 72  ? -7.359  4.825   0.920   1.00 21.06 ? 85  LEU A CG  1 
ATOM   556 C  CD1 . LEU A 1 72  ? -8.852  4.671   1.177   1.00 21.74 ? 85  LEU A CD1 1 
ATOM   557 C  CD2 . LEU A 1 72  ? -6.995  4.315   -0.468  1.00 21.64 ? 85  LEU A CD2 1 
ATOM   558 N  N   . SER A 1 73  ? -4.976  8.718   1.974   1.00 20.32 ? 86  SER A N   1 
ATOM   559 C  CA  . SER A 1 73  ? -4.732  10.156  2.003   1.00 21.55 ? 86  SER A CA  1 
ATOM   560 C  C   . SER A 1 73  ? -3.244  10.489  1.961   1.00 21.59 ? 86  SER A C   1 
ATOM   561 O  O   . SER A 1 73  ? -2.867  11.658  1.877   1.00 23.57 ? 86  SER A O   1 
ATOM   562 C  CB  . SER A 1 73  ? -5.353  10.774  3.259   1.00 22.90 ? 86  SER A CB  1 
ATOM   563 O  OG  . SER A 1 73  ? -6.755  10.574  3.283   1.00 27.16 ? 86  SER A OG  1 
ATOM   564 N  N   . ALA A 1 74  ? -2.401  9.462   2.006   1.00 20.11 ? 87  ALA A N   1 
ATOM   565 C  CA  . ALA A 1 74  ? -0.958  9.666   1.985   1.00 19.01 ? 87  ALA A CA  1 
ATOM   566 C  C   . ALA A 1 74  ? -0.421  9.898   0.580   1.00 17.34 ? 87  ALA A C   1 
ATOM   567 O  O   . ALA A 1 74  ? -1.000  9.441   -0.406  1.00 17.83 ? 87  ALA A O   1 
ATOM   568 C  CB  . ALA A 1 74  ? -0.254  8.470   2.612   1.00 18.90 ? 87  ALA A CB  1 
ATOM   569 N  N   . LYS A 1 75  ? 0.692   10.617  0.497   1.00 17.45 ? 88  LYS A N   1 
ATOM   570 C  CA  . LYS A 1 75  ? 1.310   10.888  -0.791  1.00 16.92 ? 88  LYS A CA  1 
ATOM   571 C  C   . LYS A 1 75  ? 2.364   9.831   -1.089  1.00 15.13 ? 88  LYS A C   1 
ATOM   572 O  O   . LYS A 1 75  ? 3.104   9.404   -0.199  1.00 15.74 ? 88  LYS A O   1 
ATOM   573 C  CB  . LYS A 1 75  ? 1.951   12.278  -0.796  1.00 19.45 ? 88  LYS A CB  1 
ATOM   574 C  CG  . LYS A 1 75  ? 0.964   13.405  -0.555  1.00 22.46 ? 88  LYS A CG  1 
ATOM   575 C  CD  . LYS A 1 75  ? 1.650   14.756  -0.626  1.00 26.68 ? 88  LYS A CD  1 
ATOM   576 C  CE  . LYS A 1 75  ? 0.675   15.880  -0.305  1.00 28.61 ? 88  LYS A CE  1 
ATOM   577 N  NZ  . LYS A 1 75  ? -0.498  15.874  -1.225  1.00 31.45 ? 88  LYS A NZ  1 
ATOM   578 N  N   . VAL A 1 76  ? 2.406   9.400   -2.344  1.00 13.27 ? 89  VAL A N   1 
ATOM   579 C  CA  . VAL A 1 76  ? 3.369   8.408   -2.789  1.00 11.95 ? 89  VAL A CA  1 
ATOM   580 C  C   . VAL A 1 76  ? 4.766   8.968   -2.565  1.00 12.07 ? 89  VAL A C   1 
ATOM   581 O  O   . VAL A 1 76  ? 5.071   10.063  -3.034  1.00 12.57 ? 89  VAL A O   1 
ATOM   582 C  CB  . VAL A 1 76  ? 3.186   8.108   -4.290  1.00 12.30 ? 89  VAL A CB  1 
ATOM   583 C  CG1 . VAL A 1 76  ? 4.335   7.250   -4.805  1.00 13.38 ? 89  VAL A CG1 1 
ATOM   584 C  CG2 . VAL A 1 76  ? 1.855   7.410   -4.515  1.00 14.18 ? 89  VAL A CG2 1 
ATOM   585 N  N   . VAL A 1 77  ? 5.607   8.233   -1.842  1.00 10.57 ? 90  VAL A N   1 
ATOM   586 C  CA  . VAL A 1 77  ? 6.975   8.685   -1.591  1.00 11.98 ? 90  VAL A CA  1 
ATOM   587 C  C   . VAL A 1 77  ? 7.907   8.112   -2.652  1.00 12.56 ? 90  VAL A C   1 
ATOM   588 O  O   . VAL A 1 77  ? 8.844   8.776   -3.111  1.00 12.87 ? 90  VAL A O   1 
ATOM   589 C  CB  . VAL A 1 77  ? 7.452   8.254   -0.188  1.00 14.59 ? 90  VAL A CB  1 
ATOM   590 C  CG1 . VAL A 1 77  ? 8.894   8.686   0.032   1.00 17.37 ? 90  VAL A CG1 1 
ATOM   591 C  CG2 . VAL A 1 77  ? 6.545   8.874   0.869   1.00 16.25 ? 90  VAL A CG2 1 
ATOM   592 N  N   . GLU A 1 78  ? 7.636   6.872   -3.042  1.00 12.24 ? 91  GLU A N   1 
ATOM   593 C  CA  . GLU A 1 78  ? 8.407   6.191   -4.068  1.00 11.90 ? 91  GLU A CA  1 
ATOM   594 C  C   . GLU A 1 78  ? 7.448   5.418   -4.962  1.00 11.05 ? 91  GLU A C   1 
ATOM   595 O  O   . GLU A 1 78  ? 6.480   4.833   -4.485  1.00 11.22 ? 91  GLU A O   1 
ATOM   596 C  CB  . GLU A 1 78  ? 9.401   5.212   -3.450  1.00 12.72 ? 91  GLU A CB  1 
ATOM   597 C  CG  . GLU A 1 78  ? 10.621  5.844   -2.831  1.00 14.88 ? 91  GLU A CG  1 
ATOM   598 C  CD  . GLU A 1 78  ? 11.591  4.799   -2.332  1.00 15.47 ? 91  GLU A CD  1 
ATOM   599 O  OE1 . GLU A 1 78  ? 11.398  4.297   -1.207  1.00 14.97 ? 91  GLU A OE1 1 
ATOM   600 O  OE2 . GLU A 1 78  ? 12.536  4.464   -3.078  1.00 18.65 ? 91  GLU A OE2 1 
ATOM   601 N  N   . ALA A 1 79  ? 7.720   5.431   -6.260  1.00 9.74  ? 92  ALA A N   1 
ATOM   602 C  CA  . ALA A 1 79  ? 6.902   4.714   -7.227  1.00 9.22  ? 92  ALA A CA  1 
ATOM   603 C  C   . ALA A 1 79  ? 7.830   3.814   -8.031  1.00 9.08  ? 92  ALA A C   1 
ATOM   604 O  O   . ALA A 1 79  ? 8.912   4.240   -8.441  1.00 10.71 ? 92  ALA A O   1 
ATOM   605 C  CB  . ALA A 1 79  ? 6.199   5.700   -8.159  1.00 10.48 ? 92  ALA A CB  1 
ATOM   606 N  N   . SER A 1 80  ? 7.421   2.570   -8.256  1.00 9.45  ? 93  SER A N   1 
ATOM   607 C  CA  . SER A 1 80  ? 8.262   1.653   -9.017  1.00 8.83  ? 93  SER A CA  1 
ATOM   608 C  C   . SER A 1 80  ? 8.328   2.105   -10.465 1.00 11.58 ? 93  SER A C   1 
ATOM   609 O  O   . SER A 1 80  ? 7.530   2.933   -10.911 1.00 9.92  ? 93  SER A O   1 
ATOM   610 C  CB  . SER A 1 80  ? 7.709   0.228   -8.960  1.00 9.98  ? 93  SER A CB  1 
ATOM   611 O  OG  . SER A 1 80  ? 6.521   0.116   -9.721  1.00 10.74 ? 93  SER A OG  1 
ATOM   612 N  N   . GLN A 1 81  ? 9.280   1.550   -11.203 1.00 11.69 ? 94  GLN A N   1 
ATOM   613 C  CA  . GLN A 1 81  ? 9.429   1.908   -12.604 1.00 12.05 ? 94  GLN A CA  1 
ATOM   614 C  C   . GLN A 1 81  ? 8.164   1.571   -13.392 1.00 11.70 ? 94  GLN A C   1 
ATOM   615 O  O   . GLN A 1 81  ? 7.711   2.373   -14.210 1.00 11.66 ? 94  GLN A O   1 
ATOM   616 C  CB  . GLN A 1 81  ? 10.638  1.190   -13.196 1.00 12.56 ? 94  GLN A CB  1 
ATOM   617 C  CG  . GLN A 1 81  ? 11.938  1.555   -12.503 1.00 14.20 ? 94  GLN A CG  1 
ATOM   618 C  CD  . GLN A 1 81  ? 13.135  0.846   -13.088 1.00 14.98 ? 94  GLN A CD  1 
ATOM   619 O  OE1 . GLN A 1 81  ? 13.906  1.431   -13.853 1.00 18.17 ? 94  GLN A OE1 1 
ATOM   620 N  NE2 . GLN A 1 81  ? 13.297  -0.423  -12.741 1.00 18.28 ? 94  GLN A NE2 1 
ATOM   621 N  N   . GLU A 1 82  ? 7.588   0.396   -13.151 1.00 11.39 ? 95  GLU A N   1 
ATOM   622 C  CA  . GLU A 1 82  ? 6.364   0.014   -13.857 1.00 12.16 ? 95  GLU A CA  1 
ATOM   623 C  C   . GLU A 1 82  ? 5.199   0.918   -13.445 1.00 12.85 ? 95  GLU A C   1 
ATOM   624 O  O   . GLU A 1 82  ? 4.280   1.156   -14.229 1.00 13.69 ? 95  GLU A O   1 
ATOM   625 C  CB  . GLU A 1 82  ? 6.007   -1.451  -13.585 1.00 13.95 ? 95  GLU A CB  1 
ATOM   626 C  CG  . GLU A 1 82  ? 6.926   -2.477  -14.250 1.00 16.58 ? 95  GLU A CG  1 
ATOM   627 C  CD  . GLU A 1 82  ? 6.929   -2.380  -15.769 1.00 19.62 ? 95  GLU A CD  1 
ATOM   628 O  OE1 . GLU A 1 82  ? 5.890   -2.004  -16.351 1.00 21.60 ? 95  GLU A OE1 1 
ATOM   629 O  OE2 . GLU A 1 82  ? 7.970   -2.695  -16.383 1.00 23.38 ? 95  GLU A OE2 1 
ATOM   630 N  N   . ALA A 1 83  ? 5.229   1.417   -12.214 1.00 11.45 ? 96  ALA A N   1 
ATOM   631 C  CA  . ALA A 1 83  ? 4.170   2.300   -11.744 1.00 12.00 ? 96  ALA A CA  1 
ATOM   632 C  C   . ALA A 1 83  ? 4.301   3.653   -12.436 1.00 12.50 ? 96  ALA A C   1 
ATOM   633 O  O   . ALA A 1 83  ? 3.306   4.274   -12.807 1.00 12.52 ? 96  ALA A O   1 
ATOM   634 C  CB  . ALA A 1 83  ? 4.254   2.467   -10.228 1.00 10.94 ? 96  ALA A CB  1 
ATOM   635 N  N   . GLN A 1 84  ? 5.536   4.107   -12.615 1.00 12.93 ? 97  GLN A N   1 
ATOM   636 C  CA  . GLN A 1 84  ? 5.769   5.385   -13.274 1.00 14.05 ? 97  GLN A CA  1 
ATOM   637 C  C   . GLN A 1 84  ? 5.348   5.305   -14.735 1.00 14.86 ? 97  GLN A C   1 
ATOM   638 O  O   . GLN A 1 84  ? 4.884   6.291   -15.308 1.00 15.74 ? 97  GLN A O   1 
ATOM   639 C  CB  . GLN A 1 84  ? 7.245   5.769   -13.173 1.00 15.64 ? 97  GLN A CB  1 
ATOM   640 C  CG  . GLN A 1 84  ? 7.697   6.079   -11.754 1.00 20.42 ? 97  GLN A CG  1 
ATOM   641 C  CD  . GLN A 1 84  ? 9.162   6.457   -11.679 1.00 25.29 ? 97  GLN A CD  1 
ATOM   642 O  OE1 . GLN A 1 84  ? 9.609   7.397   -12.340 1.00 29.23 ? 97  GLN A OE1 1 
ATOM   643 N  NE2 . GLN A 1 84  ? 9.920   5.728   -10.868 1.00 25.98 ? 97  GLN A NE2 1 
ATOM   644 N  N   . LYS A 1 85  ? 5.508   4.129   -15.332 1.00 14.76 ? 98  LYS A N   1 
ATOM   645 C  CA  . LYS A 1 85  ? 5.128   3.938   -16.727 1.00 17.43 ? 98  LYS A CA  1 
ATOM   646 C  C   . LYS A 1 85  ? 3.630   4.140   -16.938 1.00 17.18 ? 98  LYS A C   1 
ATOM   647 O  O   . LYS A 1 85  ? 3.204   4.527   -18.026 1.00 17.53 ? 98  LYS A O   1 
ATOM   648 C  CB  . LYS A 1 85  ? 5.546   2.544   -17.206 1.00 19.48 ? 98  LYS A CB  1 
ATOM   649 C  CG  . LYS A 1 85  ? 7.051   2.397   -17.415 1.00 24.35 ? 98  LYS A CG  1 
ATOM   650 C  CD  . LYS A 1 85  ? 7.440   0.967   -17.768 1.00 28.07 ? 98  LYS A CD  1 
ATOM   651 C  CE  . LYS A 1 85  ? 6.818   0.514   -19.079 1.00 27.91 ? 98  LYS A CE  1 
ATOM   652 N  NZ  . LYS A 1 85  ? 7.188   -0.895  -19.397 1.00 29.75 ? 98  LYS A NZ  1 
ATOM   653 N  N   . VAL A 1 86  ? 2.825   3.887   -15.909 1.00 17.36 ? 99  VAL A N   1 
ATOM   654 C  CA  . VAL A 1 86  ? 1.384   4.079   -16.046 1.00 18.07 ? 99  VAL A CA  1 
ATOM   655 C  C   . VAL A 1 86  ? 0.925   5.424   -15.489 1.00 17.64 ? 99  VAL A C   1 
ATOM   656 O  O   . VAL A 1 86  ? -0.269  5.644   -15.273 1.00 19.49 ? 99  VAL A O   1 
ATOM   657 C  CB  . VAL A 1 86  ? 0.577   2.932   -15.390 1.00 18.10 ? 99  VAL A CB  1 
ATOM   658 C  CG1 . VAL A 1 86  ? 0.844   1.628   -16.126 1.00 19.00 ? 99  VAL A CG1 1 
ATOM   659 C  CG2 . VAL A 1 86  ? 0.934   2.802   -13.925 1.00 19.66 ? 99  VAL A CG2 1 
ATOM   660 N  N   . GLY A 1 87  ? 1.882   6.320   -15.252 1.00 19.08 ? 100 GLY A N   1 
ATOM   661 C  CA  . GLY A 1 87  ? 1.550   7.655   -14.780 1.00 18.81 ? 100 GLY A CA  1 
ATOM   662 C  C   . GLY A 1 87  ? 1.642   7.980   -13.304 1.00 18.67 ? 100 GLY A C   1 
ATOM   663 O  O   . GLY A 1 87  ? 1.382   9.119   -12.917 1.00 18.66 ? 100 GLY A O   1 
ATOM   664 N  N   . ILE A 1 88  ? 2.008   7.007   -12.477 1.00 16.44 ? 101 ILE A N   1 
ATOM   665 C  CA  . ILE A 1 88  ? 2.114   7.247   -11.040 1.00 15.99 ? 101 ILE A CA  1 
ATOM   666 C  C   . ILE A 1 88  ? 3.483   7.816   -10.689 1.00 16.49 ? 101 ILE A C   1 
ATOM   667 O  O   . ILE A 1 88  ? 4.514   7.264   -11.073 1.00 17.29 ? 101 ILE A O   1 
ATOM   668 C  CB  . ILE A 1 88  ? 1.905   5.949   -10.234 1.00 15.30 ? 101 ILE A CB  1 
ATOM   669 C  CG1 . ILE A 1 88  ? 0.539   5.345   -10.567 1.00 15.42 ? 101 ILE A CG1 1 
ATOM   670 C  CG2 . ILE A 1 88  ? 1.995   6.246   -8.740  1.00 16.52 ? 101 ILE A CG2 1 
ATOM   671 C  CD1 . ILE A 1 88  ? 0.291   4.004   -9.917  1.00 16.84 ? 101 ILE A CD1 1 
ATOM   672 N  N   . ASN A 1 89  ? 3.489   8.924   -9.959  1.00 16.58 ? 102 ASN A N   1 
ATOM   673 C  CA  . ASN A 1 89  ? 4.743   9.549   -9.565  1.00 17.20 ? 102 ASN A CA  1 
ATOM   674 C  C   . ASN A 1 89  ? 4.754   9.979   -8.112  1.00 15.52 ? 102 ASN A C   1 
ATOM   675 O  O   . ASN A 1 89  ? 3.705   10.147  -7.487  1.00 15.38 ? 102 ASN A O   1 
ATOM   676 C  CB  . ASN A 1 89  ? 5.041   10.773  -10.438 1.00 20.68 ? 102 ASN A CB  1 
ATOM   677 C  CG  . ASN A 1 89  ? 5.391   10.403  -11.867 1.00 22.80 ? 102 ASN A CG  1 
ATOM   678 O  OD1 . ASN A 1 89  ? 4.537   10.413  -12.748 1.00 27.23 ? 102 ASN A OD1 1 
ATOM   679 N  ND2 . ASN A 1 89  ? 6.653   10.064  -12.097 1.00 25.77 ? 102 ASN A ND2 1 
ATOM   680 N  N   . PRO A 1 90  ? 5.958   10.150  -7.549  1.00 14.99 ? 103 PRO A N   1 
ATOM   681 C  CA  . PRO A 1 90  ? 6.102   10.576  -6.159  1.00 14.78 ? 103 PRO A CA  1 
ATOM   682 C  C   . PRO A 1 90  ? 5.331   11.885  -6.021  1.00 15.18 ? 103 PRO A C   1 
ATOM   683 O  O   . PRO A 1 90  ? 5.424   12.757  -6.890  1.00 15.12 ? 103 PRO A O   1 
ATOM   684 C  CB  . PRO A 1 90  ? 7.606   10.785  -6.020  1.00 16.80 ? 103 PRO A CB  1 
ATOM   685 C  CG  . PRO A 1 90  ? 8.174   9.782   -6.970  1.00 16.85 ? 103 PRO A CG  1 
ATOM   686 C  CD  . PRO A 1 90  ? 7.274   9.906   -8.169  1.00 16.86 ? 103 PRO A CD  1 
ATOM   687 N  N   . GLY A 1 91  ? 4.562   12.017  -4.948  1.00 13.57 ? 104 GLY A N   1 
ATOM   688 C  CA  . GLY A 1 91  ? 3.792   13.228  -4.749  1.00 16.41 ? 104 GLY A CA  1 
ATOM   689 C  C   . GLY A 1 91  ? 2.303   13.003  -4.923  1.00 16.52 ? 104 GLY A C   1 
ATOM   690 O  O   . GLY A 1 91  ? 1.494   13.701  -4.314  1.00 18.00 ? 104 GLY A O   1 
ATOM   691 N  N   . ASP A 1 92  ? 1.936   12.034  -5.754  1.00 15.76 ? 105 ASP A N   1 
ATOM   692 C  CA  . ASP A 1 92  ? 0.525   11.734  -5.981  1.00 15.89 ? 105 ASP A CA  1 
ATOM   693 C  C   . ASP A 1 92  ? -0.137  11.217  -4.710  1.00 16.39 ? 105 ASP A C   1 
ATOM   694 O  O   . ASP A 1 92  ? 0.475   10.482  -3.935  1.00 15.58 ? 105 ASP A O   1 
ATOM   695 C  CB  . ASP A 1 92  ? 0.352   10.670  -7.073  1.00 16.39 ? 105 ASP A CB  1 
ATOM   696 C  CG  . ASP A 1 92  ? 0.673   11.186  -8.459  1.00 18.98 ? 105 ASP A CG  1 
ATOM   697 O  OD1 . ASP A 1 92  ? 0.590   12.413  -8.673  1.00 18.90 ? 105 ASP A OD1 1 
ATOM   698 O  OD2 . ASP A 1 92  ? 0.989   10.358  -9.340  1.00 17.62 ? 105 ASP A OD2 1 
ATOM   699 N  N   . VAL A 1 93  ? -1.390  11.605  -4.492  1.00 16.59 ? 106 VAL A N   1 
ATOM   700 C  CA  . VAL A 1 93  ? -2.132  11.128  -3.332  1.00 16.84 ? 106 VAL A CA  1 
ATOM   701 C  C   . VAL A 1 93  ? -2.639  9.747   -3.744  1.00 15.57 ? 106 VAL A C   1 
ATOM   702 O  O   . VAL A 1 93  ? -3.242  9.596   -4.805  1.00 15.17 ? 106 VAL A O   1 
ATOM   703 C  CB  . VAL A 1 93  ? -3.329  12.044  -3.005  1.00 18.03 ? 106 VAL A CB  1 
ATOM   704 C  CG1 . VAL A 1 93  ? -4.096  11.492  -1.808  1.00 19.84 ? 106 VAL A CG1 1 
ATOM   705 C  CG2 . VAL A 1 93  ? -2.836  13.457  -2.724  1.00 19.79 ? 106 VAL A CG2 1 
ATOM   706 N  N   . LEU A 1 94  ? -2.388  8.741   -2.912  1.00 14.92 ? 107 LEU A N   1 
ATOM   707 C  CA  . LEU A 1 94  ? -2.786  7.375   -3.243  1.00 15.22 ? 107 LEU A CA  1 
ATOM   708 C  C   . LEU A 1 94  ? -4.217  7.225   -3.757  1.00 15.70 ? 107 LEU A C   1 
ATOM   709 O  O   . LEU A 1 94  ? -4.453  6.550   -4.758  1.00 16.26 ? 107 LEU A O   1 
ATOM   710 C  CB  . LEU A 1 94  ? -2.569  6.452   -2.037  1.00 15.58 ? 107 LEU A CB  1 
ATOM   711 C  CG  . LEU A 1 94  ? -2.830  4.964   -2.286  1.00 16.28 ? 107 LEU A CG  1 
ATOM   712 C  CD1 . LEU A 1 94  ? -1.949  4.471   -3.425  1.00 16.59 ? 107 LEU A CD1 1 
ATOM   713 C  CD2 . LEU A 1 94  ? -2.551  4.170   -1.017  1.00 16.09 ? 107 LEU A CD2 1 
ATOM   714 N  N   . ARG A 1 95  ? -5.172  7.851   -3.079  1.00 17.56 ? 108 ARG A N   1 
ATOM   715 C  CA  . ARG A 1 95  ? -6.572  7.757   -3.492  1.00 19.90 ? 108 ARG A CA  1 
ATOM   716 C  C   . ARG A 1 95  ? -6.767  8.165   -4.951  1.00 20.54 ? 108 ARG A C   1 
ATOM   717 O  O   . ARG A 1 95  ? -7.628  7.626   -5.649  1.00 20.87 ? 108 ARG A O   1 
ATOM   718 C  CB  . ARG A 1 95  ? -7.441  8.642   -2.595  1.00 23.05 ? 108 ARG A CB  1 
ATOM   719 C  CG  . ARG A 1 95  ? -8.938  8.503   -2.836  1.00 27.29 ? 108 ARG A CG  1 
ATOM   720 C  CD  . ARG A 1 95  ? -9.445  7.129   -2.416  1.00 31.10 ? 108 ARG A CD  1 
ATOM   721 N  NE  . ARG A 1 95  ? -10.878 6.975   -2.657  1.00 34.24 ? 108 ARG A NE  1 
ATOM   722 C  CZ  . ARG A 1 95  ? -11.437 6.957   -3.864  1.00 35.63 ? 108 ARG A CZ  1 
ATOM   723 N  NH1 . ARG A 1 95  ? -10.685 7.081   -4.950  1.00 35.79 ? 108 ARG A NH1 1 
ATOM   724 N  NH2 . ARG A 1 95  ? -12.750 6.816   -3.986  1.00 37.50 ? 108 ARG A NH2 1 
ATOM   725 N  N   . ASN A 1 96  ? -5.952  9.110   -5.410  1.00 20.62 ? 109 ASN A N   1 
ATOM   726 C  CA  . ASN A 1 96  ? -6.046  9.615   -6.775  1.00 21.52 ? 109 ASN A CA  1 
ATOM   727 C  C   . ASN A 1 96  ? -5.437  8.710   -7.846  1.00 20.01 ? 109 ASN A C   1 
ATOM   728 O  O   . ASN A 1 96  ? -5.652  8.930   -9.039  1.00 21.59 ? 109 ASN A O   1 
ATOM   729 C  CB  . ASN A 1 96  ? -5.398  11.001  -6.860  1.00 23.29 ? 109 ASN A CB  1 
ATOM   730 C  CG  . ASN A 1 96  ? -6.143  12.050  -6.050  1.00 25.68 ? 109 ASN A CG  1 
ATOM   731 O  OD1 . ASN A 1 96  ? -5.665  13.173  -5.881  1.00 27.80 ? 109 ASN A OD1 1 
ATOM   732 N  ND2 . ASN A 1 96  ? -7.321  11.691  -5.551  1.00 26.60 ? 109 ASN A ND2 1 
ATOM   733 N  N   . VAL A 1 97  ? -4.683  7.695   -7.434  1.00 18.37 ? 110 VAL A N   1 
ATOM   734 C  CA  . VAL A 1 97  ? -4.065  6.800   -8.406  1.00 17.23 ? 110 VAL A CA  1 
ATOM   735 C  C   . VAL A 1 97  ? -4.270  5.319   -8.107  1.00 16.78 ? 110 VAL A C   1 
ATOM   736 O  O   . VAL A 1 97  ? -3.768  4.465   -8.835  1.00 15.36 ? 110 VAL A O   1 
ATOM   737 C  CB  . VAL A 1 97  ? -2.545  7.058   -8.519  1.00 17.25 ? 110 VAL A CB  1 
ATOM   738 C  CG1 . VAL A 1 97  ? -2.292  8.506   -8.930  1.00 18.38 ? 110 VAL A CG1 1 
ATOM   739 C  CG2 . VAL A 1 97  ? -1.860  6.742   -7.196  1.00 18.48 ? 110 VAL A CG2 1 
ATOM   740 N  N   . ILE A 1 98  ? -5.015  5.017   -7.049  1.00 17.20 ? 111 ILE A N   1 
ATOM   741 C  CA  . ILE A 1 98  ? -5.258  3.629   -6.660  1.00 18.58 ? 111 ILE A CA  1 
ATOM   742 C  C   . ILE A 1 98  ? -5.918  2.824   -7.779  1.00 17.83 ? 111 ILE A C   1 
ATOM   743 O  O   . ILE A 1 98  ? -5.728  1.613   -7.883  1.00 16.18 ? 111 ILE A O   1 
ATOM   744 C  CB  . ILE A 1 98  ? -6.146  3.561   -5.395  1.00 19.53 ? 111 ILE A CB  1 
ATOM   745 C  CG1 . ILE A 1 98  ? -6.108  2.153   -4.804  1.00 21.24 ? 111 ILE A CG1 1 
ATOM   746 C  CG2 . ILE A 1 98  ? -7.576  3.947   -5.738  1.00 21.24 ? 111 ILE A CG2 1 
ATOM   747 C  CD1 . ILE A 1 98  ? -4.755  1.756   -4.273  1.00 24.94 ? 111 ILE A CD1 1 
ATOM   748 N  N   . ASP A 1 99  ? -6.693  3.504   -8.617  1.00 18.83 ? 112 ASP A N   1 
ATOM   749 C  CA  . ASP A 1 99  ? -7.372  2.843   -9.723  1.00 21.11 ? 112 ASP A CA  1 
ATOM   750 C  C   . ASP A 1 99  ? -6.377  2.118   -10.627 1.00 20.46 ? 112 ASP A C   1 
ATOM   751 O  O   . ASP A 1 99  ? -6.710  1.112   -11.251 1.00 20.88 ? 112 ASP A O   1 
ATOM   752 C  CB  . ASP A 1 99  ? -8.151  3.875   -10.541 1.00 24.15 ? 112 ASP A CB  1 
ATOM   753 C  CG  . ASP A 1 99  ? -7.245  4.898   -11.196 1.00 28.53 ? 112 ASP A CG  1 
ATOM   754 O  OD1 . ASP A 1 99  ? -6.591  4.559   -12.204 1.00 32.09 ? 112 ASP A OD1 1 
ATOM   755 O  OD2 . ASP A 1 99  ? -7.178  6.040   -10.694 1.00 32.76 ? 112 ASP A OD2 1 
ATOM   756 N  N   . LYS A 1 100 ? -5.151  2.628   -10.690 1.00 19.82 ? 113 LYS A N   1 
ATOM   757 C  CA  . LYS A 1 100 ? -4.126  2.025   -11.533 1.00 21.16 ? 113 LYS A CA  1 
ATOM   758 C  C   . LYS A 1 100 ? -3.480  0.782   -10.924 1.00 20.86 ? 113 LYS A C   1 
ATOM   759 O  O   . LYS A 1 100 ? -2.640  0.137   -11.554 1.00 21.12 ? 113 LYS A O   1 
ATOM   760 C  CB  . LYS A 1 100 ? -3.060  3.068   -11.880 1.00 22.62 ? 113 LYS A CB  1 
ATOM   761 C  CG  . LYS A 1 100 ? -3.612  4.204   -12.733 1.00 24.15 ? 113 LYS A CG  1 
ATOM   762 C  CD  . LYS A 1 100 ? -2.584  5.286   -13.016 1.00 25.88 ? 113 LYS A CD  1 
ATOM   763 C  CE  . LYS A 1 100 ? -3.160  6.333   -13.960 1.00 27.15 ? 113 LYS A CE  1 
ATOM   764 N  NZ  . LYS A 1 100 ? -2.181  7.403   -14.286 1.00 28.02 ? 113 LYS A NZ  1 
ATOM   765 N  N   . LEU A 1 101 ? -3.883  0.438   -9.704  1.00 19.04 ? 114 LEU A N   1 
ATOM   766 C  CA  . LEU A 1 101 ? -3.343  -0.741  -9.034  1.00 19.88 ? 114 LEU A CA  1 
ATOM   767 C  C   . LEU A 1 101 ? -4.324  -1.905  -9.121  1.00 19.48 ? 114 LEU A C   1 
ATOM   768 O  O   . LEU A 1 101 ? -4.004  -3.031  -8.736  1.00 17.90 ? 114 LEU A O   1 
ATOM   769 C  CB  . LEU A 1 101 ? -3.047  -0.433  -7.564  1.00 19.21 ? 114 LEU A CB  1 
ATOM   770 C  CG  . LEU A 1 101 ? -2.077  0.717   -7.287  1.00 20.45 ? 114 LEU A CG  1 
ATOM   771 C  CD1 . LEU A 1 101 ? -1.812  0.808   -5.788  1.00 19.61 ? 114 LEU A CD1 1 
ATOM   772 C  CD2 . LEU A 1 101 ? -0.778  0.485   -8.040  1.00 20.61 ? 114 LEU A CD2 1 
ATOM   773 N  N   . GLY A 1 102 ? -5.521  -1.628  -9.628  1.00 21.55 ? 115 GLY A N   1 
ATOM   774 C  CA  . GLY A 1 102 ? -6.525  -2.670  -9.745  1.00 24.64 ? 115 GLY A CA  1 
ATOM   775 C  C   . GLY A 1 102 ? -6.542  -3.301  -11.120 1.00 27.06 ? 115 GLY A C   1 
ATOM   776 O  O   . GLY A 1 102 ? -6.950  -2.669  -12.091 1.00 28.76 ? 115 GLY A O   1 
ATOM   777 O  OXT . GLY A 1 102 ? -6.072  -4.440  -11.228 1.00 19.87 ? 115 GLY A OXT 1 
HETATM 778 O  O   . HOH B 2 .   ? 8.813   -1.663  -11.555 1.00 11.51 ? 116 HOH A O   1 
HETATM 779 O  O   . HOH B 2 .   ? 3.533   9.055   2.642   1.00 16.43 ? 117 HOH A O   1 
HETATM 780 O  O   . HOH B 2 .   ? 10.264  6.883   -6.864  1.00 15.02 ? 118 HOH A O   1 
HETATM 781 O  O   . HOH B 2 .   ? 12.475  1.593   -0.489  1.00 15.21 ? 119 HOH A O   1 
HETATM 782 O  O   . HOH B 2 .   ? 16.482  -2.867  -7.758  1.00 18.12 ? 120 HOH A O   1 
HETATM 783 O  O   . HOH B 2 .   ? 11.182  -2.545  -12.598 1.00 19.04 ? 121 HOH A O   1 
HETATM 784 O  O   . HOH B 2 .   ? 2.768   -5.726  -9.944  1.00 23.06 ? 122 HOH A O   1 
HETATM 785 O  O   . HOH B 2 .   ? 11.524  3.525   -8.463  1.00 19.59 ? 123 HOH A O   1 
HETATM 786 O  O   . HOH B 2 .   ? 17.824  -3.798  -0.907  1.00 19.64 ? 124 HOH A O   1 
HETATM 787 O  O   . HOH B 2 .   ? 12.397  5.176   -5.968  1.00 19.31 ? 125 HOH A O   1 
HETATM 788 O  O   . HOH B 2 .   ? 15.309  0.699   -7.312  1.00 20.66 ? 126 HOH A O   1 
HETATM 789 O  O   . HOH B 2 .   ? 1.960   11.731  2.919   1.00 27.31 ? 127 HOH A O   1 
HETATM 790 O  O   . HOH B 2 .   ? 3.577   -0.706  -16.277 1.00 20.42 ? 128 HOH A O   1 
HETATM 791 O  O   . HOH B 2 .   ? 8.144   -8.283  16.659  1.00 31.01 ? 129 HOH A O   1 
HETATM 792 O  O   . HOH B 2 .   ? 1.201   -1.348  -17.223 1.00 34.55 ? 130 HOH A O   1 
HETATM 793 O  O   . HOH B 2 .   ? 8.757   -5.815  17.748  1.00 48.71 ? 131 HOH A O   1 
HETATM 794 O  O   . HOH B 2 .   ? 4.798   3.700   7.393   1.00 19.82 ? 132 HOH A O   1 
HETATM 795 O  O   . HOH B 2 .   ? -7.657  0.827   9.108   1.00 25.73 ? 133 HOH A O   1 
HETATM 796 O  O   . HOH B 2 .   ? -7.343  -7.417  14.667  1.00 26.26 ? 134 HOH A O   1 
HETATM 797 O  O   . HOH B 2 .   ? 3.632   -3.862  15.338  1.00 23.28 ? 135 HOH A O   1 
HETATM 798 O  O   . HOH B 2 .   ? -2.692  13.302  -6.527  1.00 24.79 ? 136 HOH A O   1 
HETATM 799 O  O   . HOH B 2 .   ? 2.367   13.694  -10.401 1.00 28.85 ? 137 HOH A O   1 
HETATM 800 O  O   . HOH B 2 .   ? 4.076   12.971  -12.371 1.00 49.13 ? 138 HOH A O   1 
HETATM 801 O  O   . HOH B 2 .   ? 14.586  2.819   -3.064  1.00 33.31 ? 139 HOH A O   1 
HETATM 802 O  O   . HOH B 2 .   ? 9.483   11.363  -2.526  1.00 26.43 ? 140 HOH A O   1 
HETATM 803 O  O   . HOH B 2 .   ? 12.121  7.094   2.346   1.00 32.57 ? 141 HOH A O   1 
HETATM 804 O  O   . HOH B 2 .   ? 4.672   1.002   8.867   1.00 23.58 ? 142 HOH A O   1 
HETATM 805 O  O   . HOH B 2 .   ? -1.965  0.137   -14.251 1.00 26.07 ? 143 HOH A O   1 
HETATM 806 O  O   . HOH B 2 .   ? -0.989  -1.950  -15.799 1.00 30.70 ? 144 HOH A O   1 
HETATM 807 O  O   . HOH B 2 .   ? -11.592 -9.591  4.325   1.00 28.92 ? 145 HOH A O   1 
HETATM 808 O  O   . HOH B 2 .   ? 9.430   4.395   -15.458 1.00 22.89 ? 146 HOH A O   1 
HETATM 809 O  O   . HOH B 2 .   ? -8.183  -5.207  -8.151  1.00 31.55 ? 147 HOH A O   1 
HETATM 810 O  O   . HOH B 2 .   ? 6.889   -6.428  -15.123 1.00 40.90 ? 148 HOH A O   1 
HETATM 811 O  O   . HOH B 2 .   ? 12.080  -7.708  -13.445 1.00 30.09 ? 149 HOH A O   1 
HETATM 812 O  O   . HOH B 2 .   ? 5.163   8.856   -14.767 1.00 32.88 ? 150 HOH A O   1 
HETATM 813 O  O   . HOH B 2 .   ? -1.212  -6.248  19.273  1.00 39.18 ? 151 HOH A O   1 
HETATM 814 O  O   . HOH B 2 .   ? 9.867   -0.592  -16.259 1.00 30.13 ? 152 HOH A O   1 
HETATM 815 O  O   . HOH B 2 .   ? -7.986  6.444   -8.189  1.00 35.51 ? 153 HOH A O   1 
HETATM 816 O  O   . HOH B 2 .   ? 11.264  7.965   -9.162  1.00 60.89 ? 154 HOH A O   1 
HETATM 817 O  O   . HOH B 2 .   ? 20.061  -3.572  -4.229  1.00 40.97 ? 155 HOH A O   1 
HETATM 818 O  O   . HOH B 2 .   ? -5.791  7.772   -12.052 1.00 45.57 ? 156 HOH A O   1 
HETATM 819 O  O   . HOH B 2 .   ? -0.711  -0.029  14.902  1.00 39.76 ? 157 HOH A O   1 
HETATM 820 O  O   . HOH B 2 .   ? -7.452  6.874   10.447  1.00 34.57 ? 158 HOH A O   1 
HETATM 821 O  O   . HOH B 2 .   ? 4.814   5.639   -19.759 1.00 28.90 ? 159 HOH A O   1 
HETATM 822 O  O   . HOH B 2 .   ? -6.235  -9.065  -4.483  1.00 33.72 ? 160 HOH A O   1 
HETATM 823 O  O   . HOH B 2 .   ? -1.834  10.087  5.411   1.00 33.10 ? 161 HOH A O   1 
HETATM 824 O  O   . HOH B 2 .   ? 9.526   -10.903 -11.931 1.00 31.82 ? 162 HOH A O   1 
HETATM 825 O  O   . HOH B 2 .   ? 14.561  -9.807  -11.235 1.00 38.09 ? 163 HOH A O   1 
HETATM 826 O  O   . HOH B 2 .   ? 6.766   3.782   15.118  1.00 50.80 ? 164 HOH A O   1 
HETATM 827 O  O   . HOH B 2 .   ? -10.241 2.117   -8.225  1.00 40.52 ? 165 HOH A O   1 
HETATM 828 O  O   . HOH B 2 .   ? -1.562  -10.356 -3.649  1.00 68.82 ? 166 HOH A O   1 
HETATM 829 O  O   . HOH B 2 .   ? -7.524  -11.136 1.271   1.00 46.05 ? 167 HOH A O   1 
HETATM 830 O  O   . HOH B 2 .   ? 2.282   11.346  -15.043 1.00 36.49 ? 168 HOH A O   1 
HETATM 831 O  O   . HOH B 2 .   ? -8.441  11.460  -1.580  1.00 65.32 ? 169 HOH A O   1 
HETATM 832 O  O   . HOH B 2 .   ? -16.938 -6.942  -7.104  1.00 56.31 ? 170 HOH A O   1 
HETATM 833 O  O   . HOH B 2 .   ? 12.698  5.222   -10.480 1.00 46.76 ? 171 HOH A O   1 
HETATM 834 O  O   . HOH B 2 .   ? 0.066   18.901  0.174   1.00 42.53 ? 172 HOH A O   1 
HETATM 835 O  O   . HOH B 2 .   ? -11.693 -4.157  12.024  1.00 60.31 ? 173 HOH A O   1 
HETATM 836 O  O   . HOH B 2 .   ? -0.542  10.762  -11.584 1.00 37.26 ? 174 HOH A O   1 
HETATM 837 O  O   . HOH B 2 .   ? -0.567  13.079  -12.960 1.00 48.12 ? 175 HOH A O   1 
HETATM 838 O  O   . HOH B 2 .   ? 5.322   -2.866  -18.814 1.00 38.70 ? 176 HOH A O   1 
HETATM 839 O  O   . HOH B 2 .   ? -2.123  -8.422  -13.697 1.00 48.75 ? 177 HOH A O   1 
HETATM 840 O  O   . HOH B 2 .   ? 11.194  8.970   -4.608  1.00 35.35 ? 178 HOH A O   1 
HETATM 841 O  O   . HOH B 2 .   ? -16.804 1.377   -5.049  1.00 41.37 ? 179 HOH A O   1 
HETATM 842 O  O   . HOH B 2 .   ? -15.293 4.309   -4.682  1.00 58.38 ? 180 HOH A O   1 
HETATM 843 O  O   . HOH B 2 .   ? 10.802  2.391   -16.727 1.00 47.36 ? 181 HOH A O   1 
HETATM 844 O  O   . HOH B 2 .   ? -7.419  -0.979  -14.032 1.00 47.36 ? 182 HOH A O   1 
HETATM 845 O  O   . HOH B 2 .   ? -21.596 -4.684  -5.624  1.00 43.02 ? 183 HOH A O   1 
# 
